data_2BE7
#
_entry.id   2BE7
#
_cell.length_a   129.238
_cell.length_b   129.238
_cell.length_c   207.232
_cell.angle_alpha   90.00
_cell.angle_beta   90.00
_cell.angle_gamma   120.00
#
_symmetry.space_group_name_H-M   'P 32 2 1'
#
loop_
_entity.id
_entity.type
_entity.pdbx_description
1 polymer 'Aspartate Carbamoyltransferase Catalytic Chain'
2 polymer 'Aspartate Carbamoyltransferase Regulatory Chain'
3 non-polymer 'SULFATE ION'
4 non-polymer 'ZINC ION'
5 water water
#
loop_
_entity_poly.entity_id
_entity_poly.type
_entity_poly.pdbx_seq_one_letter_code
_entity_poly.pdbx_strand_id
1 'polypeptide(L)'
;MGSSHHHHHHSQDPNSMANPLFRKHIVSINDISRNELELIVKTAAKLKEQPQPELLKNKVIASCFFEASTRTRLSFETAI
QRLGGSVIGFDNAGNTSLAKKGETLADSISVISSYADAFVMRHPQEGAARLASEFSNVPVINGGDGSNQHPTQTLLDLFS
IYETQGRLDNLNIAFVGDLKYGRTVHSLAQALAKFDGCKFHFIAPDALAMPEYICDELDEQNISYATYASIEEVVPEIDV
LYMTRVQKERFDETEYQHMKAGFILSASSLVHAKPNLKVLHPLPRVDEIATDVDKTPYAYYFQQAENGVYAREALLALVL
NETIGE
;
A,B,C
2 'polypeptide(L)'
;MKNNHMQVEAICNGYVIDHIPSGQGVKILKLFSLTDTKQRVTVGFNLPTKDGNAKDLIKVENTEITKSQANQLALLAPNA
TINIIENFKVTDKHSLTLPNEVENVFPCPNSNCITHGEPVTSSFSIKKTKGNIGLKCKYCEKTFSKDIVTEQV
;
D,E,F
#
# COMPACT_ATOMS: atom_id res chain seq x y z
N ALA A 18 -15.07 11.87 -32.04
CA ALA A 18 -14.26 11.75 -30.79
C ALA A 18 -14.12 13.07 -30.01
N ASN A 19 -14.41 13.04 -28.70
CA ASN A 19 -14.24 14.24 -27.85
C ASN A 19 -12.77 14.65 -27.84
N PRO A 20 -12.49 15.95 -27.67
CA PRO A 20 -11.13 16.42 -27.96
C PRO A 20 -10.05 15.92 -26.99
N LEU A 21 -10.46 15.43 -25.80
CA LEU A 21 -9.52 14.90 -24.81
C LEU A 21 -9.33 13.38 -24.96
N PHE A 22 -10.06 12.77 -25.90
CA PHE A 22 -9.97 11.33 -26.11
C PHE A 22 -8.56 10.96 -26.45
N ARG A 23 -7.96 10.07 -25.66
CA ARG A 23 -6.61 9.55 -25.86
C ARG A 23 -5.52 10.56 -25.55
N LYS A 24 -5.91 11.76 -25.14
CA LYS A 24 -4.92 12.79 -24.83
C LYS A 24 -4.29 12.60 -23.45
N HIS A 25 -3.10 13.15 -23.32
CA HIS A 25 -2.38 13.19 -22.06
C HIS A 25 -2.83 14.40 -21.28
N ILE A 26 -2.99 14.25 -19.96
CA ILE A 26 -3.33 15.37 -19.07
C ILE A 26 -2.14 15.70 -18.19
N VAL A 27 -1.43 16.76 -18.54
CA VAL A 27 -0.13 17.09 -17.94
C VAL A 27 -0.11 18.47 -17.29
N SER A 28 -0.67 19.46 -17.97
CA SER A 28 -0.59 20.82 -17.54
C SER A 28 -1.83 21.60 -17.94
N ILE A 29 -2.43 22.28 -16.98
CA ILE A 29 -3.52 23.23 -17.24
C ILE A 29 -3.25 24.13 -18.42
N ASN A 30 -1.99 24.50 -18.57
CA ASN A 30 -1.54 25.32 -19.70
C ASN A 30 -1.81 24.68 -21.09
N ASP A 31 -1.95 23.37 -21.17
CA ASP A 31 -2.32 22.71 -22.43
C ASP A 31 -3.82 22.51 -22.59
N ILE A 32 -4.64 23.02 -21.68
CA ILE A 32 -6.07 22.73 -21.75
C ILE A 32 -6.85 24.00 -22.08
N SER A 33 -7.66 23.91 -23.12
CA SER A 33 -8.41 25.06 -23.60
C SER A 33 -9.67 25.34 -22.78
N ARG A 34 -10.12 26.57 -22.89
CA ARG A 34 -11.39 26.99 -22.30
C ARG A 34 -12.50 26.00 -22.62
N ASN A 35 -12.71 25.73 -23.90
CA ASN A 35 -13.65 24.71 -24.34
C ASN A 35 -13.41 23.38 -23.62
N GLU A 36 -12.16 23.05 -23.40
CA GLU A 36 -11.85 21.75 -22.87
C GLU A 36 -12.09 21.70 -21.38
N LEU A 37 -11.72 22.78 -20.68
CA LEU A 37 -12.08 22.91 -19.26
C LEU A 37 -13.61 22.88 -19.10
N GLU A 38 -14.29 23.61 -19.96
CA GLU A 38 -15.75 23.63 -20.01
C GLU A 38 -16.34 22.20 -20.15
N LEU A 39 -15.78 21.41 -21.07
CA LEU A 39 -16.28 20.07 -21.30
C LEU A 39 -16.11 19.20 -20.08
N ILE A 40 -14.96 19.33 -19.44
CA ILE A 40 -14.65 18.52 -18.28
C ILE A 40 -15.64 18.83 -17.15
N VAL A 41 -15.83 20.10 -16.82
CA VAL A 41 -16.72 20.38 -15.71
C VAL A 41 -18.14 19.89 -16.00
N LYS A 42 -18.60 20.01 -17.25
CA LYS A 42 -19.98 19.61 -17.58
C LYS A 42 -20.15 18.10 -17.49
N THR A 43 -19.05 17.40 -17.76
CA THR A 43 -19.05 15.96 -17.71
C THR A 43 -19.09 15.51 -16.25
N ALA A 44 -18.17 16.06 -15.45
CA ALA A 44 -18.22 15.88 -14.00
C ALA A 44 -19.66 16.07 -13.46
N ALA A 45 -20.30 17.17 -13.86
CA ALA A 45 -21.69 17.42 -13.48
C ALA A 45 -22.63 16.30 -13.94
N LYS A 46 -22.49 15.86 -15.20
CA LYS A 46 -23.26 14.73 -15.72
C LYS A 46 -23.09 13.45 -14.90
N LEU A 47 -21.85 13.09 -14.64
CA LEU A 47 -21.56 11.84 -13.92
C LEU A 47 -22.00 11.91 -12.47
N LYS A 48 -21.82 13.07 -11.83
CA LYS A 48 -22.34 13.29 -10.49
C LYS A 48 -23.84 13.04 -10.42
N GLU A 49 -24.56 13.49 -11.43
CA GLU A 49 -26.01 13.41 -11.40
C GLU A 49 -26.56 12.08 -11.87
N GLN A 50 -25.92 11.53 -12.91
CA GLN A 50 -26.30 10.23 -13.47
C GLN A 50 -25.03 9.39 -13.54
N PRO A 51 -24.76 8.59 -12.50
CA PRO A 51 -23.54 7.76 -12.53
C PRO A 51 -23.54 6.72 -13.65
N GLN A 52 -22.35 6.49 -14.21
CA GLN A 52 -22.13 5.48 -15.23
C GLN A 52 -21.09 4.52 -14.68
N PRO A 53 -21.55 3.52 -13.91
CA PRO A 53 -20.66 2.59 -13.22
C PRO A 53 -19.98 1.50 -14.05
N GLU A 54 -20.16 1.49 -15.37
CA GLU A 54 -19.48 0.49 -16.20
C GLU A 54 -18.74 1.12 -17.37
N LEU A 55 -18.49 2.40 -17.28
CA LEU A 55 -17.81 3.11 -18.34
C LEU A 55 -16.39 2.62 -18.52
N LEU A 56 -15.66 2.49 -17.40
CA LEU A 56 -14.31 1.90 -17.42
C LEU A 56 -14.33 0.41 -17.10
N LYS A 57 -15.43 -0.27 -17.41
CA LYS A 57 -15.52 -1.71 -17.26
C LYS A 57 -14.35 -2.32 -18.00
N ASN A 58 -13.82 -3.40 -17.46
CA ASN A 58 -12.61 -4.10 -17.95
C ASN A 58 -11.33 -3.26 -18.14
N LYS A 59 -11.34 -2.02 -17.68
CA LYS A 59 -10.19 -1.13 -17.82
C LYS A 59 -9.31 -1.22 -16.55
N VAL A 60 -8.01 -1.28 -16.72
CA VAL A 60 -7.11 -1.33 -15.56
C VAL A 60 -6.30 -0.06 -15.59
N ILE A 61 -6.26 0.64 -14.46
CA ILE A 61 -5.61 1.94 -14.42
C ILE A 61 -4.55 1.98 -13.33
N ALA A 62 -3.36 2.39 -13.73
CA ALA A 62 -2.24 2.54 -12.83
C ALA A 62 -2.35 3.82 -12.01
N SER A 63 -2.09 3.71 -10.72
CA SER A 63 -2.12 4.82 -9.80
C SER A 63 -0.82 4.76 -9.01
N CYS A 64 0.19 5.41 -9.53
CA CYS A 64 1.54 5.35 -9.02
C CYS A 64 1.91 6.67 -8.35
N PHE A 65 1.82 6.68 -7.03
CA PHE A 65 2.20 7.84 -6.23
C PHE A 65 3.60 7.63 -5.69
N PHE A 66 4.55 8.30 -6.35
CA PHE A 66 5.95 8.23 -5.95
C PHE A 66 6.06 9.11 -4.74
N GLU A 67 5.34 10.22 -4.78
CA GLU A 67 5.21 11.13 -3.65
C GLU A 67 3.85 10.85 -3.02
N ALA A 68 3.84 10.45 -1.75
CA ALA A 68 2.58 10.20 -1.05
C ALA A 68 1.63 11.40 -1.14
N SER A 69 0.38 11.13 -1.46
CA SER A 69 -0.70 12.11 -1.33
C SER A 69 -2.03 11.35 -1.21
N THR A 70 -2.33 10.98 0.03
CA THR A 70 -3.47 10.12 0.38
C THR A 70 -4.83 10.66 -0.06
N ARG A 71 -5.12 11.89 0.27
CA ARG A 71 -6.35 12.52 -0.20
C ARG A 71 -6.51 12.39 -1.72
N THR A 72 -5.50 12.83 -2.46
CA THR A 72 -5.51 12.81 -3.94
C THR A 72 -5.55 11.42 -4.52
N ARG A 73 -4.76 10.52 -3.95
CA ARG A 73 -4.71 9.15 -4.44
C ARG A 73 -6.06 8.44 -4.29
N LEU A 74 -6.68 8.58 -3.13
CA LEU A 74 -7.98 7.96 -2.89
C LEU A 74 -9.07 8.58 -3.77
N SER A 75 -8.95 9.89 -4.01
CA SER A 75 -9.84 10.61 -4.92
C SER A 75 -9.83 9.93 -6.28
N PHE A 76 -8.63 9.69 -6.80
CA PHE A 76 -8.48 8.96 -8.08
C PHE A 76 -8.99 7.52 -8.09
N GLU A 77 -8.71 6.80 -7.01
CA GLU A 77 -9.01 5.37 -6.95
C GLU A 77 -10.51 5.09 -6.78
N THR A 78 -11.15 5.91 -5.97
CA THR A 78 -12.61 5.98 -5.91
C THR A 78 -13.20 6.22 -7.31
N ALA A 79 -12.71 7.26 -7.99
CA ALA A 79 -13.17 7.61 -9.33
C ALA A 79 -13.09 6.40 -10.28
N ILE A 80 -11.89 5.82 -10.39
CA ILE A 80 -11.67 4.64 -11.21
C ILE A 80 -12.69 3.56 -10.94
N GLN A 81 -12.82 3.17 -9.67
CA GLN A 81 -13.68 2.06 -9.28
C GLN A 81 -15.17 2.39 -9.41
N ARG A 82 -15.55 3.58 -9.00
CA ARG A 82 -16.89 4.13 -9.25
C ARG A 82 -17.32 3.94 -10.73
N LEU A 83 -16.35 4.00 -11.65
CA LEU A 83 -16.62 3.82 -13.09
C LEU A 83 -16.51 2.35 -13.56
N GLY A 84 -16.30 1.43 -12.63
CA GLY A 84 -16.15 -0.01 -12.95
C GLY A 84 -14.75 -0.50 -13.27
N GLY A 85 -13.78 0.40 -13.17
CA GLY A 85 -12.38 0.04 -13.41
C GLY A 85 -11.76 -0.59 -12.18
N SER A 86 -10.54 -1.07 -12.34
CA SER A 86 -9.76 -1.57 -11.24
C SER A 86 -8.38 -0.88 -11.24
N VAL A 87 -7.63 -1.08 -10.16
CA VAL A 87 -6.49 -0.25 -9.84
C VAL A 87 -5.27 -1.08 -9.52
N ILE A 88 -4.13 -0.67 -10.05
CA ILE A 88 -2.84 -1.19 -9.62
C ILE A 88 -1.93 -0.02 -9.24
N GLY A 89 -0.84 -0.29 -8.54
CA GLY A 89 0.18 0.73 -8.30
C GLY A 89 0.70 0.78 -6.88
N PHE A 90 0.90 1.98 -6.36
CA PHE A 90 1.57 2.17 -5.08
C PHE A 90 1.37 3.59 -4.60
N ASP A 91 1.54 3.81 -3.32
CA ASP A 91 1.16 5.08 -2.73
C ASP A 91 2.33 5.92 -2.24
N ASN A 92 3.50 5.32 -2.19
CA ASN A 92 4.74 6.06 -2.00
C ASN A 92 5.92 5.26 -2.52
N ALA A 93 6.99 5.95 -2.87
CA ALA A 93 8.14 5.33 -3.53
C ALA A 93 9.06 4.65 -2.53
N GLY A 94 8.86 4.92 -1.24
CA GLY A 94 9.60 4.23 -0.18
C GLY A 94 9.26 2.75 -0.13
N ASN A 95 8.00 2.44 -0.39
CA ASN A 95 7.53 1.05 -0.52
C ASN A 95 8.12 0.27 -1.72
N THR A 96 8.25 0.96 -2.87
CA THR A 96 8.59 0.33 -4.15
C THR A 96 10.04 -0.13 -4.20
N SER A 97 10.33 -1.07 -5.10
CA SER A 97 11.70 -1.45 -5.47
C SER A 97 12.01 -0.86 -6.84
N LEU A 98 11.67 0.43 -6.96
CA LEU A 98 11.62 1.17 -8.23
C LEU A 98 12.74 2.21 -8.25
N ALA A 99 13.20 2.58 -9.45
CA ALA A 99 14.36 3.48 -9.58
C ALA A 99 15.43 3.14 -8.51
N LYS A 100 15.98 1.93 -8.60
CA LYS A 100 16.83 1.35 -7.55
C LYS A 100 18.19 2.08 -7.40
N LYS A 101 18.80 2.42 -8.54
CA LYS A 101 20.05 3.24 -8.63
C LYS A 101 20.66 2.99 -10.01
N GLY A 102 20.57 4.00 -10.86
CA GLY A 102 20.80 3.84 -12.30
C GLY A 102 19.47 3.71 -13.00
N GLU A 103 18.52 3.06 -12.36
CA GLU A 103 17.24 2.75 -12.97
C GLU A 103 16.46 4.02 -13.29
N THR A 104 16.27 4.33 -14.57
CA THR A 104 15.62 5.59 -14.95
C THR A 104 14.13 5.53 -14.72
N LEU A 105 13.54 6.71 -14.57
CA LEU A 105 12.10 6.83 -14.50
C LEU A 105 11.51 6.39 -15.82
N ALA A 106 12.14 6.79 -16.92
CA ALA A 106 11.66 6.42 -18.25
C ALA A 106 11.36 4.93 -18.31
N ASP A 107 12.36 4.12 -18.01
CA ASP A 107 12.19 2.66 -17.93
C ASP A 107 11.03 2.23 -17.03
N SER A 108 10.90 2.85 -15.86
CA SER A 108 9.84 2.41 -14.95
C SER A 108 8.44 2.67 -15.52
N ILE A 109 8.31 3.79 -16.21
CA ILE A 109 7.05 4.20 -16.82
C ILE A 109 6.75 3.27 -18.00
N SER A 110 7.75 3.10 -18.86
CA SER A 110 7.68 2.18 -19.99
C SER A 110 7.12 0.82 -19.57
N VAL A 111 7.57 0.29 -18.43
CA VAL A 111 7.05 -1.00 -17.94
C VAL A 111 5.67 -0.89 -17.34
N ILE A 112 5.52 -0.12 -16.27
CA ILE A 112 4.26 -0.10 -15.54
C ILE A 112 3.10 0.40 -16.40
N SER A 113 3.31 1.48 -17.13
CA SER A 113 2.25 2.01 -18.00
C SER A 113 1.74 0.98 -18.99
N SER A 114 2.61 0.04 -19.39
CA SER A 114 2.18 -1.04 -20.30
C SER A 114 1.26 -2.06 -19.61
N TYR A 115 1.30 -2.15 -18.29
CA TYR A 115 0.31 -2.98 -17.62
C TYR A 115 -1.07 -2.40 -17.80
N ALA A 116 -1.19 -1.08 -17.81
CA ALA A 116 -2.51 -0.44 -17.66
C ALA A 116 -3.06 0.19 -18.95
N ASP A 117 -4.30 0.66 -18.86
CA ASP A 117 -4.94 1.37 -19.93
C ASP A 117 -4.77 2.86 -19.79
N ALA A 118 -4.33 3.29 -18.61
CA ALA A 118 -3.97 4.68 -18.38
C ALA A 118 -3.08 4.75 -17.15
N PHE A 119 -2.30 5.83 -17.04
CA PHE A 119 -1.26 5.92 -16.02
C PHE A 119 -1.39 7.21 -15.19
N VAL A 120 -1.97 7.08 -14.00
CA VAL A 120 -2.02 8.20 -13.05
C VAL A 120 -0.75 8.16 -12.23
N MET A 121 -0.06 9.29 -12.16
CA MET A 121 1.16 9.34 -11.36
C MET A 121 1.31 10.66 -10.65
N ARG A 122 1.97 10.61 -9.50
CA ARG A 122 2.44 11.79 -8.82
C ARG A 122 3.90 11.56 -8.52
N HIS A 123 4.69 12.62 -8.65
CA HIS A 123 6.17 12.54 -8.59
C HIS A 123 6.71 13.86 -8.03
N PRO A 124 7.77 13.80 -7.20
CA PRO A 124 8.36 15.02 -6.64
C PRO A 124 9.11 15.95 -7.63
N GLN A 125 9.73 15.37 -8.65
CA GLN A 125 10.37 16.15 -9.74
C GLN A 125 9.41 16.72 -10.75
N GLU A 126 9.70 17.94 -11.19
CA GLU A 126 8.89 18.62 -12.17
C GLU A 126 9.23 18.08 -13.55
N GLY A 127 8.25 18.07 -14.45
CA GLY A 127 8.39 17.47 -15.77
C GLY A 127 8.09 15.98 -15.79
N ALA A 128 7.98 15.36 -14.61
CA ALA A 128 7.81 13.90 -14.51
C ALA A 128 6.61 13.33 -15.29
N ALA A 129 5.52 14.07 -15.34
CA ALA A 129 4.36 13.58 -16.09
C ALA A 129 4.54 13.74 -17.61
N ARG A 130 5.29 14.75 -18.04
CA ARG A 130 5.52 15.01 -19.45
C ARG A 130 6.42 13.93 -20.02
N LEU A 131 7.54 13.67 -19.32
CA LEU A 131 8.39 12.53 -19.63
C LEU A 131 7.59 11.25 -19.69
N ALA A 132 6.72 11.03 -18.71
CA ALA A 132 5.90 9.83 -18.70
C ALA A 132 5.05 9.70 -19.98
N SER A 133 4.50 10.83 -20.46
CA SER A 133 3.84 10.89 -21.78
C SER A 133 4.63 10.25 -22.89
N GLU A 134 5.93 10.47 -22.83
CA GLU A 134 6.83 10.14 -23.92
C GLU A 134 7.30 8.70 -23.84
N PHE A 135 6.94 8.00 -22.76
CA PHE A 135 7.24 6.59 -22.61
C PHE A 135 6.02 5.74 -22.24
N SER A 136 4.82 6.29 -22.39
CA SER A 136 3.60 5.53 -22.19
C SER A 136 2.86 5.47 -23.52
N ASN A 137 2.51 4.26 -23.94
CA ASN A 137 1.73 4.08 -25.16
C ASN A 137 0.25 4.23 -24.83
N VAL A 138 -0.03 4.70 -23.61
CA VAL A 138 -1.35 4.71 -23.02
C VAL A 138 -1.42 6.03 -22.23
N PRO A 139 -2.61 6.65 -22.08
CA PRO A 139 -2.57 8.05 -21.63
C PRO A 139 -2.15 8.21 -20.20
N VAL A 140 -1.50 9.33 -19.91
CA VAL A 140 -0.99 9.62 -18.58
C VAL A 140 -1.67 10.87 -18.03
N ILE A 141 -2.01 10.78 -16.74
CA ILE A 141 -2.73 11.82 -16.01
C ILE A 141 -1.88 12.31 -14.84
N ASN A 142 -1.42 13.56 -14.93
CA ASN A 142 -0.55 14.20 -13.92
C ASN A 142 -1.29 14.44 -12.58
N GLY A 143 -0.91 13.67 -11.57
CA GLY A 143 -1.47 13.79 -10.23
C GLY A 143 -0.65 14.73 -9.39
N GLY A 144 0.33 15.38 -10.02
CA GLY A 144 1.15 16.40 -9.39
C GLY A 144 2.61 16.11 -9.69
N ASP A 145 3.32 17.11 -10.21
CA ASP A 145 4.73 16.92 -10.51
C ASP A 145 5.53 18.05 -9.89
N GLY A 146 5.86 17.85 -8.61
CA GLY A 146 6.66 18.81 -7.85
C GLY A 146 5.96 20.15 -7.74
N SER A 147 6.71 21.22 -7.95
CA SER A 147 6.16 22.56 -7.90
C SER A 147 5.56 23.04 -9.22
N ASN A 148 5.44 22.15 -10.21
CA ASN A 148 4.89 22.54 -11.51
C ASN A 148 3.35 22.50 -11.51
N GLN A 149 2.77 21.41 -12.00
CA GLN A 149 1.34 21.33 -12.14
C GLN A 149 0.70 20.37 -11.17
N HIS A 150 -0.60 20.55 -11.04
CA HIS A 150 -1.51 19.63 -10.37
C HIS A 150 -2.86 19.79 -11.10
N PRO A 151 -2.96 19.32 -12.35
CA PRO A 151 -4.15 19.65 -13.17
C PRO A 151 -5.49 19.24 -12.53
N THR A 152 -5.58 17.99 -12.09
CA THR A 152 -6.84 17.47 -11.57
C THR A 152 -7.33 18.23 -10.33
N GLN A 153 -6.39 18.71 -9.51
CA GLN A 153 -6.73 19.62 -8.42
C GLN A 153 -7.44 20.85 -8.94
N THR A 154 -6.88 21.44 -9.99
CA THR A 154 -7.44 22.64 -10.60
C THR A 154 -8.80 22.38 -11.24
N LEU A 155 -8.97 21.19 -11.77
CA LEU A 155 -10.22 20.80 -12.37
C LEU A 155 -11.35 20.57 -11.34
N LEU A 156 -11.04 20.05 -10.17
CA LEU A 156 -12.09 19.87 -9.17
C LEU A 156 -12.44 21.25 -8.55
N ASP A 157 -11.44 22.13 -8.49
CA ASP A 157 -11.65 23.52 -8.14
C ASP A 157 -12.58 24.20 -9.16
N LEU A 158 -12.33 23.99 -10.45
CA LEU A 158 -13.17 24.58 -11.48
C LEU A 158 -14.57 24.01 -11.43
N PHE A 159 -14.67 22.69 -11.35
CA PHE A 159 -15.97 22.04 -11.29
C PHE A 159 -16.80 22.57 -10.10
N SER A 160 -16.16 22.83 -8.97
CA SER A 160 -16.88 23.27 -7.79
C SER A 160 -17.36 24.69 -7.97
N ILE A 161 -16.51 25.56 -8.50
CA ILE A 161 -16.94 26.92 -8.90
C ILE A 161 -18.15 26.79 -9.81
N TYR A 162 -17.97 26.14 -10.95
CA TYR A 162 -19.04 25.95 -11.91
C TYR A 162 -20.32 25.38 -11.28
N GLU A 163 -20.18 24.34 -10.48
CA GLU A 163 -21.33 23.76 -9.76
C GLU A 163 -22.15 24.82 -9.00
N THR A 164 -21.45 25.63 -8.20
CA THR A 164 -22.09 26.54 -7.27
C THR A 164 -22.44 27.89 -7.87
N GLN A 165 -21.57 28.43 -8.72
CA GLN A 165 -21.88 29.69 -9.42
C GLN A 165 -22.63 29.48 -10.75
N GLY A 166 -22.65 28.26 -11.27
CA GLY A 166 -23.35 28.00 -12.54
C GLY A 166 -22.62 28.46 -13.79
N ARG A 167 -21.39 28.90 -13.62
CA ARG A 167 -20.59 29.40 -14.72
C ARG A 167 -19.14 29.59 -14.33
N LEU A 168 -18.33 29.90 -15.32
CA LEU A 168 -16.91 30.21 -15.09
C LEU A 168 -16.51 31.60 -15.57
N ASP A 169 -17.39 32.30 -16.29
CA ASP A 169 -17.16 33.68 -16.66
C ASP A 169 -17.68 34.63 -15.61
N ASN A 170 -17.08 35.81 -15.55
CA ASN A 170 -17.58 36.96 -14.78
C ASN A 170 -17.85 36.63 -13.35
N LEU A 171 -16.85 36.06 -12.69
CA LEU A 171 -16.92 35.80 -11.26
C LEU A 171 -15.89 36.64 -10.56
N ASN A 172 -16.26 37.12 -9.38
CA ASN A 172 -15.30 37.72 -8.48
C ASN A 172 -14.67 36.64 -7.58
N ILE A 173 -13.37 36.45 -7.76
CA ILE A 173 -12.61 35.42 -7.04
C ILE A 173 -11.63 36.08 -6.10
N ALA A 174 -11.62 35.64 -4.85
CA ALA A 174 -10.56 36.05 -3.95
C ALA A 174 -9.65 34.86 -3.74
N PHE A 175 -8.36 35.14 -3.68
CA PHE A 175 -7.35 34.15 -3.33
C PHE A 175 -6.67 34.63 -2.07
N VAL A 176 -6.63 33.79 -1.04
CA VAL A 176 -6.05 34.17 0.25
C VAL A 176 -4.93 33.25 0.66
N GLY A 177 -3.93 33.82 1.31
CA GLY A 177 -2.87 33.03 1.93
C GLY A 177 -1.54 33.15 1.22
N ASP A 178 -0.95 32.01 0.90
CA ASP A 178 0.37 31.98 0.31
C ASP A 178 0.25 31.92 -1.21
N LEU A 179 0.09 33.09 -1.82
CA LEU A 179 -0.10 33.20 -3.27
C LEU A 179 1.22 33.11 -4.04
N LYS A 180 2.35 33.23 -3.34
CA LYS A 180 3.64 33.21 -4.00
C LYS A 180 4.06 31.78 -4.34
N TYR A 181 3.87 30.86 -3.40
CA TYR A 181 4.32 29.45 -3.60
C TYR A 181 3.19 28.41 -3.78
N GLY A 182 1.94 28.87 -3.81
CA GLY A 182 0.83 27.97 -4.06
C GLY A 182 0.63 27.64 -5.53
N ARG A 183 1.03 26.43 -5.93
CA ARG A 183 0.72 25.93 -7.27
C ARG A 183 -0.78 25.91 -7.62
N THR A 184 -1.63 25.50 -6.66
CA THR A 184 -3.06 25.38 -6.94
C THR A 184 -3.70 26.77 -7.23
N VAL A 185 -3.15 27.83 -6.62
CA VAL A 185 -3.56 29.19 -6.93
C VAL A 185 -3.16 29.61 -8.36
N HIS A 186 -1.91 29.34 -8.72
CA HIS A 186 -1.38 29.75 -10.02
C HIS A 186 -2.17 29.15 -11.19
N SER A 187 -2.44 27.85 -11.11
CA SER A 187 -3.18 27.14 -12.15
C SER A 187 -4.67 27.49 -12.15
N LEU A 188 -5.24 27.72 -10.97
CA LEU A 188 -6.64 28.14 -10.89
C LEU A 188 -6.77 29.55 -11.44
N ALA A 189 -5.77 30.38 -11.19
CA ALA A 189 -5.71 31.73 -11.74
C ALA A 189 -5.57 31.67 -13.25
N GLN A 190 -4.70 30.78 -13.72
CA GLN A 190 -4.44 30.64 -15.14
C GLN A 190 -5.69 30.09 -15.84
N ALA A 191 -6.27 29.05 -15.25
CA ALA A 191 -7.46 28.39 -15.79
C ALA A 191 -8.58 29.41 -15.96
N LEU A 192 -8.93 30.07 -14.88
CA LEU A 192 -10.00 31.06 -14.91
C LEU A 192 -9.65 32.21 -15.84
N ALA A 193 -8.38 32.47 -16.04
CA ALA A 193 -7.98 33.50 -16.99
C ALA A 193 -8.40 33.19 -18.42
N LYS A 194 -8.58 31.91 -18.73
CA LYS A 194 -9.00 31.49 -20.06
C LYS A 194 -10.46 31.84 -20.35
N PHE A 195 -11.20 32.23 -19.31
CA PHE A 195 -12.59 32.63 -19.42
C PHE A 195 -12.68 34.15 -19.48
N ASP A 196 -13.91 34.70 -19.48
CA ASP A 196 -14.10 36.14 -19.60
C ASP A 196 -14.62 36.83 -18.35
N GLY A 197 -13.99 37.94 -18.00
CA GLY A 197 -14.60 38.93 -17.12
C GLY A 197 -14.45 38.70 -15.64
N CYS A 198 -13.74 37.64 -15.28
CA CYS A 198 -13.46 37.39 -13.88
C CYS A 198 -12.54 38.46 -13.38
N LYS A 199 -12.80 38.94 -12.16
CA LYS A 199 -11.92 39.89 -11.51
C LYS A 199 -11.41 39.26 -10.21
N PHE A 200 -10.09 39.06 -10.13
CA PHE A 200 -9.43 38.43 -8.99
C PHE A 200 -9.06 39.42 -7.89
N HIS A 201 -8.99 38.92 -6.67
CA HIS A 201 -8.65 39.73 -5.50
C HIS A 201 -7.61 38.98 -4.67
N PHE A 202 -6.49 39.62 -4.43
CA PHE A 202 -5.36 38.95 -3.79
C PHE A 202 -5.18 39.45 -2.37
N ILE A 203 -5.08 38.50 -1.44
CA ILE A 203 -4.86 38.81 -0.02
C ILE A 203 -3.73 37.94 0.50
N ALA A 204 -2.56 38.55 0.67
CA ALA A 204 -1.37 37.87 1.17
C ALA A 204 -0.49 38.93 1.82
N PRO A 205 0.51 38.50 2.62
CA PRO A 205 1.53 39.48 3.01
C PRO A 205 2.39 39.84 1.79
N ASP A 206 3.14 40.94 1.84
CA ASP A 206 4.05 41.30 0.72
C ASP A 206 4.96 40.10 0.43
N ALA A 207 5.51 39.56 1.51
CA ALA A 207 6.34 38.36 1.47
C ALA A 207 5.80 37.29 0.53
N LEU A 208 4.48 37.15 0.47
CA LEU A 208 3.84 36.09 -0.31
C LEU A 208 2.89 36.55 -1.42
N ALA A 209 3.14 37.71 -2.01
CA ALA A 209 2.32 38.22 -3.11
C ALA A 209 2.30 37.27 -4.32
N MET A 210 1.29 37.43 -5.17
CA MET A 210 1.20 36.63 -6.40
C MET A 210 2.44 36.93 -7.26
N PRO A 211 3.05 35.89 -7.87
CA PRO A 211 4.27 36.11 -8.62
C PRO A 211 4.10 37.06 -9.80
N GLU A 212 5.03 38.01 -9.90
CA GLU A 212 5.19 38.89 -11.07
C GLU A 212 4.80 38.19 -12.37
N TYR A 213 5.31 36.96 -12.57
CA TYR A 213 5.14 36.24 -13.82
C TYR A 213 3.68 35.85 -14.08
N ILE A 214 2.91 35.55 -13.02
CA ILE A 214 1.48 35.25 -13.17
C ILE A 214 0.74 36.51 -13.61
N CYS A 215 1.07 37.64 -13.01
CA CYS A 215 0.36 38.89 -13.31
C CYS A 215 0.53 39.33 -14.74
N ASP A 216 1.72 39.13 -15.29
CA ASP A 216 1.97 39.46 -16.68
C ASP A 216 1.03 38.66 -17.56
N GLU A 217 0.88 37.38 -17.23
CA GLU A 217 -0.02 36.51 -17.97
C GLU A 217 -1.51 36.93 -17.85
N LEU A 218 -1.90 37.47 -16.70
CA LEU A 218 -3.28 37.95 -16.53
C LEU A 218 -3.50 39.24 -17.29
N ASP A 219 -2.45 40.05 -17.41
CA ASP A 219 -2.53 41.32 -18.15
C ASP A 219 -2.77 41.04 -19.63
N GLU A 220 -1.91 40.23 -20.23
CA GLU A 220 -2.12 39.70 -21.58
C GLU A 220 -3.55 39.27 -21.79
N GLN A 221 -4.07 38.55 -20.80
CA GLN A 221 -5.40 37.97 -20.88
C GLN A 221 -6.55 38.94 -20.50
N ASN A 222 -6.22 40.23 -20.35
CA ASN A 222 -7.20 41.28 -20.04
C ASN A 222 -8.09 40.98 -18.80
N ILE A 223 -7.45 40.78 -17.66
CA ILE A 223 -8.13 40.35 -16.42
C ILE A 223 -7.72 41.19 -15.23
N SER A 224 -8.69 41.85 -14.62
CA SER A 224 -8.40 42.72 -13.47
C SER A 224 -7.96 41.90 -12.29
N TYR A 225 -6.88 42.33 -11.64
CA TYR A 225 -6.51 41.84 -10.33
C TYR A 225 -6.19 43.02 -9.43
N ALA A 226 -6.26 42.80 -8.13
CA ALA A 226 -5.86 43.82 -7.17
C ALA A 226 -5.53 43.21 -5.83
N THR A 227 -4.64 43.86 -5.11
CA THR A 227 -4.21 43.38 -3.83
C THR A 227 -5.09 44.07 -2.81
N TYR A 228 -5.54 43.33 -1.81
CA TYR A 228 -6.28 43.92 -0.69
C TYR A 228 -5.64 43.56 0.64
N ALA A 229 -5.79 44.46 1.61
CA ALA A 229 -5.17 44.30 2.92
C ALA A 229 -5.78 43.12 3.69
N SER A 230 -7.05 42.82 3.46
CA SER A 230 -7.78 41.88 4.32
C SER A 230 -8.87 41.13 3.61
N ILE A 231 -9.33 40.05 4.23
CA ILE A 231 -10.38 39.21 3.68
C ILE A 231 -11.70 39.95 3.74
N GLU A 232 -12.02 40.47 4.91
CA GLU A 232 -13.36 41.00 5.18
C GLU A 232 -13.62 42.26 4.36
N GLU A 233 -12.53 42.93 4.02
CA GLU A 233 -12.53 44.00 3.05
C GLU A 233 -13.24 43.65 1.74
N VAL A 234 -13.10 42.42 1.27
CA VAL A 234 -13.66 42.02 -0.04
C VAL A 234 -14.88 41.08 0.02
N VAL A 235 -15.13 40.50 1.19
CA VAL A 235 -16.18 39.48 1.30
C VAL A 235 -17.49 39.90 0.61
N PRO A 236 -18.03 41.10 0.94
CA PRO A 236 -19.19 41.64 0.23
C PRO A 236 -19.23 41.46 -1.28
N GLU A 237 -18.08 41.54 -1.95
CA GLU A 237 -18.05 41.64 -3.40
C GLU A 237 -17.50 40.38 -4.07
N ILE A 238 -17.53 39.27 -3.35
CA ILE A 238 -16.81 38.06 -3.73
C ILE A 238 -17.80 36.92 -3.96
N ASP A 239 -17.48 36.08 -4.93
CA ASP A 239 -18.30 34.93 -5.27
C ASP A 239 -17.64 33.65 -4.82
N VAL A 240 -16.31 33.64 -4.83
CA VAL A 240 -15.53 32.48 -4.43
C VAL A 240 -14.37 32.95 -3.62
N LEU A 241 -14.26 32.41 -2.41
CA LEU A 241 -13.12 32.67 -1.54
C LEU A 241 -12.22 31.42 -1.50
N TYR A 242 -11.12 31.47 -2.23
CA TYR A 242 -10.20 30.36 -2.32
C TYR A 242 -9.11 30.57 -1.29
N MET A 243 -9.09 29.74 -0.26
CA MET A 243 -8.03 29.79 0.76
C MET A 243 -6.90 28.80 0.46
N THR A 244 -5.69 29.17 0.86
CA THR A 244 -4.53 28.30 0.80
C THR A 244 -3.94 28.08 2.17
N ARG A 245 -3.02 27.12 2.19
CA ARG A 245 -2.25 26.74 3.36
C ARG A 245 -1.14 27.77 3.52
N VAL A 246 -1.07 28.41 4.69
CA VAL A 246 -0.06 29.45 4.94
C VAL A 246 1.03 28.91 5.87
N GLN A 247 1.81 27.94 5.39
CA GLN A 247 2.84 27.26 6.21
C GLN A 247 3.83 28.20 6.94
N LYS A 248 4.08 27.90 8.22
CA LYS A 248 4.99 28.68 9.08
C LYS A 248 6.47 28.56 8.69
N GLU A 249 6.76 27.55 7.87
CA GLU A 249 8.06 27.36 7.26
C GLU A 249 8.49 28.62 6.48
N ARG A 250 7.52 29.45 6.09
CA ARG A 250 7.78 30.73 5.42
C ARG A 250 8.71 31.67 6.21
N PHE A 251 8.20 32.34 7.25
CA PHE A 251 8.94 33.42 7.93
C PHE A 251 9.40 33.08 9.36
N ASP A 252 9.96 34.08 10.05
CA ASP A 252 10.27 33.95 11.47
C ASP A 252 8.96 33.81 12.24
N GLU A 253 9.07 33.17 13.40
CA GLU A 253 7.95 33.02 14.32
C GLU A 253 7.29 34.38 14.57
N THR A 254 8.10 35.42 14.77
CA THR A 254 7.59 36.78 15.03
C THR A 254 6.72 37.34 13.91
N GLU A 255 7.13 37.13 12.67
CA GLU A 255 6.33 37.54 11.51
C GLU A 255 5.05 36.72 11.43
N TYR A 256 5.22 35.40 11.35
CA TYR A 256 4.08 34.49 11.28
C TYR A 256 3.00 34.83 12.30
N GLN A 257 3.36 34.87 13.57
CA GLN A 257 2.41 35.27 14.61
C GLN A 257 1.76 36.59 14.23
N HIS A 258 2.58 37.59 13.95
CA HIS A 258 2.09 38.94 13.56
C HIS A 258 1.23 38.95 12.28
N MET A 259 1.62 38.18 11.26
CA MET A 259 0.94 38.20 9.95
C MET A 259 -0.23 37.20 9.86
N LYS A 260 -0.39 36.37 10.86
CA LYS A 260 -1.35 35.26 10.84
C LYS A 260 -2.80 35.73 10.89
N ALA A 261 -3.12 36.70 11.75
CA ALA A 261 -4.50 37.24 11.89
C ALA A 261 -5.15 37.58 10.55
N GLY A 262 -4.39 38.27 9.71
CA GLY A 262 -4.90 38.78 8.45
C GLY A 262 -5.00 37.78 7.32
N PHE A 263 -4.94 36.48 7.66
CA PHE A 263 -5.10 35.40 6.68
C PHE A 263 -5.79 34.16 7.25
N ILE A 264 -6.39 34.32 8.43
CA ILE A 264 -7.30 33.34 9.00
C ILE A 264 -8.74 33.78 8.72
N LEU A 265 -9.53 32.86 8.19
CA LEU A 265 -10.95 33.05 8.00
C LEU A 265 -11.77 32.46 9.16
N SER A 266 -12.60 33.27 9.80
CA SER A 266 -13.54 32.77 10.80
C SER A 266 -14.94 33.04 10.35
N ALA A 267 -15.90 32.43 11.03
CA ALA A 267 -17.31 32.74 10.80
C ALA A 267 -17.53 34.24 10.80
N SER A 268 -16.87 34.94 11.72
CA SER A 268 -17.07 36.36 11.86
C SER A 268 -16.61 37.07 10.61
N SER A 269 -15.62 36.51 9.91
CA SER A 269 -15.15 37.08 8.64
C SER A 269 -16.25 37.18 7.60
N LEU A 270 -17.24 36.32 7.69
CA LEU A 270 -18.27 36.18 6.65
C LEU A 270 -19.60 36.87 6.99
N VAL A 271 -19.56 37.79 7.94
CA VAL A 271 -20.77 38.44 8.42
C VAL A 271 -21.50 39.22 7.30
N HIS A 272 -20.74 39.70 6.31
CA HIS A 272 -21.32 40.43 5.18
C HIS A 272 -21.27 39.65 3.87
N ALA A 273 -21.19 38.32 3.96
CA ALA A 273 -21.14 37.49 2.76
C ALA A 273 -22.46 37.57 2.01
N LYS A 274 -22.41 37.39 0.70
CA LYS A 274 -23.61 37.27 -0.10
C LYS A 274 -23.90 35.78 -0.23
N PRO A 275 -25.19 35.43 -0.39
CA PRO A 275 -25.57 34.01 -0.27
C PRO A 275 -25.05 33.07 -1.34
N ASN A 276 -24.41 33.57 -2.39
CA ASN A 276 -23.74 32.69 -3.33
C ASN A 276 -22.26 32.42 -2.98
N LEU A 277 -21.73 33.09 -1.96
CA LEU A 277 -20.33 32.89 -1.59
C LEU A 277 -20.08 31.44 -1.25
N LYS A 278 -19.12 30.84 -1.93
CA LYS A 278 -18.59 29.55 -1.50
C LYS A 278 -17.13 29.75 -1.12
N VAL A 279 -16.81 29.27 0.08
CA VAL A 279 -15.43 29.15 0.56
C VAL A 279 -14.82 27.80 0.14
N LEU A 280 -13.71 27.90 -0.57
CA LEU A 280 -12.98 26.74 -1.07
C LEU A 280 -11.63 26.69 -0.43
N HIS A 281 -11.07 25.50 -0.36
CA HIS A 281 -9.72 25.28 0.17
C HIS A 281 -9.28 23.89 -0.31
N PRO A 282 -8.05 23.74 -0.81
CA PRO A 282 -7.65 22.44 -1.36
C PRO A 282 -7.37 21.33 -0.33
N LEU A 283 -7.30 21.70 0.95
CA LEU A 283 -6.99 20.80 2.07
C LEU A 283 -5.57 20.23 1.97
N PRO A 284 -5.00 19.77 3.09
CA PRO A 284 -5.52 19.85 4.46
C PRO A 284 -5.61 21.29 4.95
N ARG A 285 -6.50 21.46 5.90
CA ARG A 285 -6.72 22.75 6.53
C ARG A 285 -6.17 22.58 7.95
N VAL A 286 -5.42 23.56 8.43
CA VAL A 286 -4.99 23.56 9.81
C VAL A 286 -5.75 24.68 10.50
N ASP A 287 -5.20 25.86 10.68
CA ASP A 287 -5.99 26.88 11.40
C ASP A 287 -6.31 28.11 10.55
N GLU A 288 -5.94 28.09 9.26
CA GLU A 288 -6.30 29.17 8.34
C GLU A 288 -7.81 29.32 8.13
N ILE A 289 -8.56 28.27 8.40
CA ILE A 289 -10.02 28.33 8.41
C ILE A 289 -10.50 27.80 9.74
N ALA A 290 -10.99 28.68 10.59
CA ALA A 290 -11.55 28.30 11.87
C ALA A 290 -12.75 27.35 11.74
N THR A 291 -12.71 26.26 12.50
CA THR A 291 -13.82 25.33 12.67
C THR A 291 -15.22 25.95 12.59
N ASP A 292 -15.40 27.15 13.12
CA ASP A 292 -16.73 27.78 13.09
C ASP A 292 -17.24 28.11 11.68
N VAL A 293 -16.37 28.06 10.68
CA VAL A 293 -16.76 28.29 9.28
C VAL A 293 -17.53 27.09 8.75
N ASP A 294 -17.22 25.91 9.27
CA ASP A 294 -17.77 24.66 8.75
C ASP A 294 -19.27 24.65 8.60
N LYS A 295 -19.94 25.18 9.61
CA LYS A 295 -21.38 25.13 9.74
C LYS A 295 -22.08 26.29 9.05
N THR A 296 -21.34 27.31 8.61
CA THR A 296 -21.93 28.39 7.84
C THR A 296 -22.32 27.84 6.48
N PRO A 297 -23.22 28.54 5.75
CA PRO A 297 -23.59 28.08 4.42
C PRO A 297 -22.49 28.22 3.37
N TYR A 298 -21.48 29.04 3.65
CA TYR A 298 -20.44 29.37 2.66
C TYR A 298 -19.38 28.28 2.54
N ALA A 299 -19.22 27.49 3.59
CA ALA A 299 -18.21 26.44 3.60
C ALA A 299 -18.46 25.46 2.50
N TYR A 300 -17.50 25.30 1.59
CA TYR A 300 -17.63 24.31 0.49
C TYR A 300 -16.38 23.39 0.34
N TYR A 301 -15.39 23.55 1.23
CA TYR A 301 -14.13 22.80 1.11
C TYR A 301 -14.31 21.27 1.09
N PHE A 302 -15.20 20.74 1.94
CA PHE A 302 -15.46 19.28 1.99
C PHE A 302 -16.24 18.71 0.77
N GLN A 303 -17.21 19.46 0.26
CA GLN A 303 -17.93 19.10 -0.96
C GLN A 303 -16.99 19.20 -2.14
N GLN A 304 -16.08 20.17 -2.06
CA GLN A 304 -15.05 20.39 -3.06
C GLN A 304 -14.17 19.15 -3.11
N ALA A 305 -13.81 18.66 -1.91
CA ALA A 305 -12.98 17.47 -1.82
C ALA A 305 -13.70 16.30 -2.43
N GLU A 306 -14.95 16.08 -2.02
CA GLU A 306 -15.78 15.04 -2.64
C GLU A 306 -15.91 15.23 -4.16
N ASN A 307 -15.98 16.49 -4.59
CA ASN A 307 -16.06 16.79 -6.02
C ASN A 307 -14.83 16.32 -6.83
N GLY A 308 -13.74 16.00 -6.14
CA GLY A 308 -12.54 15.51 -6.82
C GLY A 308 -12.79 14.18 -7.52
N VAL A 309 -13.67 13.39 -6.94
CA VAL A 309 -14.09 12.12 -7.51
C VAL A 309 -14.75 12.36 -8.89
N TYR A 310 -15.73 13.27 -8.96
CA TYR A 310 -16.50 13.48 -10.20
C TYR A 310 -15.64 14.18 -11.25
N ALA A 311 -14.77 15.07 -10.81
CA ALA A 311 -13.83 15.72 -11.70
C ALA A 311 -12.89 14.69 -12.32
N ARG A 312 -12.32 13.82 -11.49
CA ARG A 312 -11.40 12.78 -11.96
C ARG A 312 -12.13 11.67 -12.75
N GLU A 313 -13.37 11.38 -12.35
CA GLU A 313 -14.24 10.54 -13.16
C GLU A 313 -14.30 11.07 -14.58
N ALA A 314 -14.71 12.34 -14.69
CA ALA A 314 -14.95 12.99 -15.97
C ALA A 314 -13.73 12.94 -16.87
N LEU A 315 -12.61 13.22 -16.29
CA LEU A 315 -11.37 13.27 -17.02
C LEU A 315 -10.98 11.87 -17.51
N LEU A 316 -11.06 10.90 -16.60
CA LEU A 316 -10.82 9.49 -16.93
C LEU A 316 -11.73 8.96 -18.03
N ALA A 317 -13.00 9.31 -17.96
CA ALA A 317 -13.96 8.88 -18.97
C ALA A 317 -13.69 9.53 -20.34
N LEU A 318 -13.45 10.84 -20.33
CA LEU A 318 -13.16 11.58 -21.57
C LEU A 318 -11.85 11.14 -22.19
N VAL A 319 -10.87 10.79 -21.38
CA VAL A 319 -9.62 10.29 -21.93
C VAL A 319 -9.78 8.90 -22.57
N LEU A 320 -10.61 8.03 -22.00
CA LEU A 320 -10.68 6.64 -22.45
C LEU A 320 -11.86 6.31 -23.32
N ASN A 321 -12.85 7.18 -23.37
CA ASN A 321 -14.00 7.02 -24.25
C ASN A 321 -14.12 8.18 -25.23
N GLU A 322 -14.37 7.87 -26.50
CA GLU A 322 -14.53 8.87 -27.55
C GLU A 322 -15.75 9.74 -27.25
N THR A 323 -16.80 9.05 -26.83
CA THR A 323 -18.10 9.65 -26.62
C THR A 323 -18.73 9.05 -25.37
N ILE A 324 -19.15 9.92 -24.45
CA ILE A 324 -19.84 9.52 -23.21
C ILE A 324 -21.35 9.33 -23.42
N GLY A 325 -21.90 8.25 -22.87
CA GLY A 325 -23.29 7.84 -23.13
C GLY A 325 -24.40 8.42 -22.25
N GLU A 326 -24.35 9.73 -21.97
CA GLU A 326 -25.47 10.44 -21.30
C GLU A 326 -26.62 10.73 -22.27
N ALA B 18 -36.76 -2.95 7.36
CA ALA B 18 -35.30 -2.86 7.68
C ALA B 18 -34.91 -3.78 8.84
N ASN B 19 -33.73 -4.41 8.72
CA ASN B 19 -33.10 -5.10 9.84
C ASN B 19 -32.65 -4.05 10.87
N PRO B 20 -32.43 -4.46 12.14
CA PRO B 20 -32.08 -3.45 13.16
C PRO B 20 -30.76 -2.71 12.94
N LEU B 21 -29.83 -3.31 12.19
CA LEU B 21 -28.51 -2.71 11.96
C LEU B 21 -28.40 -1.84 10.70
N PHE B 22 -29.44 -1.78 9.88
CA PHE B 22 -29.37 -1.09 8.59
C PHE B 22 -29.03 0.37 8.84
N ARG B 23 -27.95 0.83 8.20
CA ARG B 23 -27.39 2.19 8.32
C ARG B 23 -26.78 2.55 9.68
N LYS B 24 -26.64 1.59 10.60
CA LYS B 24 -26.04 1.87 11.91
C LYS B 24 -24.51 1.87 11.87
N HIS B 25 -23.94 2.71 12.74
CA HIS B 25 -22.50 2.71 13.01
C HIS B 25 -22.20 1.54 13.92
N ILE B 26 -21.06 0.88 13.69
CA ILE B 26 -20.62 -0.23 14.53
C ILE B 26 -19.35 0.18 15.28
N VAL B 27 -19.58 0.72 16.47
CA VAL B 27 -18.50 1.29 17.25
C VAL B 27 -18.10 0.39 18.44
N SER B 28 -19.08 -0.04 19.22
CA SER B 28 -18.81 -0.80 20.42
C SER B 28 -19.71 -1.99 20.56
N ILE B 29 -19.17 -3.04 21.18
CA ILE B 29 -19.92 -4.24 21.50
C ILE B 29 -20.93 -3.92 22.62
N ASN B 30 -20.69 -2.82 23.29
CA ASN B 30 -21.61 -2.36 24.28
C ASN B 30 -22.97 -1.98 23.68
N ASP B 31 -22.99 -1.36 22.49
CA ASP B 31 -24.26 -0.94 21.89
C ASP B 31 -24.82 -1.95 20.88
N ILE B 32 -24.37 -3.20 20.96
CA ILE B 32 -24.98 -4.26 20.14
C ILE B 32 -25.67 -5.27 21.05
N SER B 33 -26.99 -5.34 20.95
CA SER B 33 -27.80 -6.21 21.78
C SER B 33 -27.66 -7.69 21.42
N ARG B 34 -28.08 -8.54 22.36
CA ARG B 34 -28.17 -9.96 22.14
C ARG B 34 -28.80 -10.30 20.80
N ASN B 35 -29.92 -9.65 20.49
CA ASN B 35 -30.69 -9.94 19.28
C ASN B 35 -29.90 -9.59 18.03
N GLU B 36 -29.18 -8.49 18.11
CA GLU B 36 -28.34 -8.04 17.00
C GLU B 36 -27.15 -8.95 16.78
N LEU B 37 -26.52 -9.37 17.88
CA LEU B 37 -25.42 -10.35 17.82
C LEU B 37 -25.86 -11.65 17.14
N GLU B 38 -27.03 -12.12 17.55
CA GLU B 38 -27.59 -13.37 17.04
C GLU B 38 -27.85 -13.31 15.55
N LEU B 39 -28.40 -12.17 15.11
CA LEU B 39 -28.70 -11.94 13.71
C LEU B 39 -27.40 -11.84 12.91
N ILE B 40 -26.37 -11.24 13.50
CA ILE B 40 -25.09 -11.13 12.80
C ILE B 40 -24.51 -12.53 12.57
N VAL B 41 -24.39 -13.31 13.64
CA VAL B 41 -23.91 -14.70 13.49
C VAL B 41 -24.80 -15.55 12.56
N LYS B 42 -26.11 -15.36 12.65
CA LYS B 42 -27.00 -16.19 11.83
C LYS B 42 -26.78 -15.82 10.35
N THR B 43 -26.53 -14.53 10.12
CA THR B 43 -26.26 -14.02 8.78
C THR B 43 -24.90 -14.48 8.24
N ALA B 44 -23.88 -14.48 9.09
CA ALA B 44 -22.58 -15.04 8.73
C ALA B 44 -22.77 -16.44 8.24
N ALA B 45 -23.49 -17.24 9.02
CA ALA B 45 -23.69 -18.66 8.72
C ALA B 45 -24.39 -18.82 7.38
N LYS B 46 -25.33 -17.93 7.11
CA LYS B 46 -26.12 -17.96 5.89
C LYS B 46 -25.25 -17.61 4.71
N LEU B 47 -24.44 -16.57 4.89
CA LEU B 47 -23.57 -16.12 3.81
C LEU B 47 -22.46 -17.12 3.46
N LYS B 48 -21.85 -17.70 4.49
CA LYS B 48 -20.89 -18.81 4.33
C LYS B 48 -21.47 -20.04 3.62
N GLU B 49 -22.76 -20.31 3.80
CA GLU B 49 -23.38 -21.48 3.15
C GLU B 49 -23.68 -21.16 1.70
N GLN B 50 -24.18 -19.95 1.48
CA GLN B 50 -24.67 -19.51 0.16
C GLN B 50 -24.19 -18.09 -0.06
N PRO B 51 -22.95 -17.91 -0.57
CA PRO B 51 -22.45 -16.55 -0.79
C PRO B 51 -23.37 -15.73 -1.66
N GLN B 52 -23.34 -14.43 -1.44
CA GLN B 52 -24.11 -13.45 -2.21
C GLN B 52 -23.12 -12.44 -2.83
N PRO B 53 -22.46 -12.84 -3.91
CA PRO B 53 -21.38 -12.05 -4.52
C PRO B 53 -21.73 -10.72 -5.19
N GLU B 54 -22.98 -10.27 -5.09
CA GLU B 54 -23.35 -8.95 -5.64
C GLU B 54 -24.11 -8.07 -4.66
N LEU B 55 -24.09 -8.44 -3.39
CA LEU B 55 -24.79 -7.69 -2.37
C LEU B 55 -24.29 -6.25 -2.32
N LEU B 56 -22.97 -6.08 -2.36
CA LEU B 56 -22.35 -4.77 -2.34
C LEU B 56 -21.89 -4.32 -3.73
N LYS B 57 -22.45 -4.90 -4.77
CA LYS B 57 -22.21 -4.42 -6.14
C LYS B 57 -22.36 -2.89 -6.22
N ASN B 58 -21.45 -2.27 -6.95
CA ASN B 58 -21.35 -0.81 -7.12
C ASN B 58 -21.28 -0.01 -5.83
N LYS B 59 -20.80 -0.66 -4.78
CA LYS B 59 -20.53 -0.02 -3.51
C LYS B 59 -19.01 0.06 -3.32
N VAL B 60 -18.54 1.24 -2.94
CA VAL B 60 -17.11 1.49 -2.64
C VAL B 60 -16.90 1.62 -1.13
N ILE B 61 -16.01 0.79 -0.59
CA ILE B 61 -15.80 0.71 0.85
C ILE B 61 -14.38 1.20 1.26
N ALA B 62 -14.35 2.28 2.03
CA ALA B 62 -13.11 2.72 2.65
C ALA B 62 -12.62 1.72 3.70
N SER B 63 -11.33 1.40 3.62
CA SER B 63 -10.65 0.52 4.59
C SER B 63 -9.37 1.22 5.02
N CYS B 64 -9.48 2.06 6.04
CA CYS B 64 -8.41 2.94 6.51
C CYS B 64 -7.79 2.45 7.82
N PHE B 65 -6.64 1.79 7.71
CA PHE B 65 -5.94 1.27 8.87
C PHE B 65 -4.81 2.18 9.21
N PHE B 66 -5.09 3.09 10.13
CA PHE B 66 -4.09 4.05 10.61
C PHE B 66 -3.06 3.31 11.40
N GLU B 67 -3.46 2.16 11.92
CA GLU B 67 -2.59 1.27 12.65
C GLU B 67 -2.66 -0.08 11.94
N ALA B 68 -1.49 -0.64 11.61
CA ALA B 68 -1.45 -1.87 10.82
C ALA B 68 -2.20 -3.00 11.52
N SER B 69 -2.97 -3.77 10.75
CA SER B 69 -3.56 -5.00 11.28
C SER B 69 -3.85 -5.97 10.13
N THR B 70 -2.80 -6.63 9.68
CA THR B 70 -2.84 -7.43 8.45
C THR B 70 -3.97 -8.45 8.44
N ARG B 71 -3.94 -9.36 9.39
CA ARG B 71 -5.01 -10.33 9.54
C ARG B 71 -6.39 -9.70 9.53
N THR B 72 -6.58 -8.57 10.21
CA THR B 72 -7.88 -7.87 10.22
C THR B 72 -8.17 -7.21 8.87
N ARG B 73 -7.21 -6.46 8.38
CA ARG B 73 -7.38 -5.72 7.13
C ARG B 73 -7.76 -6.64 5.96
N LEU B 74 -7.02 -7.73 5.81
CA LEU B 74 -7.23 -8.66 4.72
C LEU B 74 -8.55 -9.39 4.88
N SER B 75 -8.91 -9.60 6.14
CA SER B 75 -10.16 -10.22 6.50
C SER B 75 -11.32 -9.37 6.01
N PHE B 76 -11.27 -8.08 6.32
CA PHE B 76 -12.27 -7.11 5.85
C PHE B 76 -12.29 -6.93 4.31
N GLU B 77 -11.11 -6.73 3.76
CA GLU B 77 -10.98 -6.50 2.32
C GLU B 77 -11.49 -7.69 1.50
N THR B 78 -11.22 -8.90 1.98
CA THR B 78 -11.80 -10.09 1.38
C THR B 78 -13.32 -10.07 1.45
N ALA B 79 -13.87 -9.68 2.59
CA ALA B 79 -15.32 -9.69 2.80
C ALA B 79 -16.02 -8.74 1.84
N ILE B 80 -15.48 -7.52 1.76
CA ILE B 80 -16.00 -6.49 0.86
C ILE B 80 -16.06 -7.01 -0.56
N GLN B 81 -14.93 -7.51 -1.02
CA GLN B 81 -14.80 -7.95 -2.39
C GLN B 81 -15.60 -9.23 -2.60
N ARG B 82 -15.65 -10.08 -1.59
CA ARG B 82 -16.51 -11.27 -1.61
C ARG B 82 -17.96 -10.93 -1.97
N LEU B 83 -18.45 -9.79 -1.46
CA LEU B 83 -19.82 -9.30 -1.72
C LEU B 83 -19.97 -8.41 -2.93
N GLY B 84 -18.93 -8.30 -3.75
CA GLY B 84 -19.01 -7.54 -4.99
C GLY B 84 -18.62 -6.08 -4.86
N GLY B 85 -18.17 -5.66 -3.69
CA GLY B 85 -17.78 -4.26 -3.45
C GLY B 85 -16.34 -3.96 -3.86
N SER B 86 -15.98 -2.68 -3.88
CA SER B 86 -14.59 -2.24 -4.08
C SER B 86 -14.05 -1.62 -2.79
N VAL B 87 -12.73 -1.44 -2.80
CA VAL B 87 -11.96 -1.04 -1.66
C VAL B 87 -11.04 0.12 -2.03
N ILE B 88 -11.02 1.14 -1.18
CA ILE B 88 -10.04 2.20 -1.24
C ILE B 88 -9.45 2.28 0.16
N GLY B 89 -8.28 2.88 0.29
CA GLY B 89 -7.73 3.20 1.62
C GLY B 89 -6.23 3.04 1.82
N PHE B 90 -5.83 2.51 2.97
CA PHE B 90 -4.42 2.32 3.32
C PHE B 90 -4.26 1.32 4.45
N ASP B 91 -3.03 0.87 4.68
CA ASP B 91 -2.78 -0.22 5.65
C ASP B 91 -1.90 0.12 6.85
N ASN B 92 -1.17 1.22 6.76
CA ASN B 92 -0.53 1.79 7.94
C ASN B 92 -0.47 3.28 7.73
N ALA B 93 -0.54 4.05 8.82
CA ALA B 93 -0.43 5.51 8.72
C ALA B 93 1.02 5.92 8.42
N GLY B 94 1.94 4.95 8.38
CA GLY B 94 3.31 5.17 7.94
C GLY B 94 3.36 5.84 6.58
N ASN B 95 2.69 5.25 5.59
CA ASN B 95 2.72 5.80 4.22
C ASN B 95 1.87 7.09 4.03
N THR B 96 0.70 7.13 4.68
CA THR B 96 -0.24 8.25 4.53
C THR B 96 0.39 9.62 4.74
N SER B 97 -0.18 10.61 4.06
CA SER B 97 0.08 12.01 4.31
C SER B 97 -1.01 12.59 5.21
N LEU B 98 -1.95 11.74 5.62
CA LEU B 98 -3.05 12.16 6.49
C LEU B 98 -2.64 12.51 7.89
N ALA B 99 -3.51 13.29 8.54
CA ALA B 99 -3.34 13.73 9.93
C ALA B 99 -1.86 13.96 10.32
N LYS B 100 -1.17 14.76 9.49
CA LYS B 100 0.21 15.19 9.74
C LYS B 100 0.16 16.42 10.65
N LYS B 101 1.11 17.35 10.50
CA LYS B 101 1.34 18.39 11.52
C LYS B 101 0.25 19.47 11.54
N GLY B 102 -0.76 19.25 12.38
CA GLY B 102 -1.86 20.19 12.58
C GLY B 102 -3.24 19.67 12.18
N GLU B 103 -3.29 18.79 11.17
CA GLU B 103 -4.56 18.39 10.57
C GLU B 103 -5.35 17.40 11.40
N THR B 104 -6.64 17.68 11.59
CA THR B 104 -7.49 16.85 12.44
C THR B 104 -7.87 15.53 11.78
N LEU B 105 -8.08 14.52 12.62
CA LEU B 105 -8.64 13.26 12.18
C LEU B 105 -10.04 13.55 11.65
N ALA B 106 -10.80 14.36 12.39
CA ALA B 106 -12.13 14.82 11.97
C ALA B 106 -12.15 15.24 10.51
N ASP B 107 -11.32 16.20 10.12
CA ASP B 107 -11.21 16.60 8.71
C ASP B 107 -10.91 15.42 7.80
N SER B 108 -9.95 14.59 8.22
CA SER B 108 -9.50 13.48 7.38
C SER B 108 -10.66 12.53 7.07
N ILE B 109 -11.43 12.24 8.11
CA ILE B 109 -12.57 11.34 8.02
C ILE B 109 -13.64 11.99 7.17
N SER B 110 -13.90 13.27 7.40
CA SER B 110 -14.89 13.99 6.61
C SER B 110 -14.60 13.81 5.12
N VAL B 111 -13.35 14.03 4.71
CA VAL B 111 -12.98 13.84 3.30
C VAL B 111 -13.10 12.38 2.84
N ILE B 112 -12.51 11.45 3.57
CA ILE B 112 -12.40 10.11 3.01
C ILE B 112 -13.74 9.39 3.02
N SER B 113 -14.50 9.53 4.12
CA SER B 113 -15.80 8.90 4.18
C SER B 113 -16.67 9.39 3.02
N SER B 114 -16.56 10.68 2.67
CA SER B 114 -17.33 11.27 1.56
C SER B 114 -16.99 10.67 0.18
N TYR B 115 -15.87 10.00 0.08
CA TYR B 115 -15.55 9.22 -1.11
C TYR B 115 -16.37 7.95 -1.17
N ALA B 116 -16.89 7.49 -0.04
CA ALA B 116 -17.27 6.08 0.09
C ALA B 116 -18.64 5.85 0.69
N ASP B 117 -19.11 4.61 0.62
CA ASP B 117 -20.45 4.23 1.11
C ASP B 117 -20.46 3.65 2.51
N ALA B 118 -19.28 3.24 2.98
CA ALA B 118 -19.04 2.80 4.36
C ALA B 118 -17.57 3.05 4.66
N PHE B 119 -17.26 3.11 5.95
CA PHE B 119 -15.93 3.55 6.41
C PHE B 119 -15.39 2.61 7.49
N VAL B 120 -14.64 1.59 7.06
CA VAL B 120 -13.94 0.69 7.98
C VAL B 120 -12.62 1.34 8.42
N MET B 121 -12.45 1.61 9.71
CA MET B 121 -11.17 2.11 10.20
C MET B 121 -10.59 1.34 11.38
N ARG B 122 -9.27 1.46 11.51
CA ARG B 122 -8.55 1.03 12.70
C ARG B 122 -7.56 2.13 13.08
N HIS B 123 -7.46 2.39 14.39
CA HIS B 123 -6.74 3.57 14.90
C HIS B 123 -6.06 3.29 16.25
N PRO B 124 -4.92 3.94 16.53
CA PRO B 124 -4.30 3.71 17.84
C PRO B 124 -4.87 4.51 19.01
N GLN B 125 -5.74 5.48 18.76
CA GLN B 125 -6.34 6.27 19.85
C GLN B 125 -7.77 5.83 20.12
N GLU B 126 -8.06 5.59 21.39
CA GLU B 126 -9.39 5.19 21.81
C GLU B 126 -10.36 6.32 21.53
N GLY B 127 -11.62 5.96 21.24
CA GLY B 127 -12.66 6.92 20.88
C GLY B 127 -12.68 7.29 19.41
N ALA B 128 -11.69 6.81 18.65
CA ALA B 128 -11.51 7.25 17.26
C ALA B 128 -12.61 6.80 16.30
N ALA B 129 -13.31 5.73 16.63
CA ALA B 129 -14.41 5.28 15.77
C ALA B 129 -15.68 6.05 16.06
N ARG B 130 -15.85 6.46 17.31
CA ARG B 130 -16.99 7.27 17.71
C ARG B 130 -16.89 8.65 17.05
N LEU B 131 -15.70 9.27 17.15
CA LEU B 131 -15.44 10.54 16.47
C LEU B 131 -15.69 10.41 14.96
N ALA B 132 -15.10 9.39 14.37
CA ALA B 132 -15.37 9.12 12.96
C ALA B 132 -16.86 9.17 12.63
N SER B 133 -17.67 8.47 13.43
CA SER B 133 -19.12 8.36 13.20
C SER B 133 -19.89 9.69 13.27
N GLU B 134 -19.29 10.68 13.92
CA GLU B 134 -19.84 12.01 14.02
C GLU B 134 -19.37 12.95 12.91
N PHE B 135 -18.48 12.46 12.05
CA PHE B 135 -17.98 13.23 10.89
C PHE B 135 -18.13 12.53 9.53
N SER B 136 -18.54 11.27 9.56
CA SER B 136 -18.90 10.52 8.38
C SER B 136 -20.42 10.55 8.19
N ASN B 137 -20.87 10.86 6.96
CA ASN B 137 -22.29 10.78 6.59
C ASN B 137 -22.67 9.38 6.13
N VAL B 138 -21.78 8.44 6.44
CA VAL B 138 -21.84 7.10 5.90
C VAL B 138 -21.40 6.13 7.02
N PRO B 139 -22.00 4.93 7.10
CA PRO B 139 -21.75 4.13 8.33
C PRO B 139 -20.29 3.76 8.53
N VAL B 140 -19.82 3.84 9.77
CA VAL B 140 -18.44 3.47 10.08
C VAL B 140 -18.41 2.20 10.94
N ILE B 141 -17.42 1.37 10.62
CA ILE B 141 -17.17 0.09 11.26
C ILE B 141 -15.81 0.18 11.97
N ASN B 142 -15.85 0.12 13.29
CA ASN B 142 -14.67 0.18 14.15
C ASN B 142 -13.88 -1.11 13.99
N GLY B 143 -12.81 -1.04 13.21
CA GLY B 143 -11.92 -2.17 12.99
C GLY B 143 -10.95 -2.29 14.15
N GLY B 144 -10.95 -1.28 15.01
CA GLY B 144 -10.20 -1.28 16.27
C GLY B 144 -9.76 0.12 16.66
N ASP B 145 -10.00 0.50 17.90
CA ASP B 145 -9.61 1.82 18.38
C ASP B 145 -8.84 1.78 19.69
N GLY B 146 -7.52 1.59 19.57
CA GLY B 146 -6.63 1.47 20.73
C GLY B 146 -7.03 0.30 21.61
N SER B 147 -6.90 0.50 22.92
CA SER B 147 -7.31 -0.51 23.89
C SER B 147 -8.82 -0.55 24.18
N ASN B 148 -9.63 0.24 23.48
CA ASN B 148 -11.08 0.31 23.69
C ASN B 148 -11.79 -0.87 22.97
N GLN B 149 -12.16 -0.75 21.70
CA GLN B 149 -12.96 -1.83 21.08
C GLN B 149 -12.43 -2.40 19.76
N HIS B 150 -12.82 -3.64 19.50
CA HIS B 150 -12.54 -4.36 18.26
C HIS B 150 -13.76 -5.27 18.02
N PRO B 151 -14.93 -4.66 17.70
CA PRO B 151 -16.16 -5.45 17.67
C PRO B 151 -16.13 -6.64 16.73
N THR B 152 -15.58 -6.48 15.54
CA THR B 152 -15.64 -7.56 14.55
C THR B 152 -14.85 -8.82 14.98
N GLN B 153 -13.80 -8.61 15.79
CA GLN B 153 -13.12 -9.74 16.43
C GLN B 153 -14.08 -10.54 17.32
N THR B 154 -14.81 -9.83 18.19
CA THR B 154 -15.78 -10.47 19.07
C THR B 154 -16.87 -11.13 18.25
N LEU B 155 -17.33 -10.44 17.22
CA LEU B 155 -18.34 -11.00 16.33
C LEU B 155 -17.84 -12.27 15.62
N LEU B 156 -16.62 -12.26 15.10
CA LEU B 156 -16.05 -13.48 14.50
C LEU B 156 -15.88 -14.59 15.57
N ASP B 157 -15.54 -14.19 16.80
CA ASP B 157 -15.49 -15.15 17.91
C ASP B 157 -16.89 -15.72 18.27
N LEU B 158 -17.92 -14.89 18.30
CA LEU B 158 -19.27 -15.38 18.54
C LEU B 158 -19.75 -16.33 17.45
N PHE B 159 -19.50 -15.95 16.20
CA PHE B 159 -19.87 -16.78 15.05
C PHE B 159 -19.26 -18.15 15.17
N SER B 160 -17.96 -18.21 15.45
CA SER B 160 -17.26 -19.50 15.51
C SER B 160 -17.78 -20.40 16.64
N ILE B 161 -18.12 -19.79 17.77
CA ILE B 161 -18.81 -20.50 18.81
C ILE B 161 -20.14 -21.08 18.25
N TYR B 162 -20.98 -20.20 17.71
CA TYR B 162 -22.30 -20.61 17.18
C TYR B 162 -22.17 -21.73 16.18
N GLU B 163 -21.24 -21.55 15.26
CA GLU B 163 -21.00 -22.52 14.21
C GLU B 163 -20.70 -23.89 14.79
N THR B 164 -19.92 -23.95 15.88
CA THR B 164 -19.47 -25.24 16.42
C THR B 164 -20.28 -25.74 17.61
N GLN B 165 -21.06 -24.89 18.24
CA GLN B 165 -21.91 -25.32 19.35
C GLN B 165 -23.41 -25.25 19.03
N GLY B 166 -23.78 -24.76 17.85
CA GLY B 166 -25.20 -24.63 17.47
C GLY B 166 -26.01 -23.62 18.28
N ARG B 167 -25.36 -22.85 19.13
CA ARG B 167 -26.03 -21.83 19.94
C ARG B 167 -25.04 -20.89 20.62
N LEU B 168 -25.56 -19.90 21.33
CA LEU B 168 -24.72 -19.03 22.18
C LEU B 168 -25.16 -18.99 23.63
N ASP B 169 -26.36 -19.48 23.94
CA ASP B 169 -26.79 -19.60 25.33
C ASP B 169 -26.25 -20.89 25.91
N ASN B 170 -26.20 -20.95 27.25
CA ASN B 170 -25.95 -22.19 28.00
C ASN B 170 -24.68 -22.96 27.61
N LEU B 171 -23.58 -22.22 27.52
CA LEU B 171 -22.28 -22.78 27.16
C LEU B 171 -21.26 -22.60 28.29
N ASN B 172 -20.43 -23.62 28.49
CA ASN B 172 -19.29 -23.55 29.38
C ASN B 172 -18.05 -23.08 28.60
N ILE B 173 -17.69 -21.83 28.82
CA ILE B 173 -16.53 -21.21 28.16
C ILE B 173 -15.40 -21.01 29.14
N ALA B 174 -14.19 -21.37 28.75
CA ALA B 174 -13.01 -21.02 29.54
C ALA B 174 -12.22 -19.94 28.82
N PHE B 175 -11.59 -19.07 29.59
CA PHE B 175 -10.72 -18.03 29.05
C PHE B 175 -9.35 -18.18 29.69
N VAL B 176 -8.30 -18.28 28.88
CA VAL B 176 -6.97 -18.52 29.42
C VAL B 176 -5.99 -17.41 29.04
N GLY B 177 -5.06 -17.11 29.95
CA GLY B 177 -3.94 -16.23 29.66
C GLY B 177 -3.95 -14.88 30.38
N ASP B 178 -3.87 -13.81 29.59
CA ASP B 178 -3.91 -12.47 30.14
C ASP B 178 -5.36 -11.97 30.18
N LEU B 179 -6.02 -12.18 31.30
CA LEU B 179 -7.39 -11.69 31.43
C LEU B 179 -7.48 -10.28 32.01
N LYS B 180 -6.37 -9.72 32.49
CA LYS B 180 -6.39 -8.36 33.03
C LYS B 180 -6.39 -7.31 31.91
N TYR B 181 -5.51 -7.48 30.93
CA TYR B 181 -5.36 -6.48 29.88
C TYR B 181 -5.90 -6.95 28.52
N GLY B 182 -6.20 -8.24 28.42
CA GLY B 182 -6.80 -8.82 27.20
C GLY B 182 -8.18 -8.27 26.88
N ARG B 183 -8.22 -7.30 25.98
CA ARG B 183 -9.47 -6.65 25.60
C ARG B 183 -10.39 -7.59 24.81
N THR B 184 -9.83 -8.54 24.07
CA THR B 184 -10.64 -9.51 23.31
C THR B 184 -11.46 -10.42 24.22
N VAL B 185 -10.89 -10.84 25.36
CA VAL B 185 -11.68 -11.64 26.30
C VAL B 185 -12.78 -10.80 26.95
N HIS B 186 -12.45 -9.55 27.28
CA HIS B 186 -13.42 -8.67 27.93
C HIS B 186 -14.68 -8.47 27.11
N SER B 187 -14.53 -8.04 25.86
CA SER B 187 -15.70 -7.87 24.98
C SER B 187 -16.43 -9.19 24.72
N LEU B 188 -15.69 -10.29 24.61
CA LEU B 188 -16.33 -11.60 24.39
C LEU B 188 -17.15 -12.04 25.62
N ALA B 189 -16.54 -11.98 26.79
CA ALA B 189 -17.26 -12.23 28.02
C ALA B 189 -18.49 -11.32 28.08
N GLN B 190 -18.29 -10.02 27.85
CA GLN B 190 -19.39 -9.03 27.76
C GLN B 190 -20.51 -9.38 26.76
N ALA B 191 -20.13 -9.85 25.58
CA ALA B 191 -21.11 -10.28 24.55
C ALA B 191 -21.90 -11.52 24.95
N LEU B 192 -21.17 -12.56 25.36
CA LEU B 192 -21.78 -13.80 25.82
C LEU B 192 -22.67 -13.59 27.04
N ALA B 193 -22.30 -12.60 27.86
CA ALA B 193 -23.06 -12.27 29.05
C ALA B 193 -24.44 -11.67 28.78
N LYS B 194 -24.69 -11.26 27.55
CA LYS B 194 -26.01 -10.76 27.12
C LYS B 194 -26.93 -11.94 26.75
N PHE B 195 -26.34 -13.13 26.67
CA PHE B 195 -27.06 -14.38 26.44
C PHE B 195 -27.31 -15.10 27.77
N ASP B 196 -27.98 -16.25 27.70
CA ASP B 196 -28.48 -16.97 28.87
C ASP B 196 -27.60 -18.10 29.34
N GLY B 197 -27.12 -17.99 30.57
CA GLY B 197 -26.63 -19.13 31.31
C GLY B 197 -25.32 -19.74 30.83
N CYS B 198 -24.44 -18.93 30.24
CA CYS B 198 -23.05 -19.34 30.04
C CYS B 198 -22.37 -19.26 31.39
N LYS B 199 -21.59 -20.28 31.74
CA LYS B 199 -20.76 -20.24 32.93
C LYS B 199 -19.32 -20.07 32.46
N PHE B 200 -18.66 -19.03 32.94
CA PHE B 200 -17.29 -18.74 32.53
C PHE B 200 -16.29 -19.32 33.51
N HIS B 201 -15.14 -19.72 32.97
CA HIS B 201 -14.03 -20.33 33.70
C HIS B 201 -12.73 -19.56 33.41
N PHE B 202 -12.15 -18.95 34.44
CA PHE B 202 -11.02 -18.06 34.25
C PHE B 202 -9.73 -18.71 34.71
N ILE B 203 -8.82 -18.92 33.77
CA ILE B 203 -7.54 -19.55 34.08
C ILE B 203 -6.42 -18.61 33.64
N ALA B 204 -5.76 -18.02 34.63
CA ALA B 204 -4.79 -16.97 34.35
C ALA B 204 -3.90 -16.79 35.56
N PRO B 205 -2.75 -16.12 35.38
CA PRO B 205 -1.95 -15.87 36.56
C PRO B 205 -2.70 -14.96 37.51
N ASP B 206 -2.54 -15.21 38.81
CA ASP B 206 -3.00 -14.27 39.84
C ASP B 206 -2.85 -12.81 39.41
N ALA B 207 -1.67 -12.47 38.90
CA ALA B 207 -1.36 -11.10 38.46
C ALA B 207 -2.12 -10.63 37.22
N LEU B 208 -2.81 -11.53 36.52
CA LEU B 208 -3.66 -11.16 35.40
C LEU B 208 -5.10 -11.71 35.53
N ALA B 209 -5.65 -11.65 36.72
CA ALA B 209 -7.04 -12.08 36.94
C ALA B 209 -7.96 -11.20 36.13
N MET B 210 -9.15 -11.71 35.85
CA MET B 210 -10.18 -10.94 35.20
C MET B 210 -10.46 -9.71 36.06
N PRO B 211 -10.63 -8.53 35.43
CA PRO B 211 -10.75 -7.32 36.21
C PRO B 211 -12.04 -7.22 37.00
N GLU B 212 -11.91 -6.70 38.22
CA GLU B 212 -13.02 -6.34 39.11
C GLU B 212 -14.30 -5.87 38.40
N TYR B 213 -14.20 -4.91 37.49
CA TYR B 213 -15.39 -4.32 36.86
C TYR B 213 -16.11 -5.26 35.87
N ILE B 214 -15.36 -6.10 35.15
CA ILE B 214 -15.97 -7.11 34.28
C ILE B 214 -16.82 -8.04 35.14
N CYS B 215 -16.23 -8.53 36.21
CA CYS B 215 -16.92 -9.40 37.18
C CYS B 215 -18.22 -8.86 37.79
N ASP B 216 -18.26 -7.56 38.03
CA ASP B 216 -19.47 -6.91 38.53
C ASP B 216 -20.53 -6.98 37.43
N GLU B 217 -20.14 -6.63 36.21
CA GLU B 217 -21.05 -6.69 35.07
C GLU B 217 -21.65 -8.12 34.93
N LEU B 218 -20.82 -9.13 35.19
CA LEU B 218 -21.27 -10.52 35.10
C LEU B 218 -22.27 -10.85 36.21
N ASP B 219 -22.01 -10.38 37.43
CA ASP B 219 -22.96 -10.53 38.53
C ASP B 219 -24.30 -9.91 38.12
N GLU B 220 -24.24 -8.68 37.59
CA GLU B 220 -25.43 -7.95 37.17
C GLU B 220 -26.16 -8.62 35.99
N GLN B 221 -25.44 -9.43 35.21
CA GLN B 221 -26.06 -10.20 34.13
C GLN B 221 -26.33 -11.66 34.57
N ASN B 222 -26.34 -11.89 35.88
CA ASN B 222 -26.52 -13.24 36.46
C ASN B 222 -25.79 -14.36 35.71
N ILE B 223 -24.47 -14.34 35.79
CA ILE B 223 -23.63 -15.21 35.01
C ILE B 223 -22.49 -15.77 35.86
N SER B 224 -22.51 -17.09 36.06
CA SER B 224 -21.56 -17.75 36.94
C SER B 224 -20.18 -17.73 36.35
N TYR B 225 -19.21 -17.34 37.15
CA TYR B 225 -17.81 -17.47 36.80
C TYR B 225 -17.05 -18.10 37.95
N ALA B 226 -15.85 -18.61 37.66
CA ALA B 226 -14.99 -19.11 38.71
C ALA B 226 -13.55 -19.05 38.25
N THR B 227 -12.62 -19.14 39.21
CA THR B 227 -11.21 -19.18 38.91
C THR B 227 -10.66 -20.60 39.11
N TYR B 228 -9.80 -21.01 38.18
CA TYR B 228 -9.13 -22.29 38.27
C TYR B 228 -7.63 -22.11 38.09
N ALA B 229 -6.86 -23.04 38.64
CA ALA B 229 -5.41 -22.93 38.64
C ALA B 229 -4.84 -23.32 37.28
N SER B 230 -5.43 -24.33 36.66
CA SER B 230 -4.84 -24.93 35.47
C SER B 230 -5.86 -25.11 34.35
N ILE B 231 -5.35 -25.20 33.12
CA ILE B 231 -6.20 -25.50 31.98
C ILE B 231 -6.81 -26.88 32.16
N GLU B 232 -5.94 -27.84 32.49
CA GLU B 232 -6.28 -29.26 32.44
C GLU B 232 -7.48 -29.56 33.37
N GLU B 233 -7.47 -28.98 34.57
CA GLU B 233 -8.60 -29.04 35.54
C GLU B 233 -10.01 -29.02 34.97
N VAL B 234 -10.28 -28.04 34.11
CA VAL B 234 -11.63 -27.73 33.62
C VAL B 234 -11.97 -28.34 32.25
N VAL B 235 -10.96 -28.87 31.57
CA VAL B 235 -11.11 -29.30 30.18
C VAL B 235 -12.34 -30.19 29.94
N PRO B 236 -12.56 -31.21 30.79
CA PRO B 236 -13.70 -32.11 30.51
C PRO B 236 -15.08 -31.46 30.67
N GLU B 237 -15.15 -30.27 31.26
CA GLU B 237 -16.44 -29.61 31.48
C GLU B 237 -16.58 -28.33 30.67
N ILE B 238 -15.80 -28.23 29.59
CA ILE B 238 -15.69 -27.00 28.82
C ILE B 238 -16.03 -27.27 27.35
N ASP B 239 -16.69 -26.31 26.71
CA ASP B 239 -17.06 -26.38 25.29
C ASP B 239 -16.19 -25.49 24.43
N VAL B 240 -15.76 -24.37 24.99
CA VAL B 240 -14.92 -23.42 24.28
C VAL B 240 -13.78 -22.99 25.18
N LEU B 241 -12.57 -23.17 24.66
CA LEU B 241 -11.35 -22.75 25.33
C LEU B 241 -10.71 -21.60 24.52
N TYR B 242 -11.00 -20.39 24.96
CA TYR B 242 -10.48 -19.18 24.33
C TYR B 242 -9.09 -18.90 24.92
N MET B 243 -8.06 -19.15 24.13
CA MET B 243 -6.68 -18.91 24.54
C MET B 243 -6.25 -17.51 24.13
N THR B 244 -5.58 -16.80 25.03
CA THR B 244 -4.90 -15.58 24.66
C THR B 244 -3.45 -15.67 25.08
N ARG B 245 -2.69 -14.69 24.63
CA ARG B 245 -1.25 -14.66 24.76
C ARG B 245 -0.89 -14.11 26.12
N VAL B 246 0.14 -14.69 26.72
CA VAL B 246 0.70 -14.18 27.97
C VAL B 246 1.93 -13.33 27.58
N GLN B 247 1.75 -12.02 27.47
CA GLN B 247 2.82 -11.07 27.11
C GLN B 247 3.75 -10.78 28.28
N LYS B 248 5.05 -10.74 28.01
CA LYS B 248 6.09 -10.58 29.05
C LYS B 248 6.24 -9.15 29.59
N GLU B 249 5.65 -8.17 28.92
CA GLU B 249 5.69 -6.76 29.35
C GLU B 249 5.25 -6.57 30.80
N ARG B 250 4.08 -7.09 31.14
CA ARG B 250 3.49 -6.95 32.49
C ARG B 250 4.21 -7.80 33.56
N PHE B 251 5.40 -8.29 33.20
CA PHE B 251 6.27 -9.05 34.10
C PHE B 251 7.72 -8.63 33.80
N ASP B 252 8.68 -9.34 34.37
CA ASP B 252 10.07 -9.30 33.86
C ASP B 252 10.44 -10.70 33.38
N GLU B 253 11.72 -10.94 33.14
CA GLU B 253 12.17 -12.23 32.62
C GLU B 253 11.95 -13.36 33.62
N THR B 254 12.38 -13.15 34.86
CA THR B 254 12.23 -14.17 35.90
C THR B 254 10.76 -14.58 36.10
N GLU B 255 9.85 -13.59 36.08
CA GLU B 255 8.43 -13.84 36.27
C GLU B 255 7.87 -14.68 35.13
N TYR B 256 7.92 -14.14 33.92
CA TYR B 256 7.40 -14.81 32.73
C TYR B 256 7.79 -16.29 32.68
N GLN B 257 9.10 -16.55 32.66
CA GLN B 257 9.64 -17.92 32.53
C GLN B 257 9.08 -18.90 33.57
N HIS B 258 8.65 -18.37 34.73
CA HIS B 258 7.95 -19.17 35.73
C HIS B 258 6.44 -19.28 35.41
N MET B 259 5.81 -18.13 35.13
CA MET B 259 4.35 -18.08 35.03
C MET B 259 3.81 -18.58 33.70
N LYS B 260 4.66 -18.66 32.67
CA LYS B 260 4.24 -19.11 31.33
C LYS B 260 3.78 -20.57 31.34
N ALA B 261 4.56 -21.43 31.99
CA ALA B 261 4.39 -22.88 31.90
C ALA B 261 2.94 -23.29 32.20
N GLY B 262 2.31 -22.64 33.17
CA GLY B 262 0.97 -22.99 33.60
C GLY B 262 -0.10 -22.76 32.56
N PHE B 263 0.19 -21.87 31.59
CA PHE B 263 -0.83 -21.41 30.64
C PHE B 263 -0.48 -21.67 29.17
N ILE B 264 0.21 -22.79 28.94
CA ILE B 264 0.49 -23.27 27.59
C ILE B 264 -0.39 -24.51 27.32
N LEU B 265 -1.04 -24.53 26.16
CA LEU B 265 -1.98 -25.57 25.82
C LEU B 265 -1.32 -26.55 24.84
N SER B 266 -1.12 -27.80 25.25
CA SER B 266 -0.55 -28.85 24.40
C SER B 266 -1.60 -29.88 24.00
N ALA B 267 -1.23 -30.82 23.13
CA ALA B 267 -2.13 -31.94 22.79
C ALA B 267 -2.46 -32.76 24.04
N SER B 268 -1.44 -32.95 24.88
CA SER B 268 -1.62 -33.67 26.14
C SER B 268 -2.70 -33.07 27.03
N SER B 269 -2.92 -31.75 26.96
CA SER B 269 -3.89 -31.09 27.83
C SER B 269 -5.34 -31.42 27.52
N LEU B 270 -5.60 -31.82 26.28
CA LEU B 270 -6.97 -32.05 25.79
C LEU B 270 -7.38 -33.51 25.80
N VAL B 271 -6.58 -34.36 26.44
CA VAL B 271 -6.83 -35.80 26.48
C VAL B 271 -8.23 -36.14 27.02
N HIS B 272 -8.70 -35.37 28.00
CA HIS B 272 -10.05 -35.56 28.58
C HIS B 272 -11.08 -34.55 28.07
N ALA B 273 -10.85 -34.03 26.87
CA ALA B 273 -11.79 -33.09 26.28
C ALA B 273 -13.10 -33.82 25.92
N LYS B 274 -14.21 -33.09 25.94
CA LYS B 274 -15.41 -33.60 25.33
C LYS B 274 -15.30 -33.36 23.81
N PRO B 275 -16.04 -34.14 23.00
CA PRO B 275 -16.00 -34.05 21.53
C PRO B 275 -16.27 -32.67 20.92
N ASN B 276 -17.18 -31.90 21.52
CA ASN B 276 -17.56 -30.59 20.98
C ASN B 276 -16.62 -29.45 21.37
N LEU B 277 -15.52 -29.78 22.04
CA LEU B 277 -14.57 -28.79 22.52
C LEU B 277 -13.90 -28.13 21.33
N LYS B 278 -13.82 -26.80 21.36
CA LYS B 278 -13.10 -26.05 20.35
C LYS B 278 -12.16 -25.05 20.98
N VAL B 279 -10.93 -25.03 20.45
CA VAL B 279 -9.90 -24.16 20.94
C VAL B 279 -9.87 -22.93 20.04
N LEU B 280 -10.14 -21.78 20.65
CA LEU B 280 -10.08 -20.49 19.96
C LEU B 280 -8.86 -19.68 20.43
N HIS B 281 -8.33 -18.85 19.52
CA HIS B 281 -7.24 -17.90 19.81
C HIS B 281 -7.41 -16.80 18.78
N PRO B 282 -7.39 -15.53 19.22
CA PRO B 282 -7.59 -14.45 18.26
C PRO B 282 -6.38 -14.24 17.37
N LEU B 283 -5.29 -14.94 17.65
CA LEU B 283 -4.07 -14.87 16.85
C LEU B 283 -3.42 -13.48 16.85
N PRO B 284 -2.10 -13.44 16.67
CA PRO B 284 -1.24 -14.62 16.55
C PRO B 284 -0.99 -15.38 17.83
N ARG B 285 -0.77 -16.67 17.67
CA ARG B 285 -0.27 -17.49 18.73
C ARG B 285 1.24 -17.33 18.62
N VAL B 286 1.96 -17.62 19.69
CA VAL B 286 3.40 -17.85 19.54
C VAL B 286 3.70 -19.21 20.17
N ASP B 287 3.78 -19.33 21.48
CA ASP B 287 3.93 -20.67 22.09
C ASP B 287 2.85 -21.08 23.10
N GLU B 288 1.86 -20.22 23.32
CA GLU B 288 0.72 -20.53 24.21
C GLU B 288 -0.18 -21.66 23.70
N ILE B 289 -0.15 -21.95 22.40
CA ILE B 289 -0.72 -23.18 21.90
C ILE B 289 0.37 -23.93 21.17
N ALA B 290 0.72 -25.09 21.68
CA ALA B 290 1.76 -25.89 21.07
C ALA B 290 1.31 -26.35 19.70
N THR B 291 2.26 -26.38 18.78
CA THR B 291 2.12 -26.98 17.46
C THR B 291 1.25 -28.23 17.39
N ASP B 292 1.40 -29.13 18.37
CA ASP B 292 0.76 -30.45 18.35
C ASP B 292 -0.73 -30.41 18.58
N VAL B 293 -1.28 -29.23 18.84
CA VAL B 293 -2.74 -29.05 19.01
C VAL B 293 -3.38 -28.89 17.64
N ASP B 294 -2.59 -28.47 16.66
CA ASP B 294 -3.11 -28.11 15.36
C ASP B 294 -3.92 -29.25 14.77
N LYS B 295 -3.31 -30.43 14.72
CA LYS B 295 -3.95 -31.64 14.15
C LYS B 295 -5.06 -32.26 15.00
N THR B 296 -5.14 -31.88 16.28
CA THR B 296 -6.17 -32.45 17.15
C THR B 296 -7.55 -31.98 16.68
N PRO B 297 -8.60 -32.77 16.96
CA PRO B 297 -9.93 -32.38 16.50
C PRO B 297 -10.48 -31.11 17.14
N TYR B 298 -9.85 -30.61 18.19
CA TYR B 298 -10.39 -29.47 18.93
C TYR B 298 -9.93 -28.10 18.42
N ALA B 299 -8.89 -28.07 17.59
CA ALA B 299 -8.32 -26.80 17.15
C ALA B 299 -9.27 -26.10 16.21
N TYR B 300 -9.62 -24.85 16.52
CA TYR B 300 -10.50 -24.07 15.64
C TYR B 300 -10.06 -22.63 15.41
N TYR B 301 -8.78 -22.33 15.71
CA TYR B 301 -8.27 -20.96 15.62
C TYR B 301 -8.11 -20.52 14.17
N PHE B 302 -7.70 -21.45 13.31
CA PHE B 302 -7.52 -21.17 11.89
C PHE B 302 -8.88 -21.05 11.20
N GLN B 303 -9.81 -21.91 11.55
CA GLN B 303 -11.17 -21.76 11.10
C GLN B 303 -11.77 -20.45 11.65
N GLN B 304 -11.39 -20.09 12.87
CA GLN B 304 -11.85 -18.86 13.52
C GLN B 304 -11.38 -17.68 12.68
N ALA B 305 -10.07 -17.62 12.40
CA ALA B 305 -9.55 -16.61 11.47
C ALA B 305 -10.31 -16.57 10.14
N GLU B 306 -10.59 -17.73 9.55
CA GLU B 306 -11.30 -17.75 8.29
C GLU B 306 -12.73 -17.18 8.44
N ASN B 307 -13.36 -17.52 9.56
CA ASN B 307 -14.68 -17.00 9.88
C ASN B 307 -14.73 -15.49 10.12
N GLY B 308 -13.56 -14.85 10.18
CA GLY B 308 -13.47 -13.39 10.20
C GLY B 308 -14.07 -12.76 8.94
N VAL B 309 -13.86 -13.43 7.82
CA VAL B 309 -14.40 -12.97 6.55
C VAL B 309 -15.94 -12.95 6.57
N TYR B 310 -16.55 -14.03 7.05
CA TYR B 310 -18.02 -14.18 7.01
C TYR B 310 -18.69 -13.31 8.06
N ALA B 311 -18.06 -13.17 9.22
CA ALA B 311 -18.56 -12.26 10.22
C ALA B 311 -18.59 -10.83 9.67
N ARG B 312 -17.52 -10.43 9.01
CA ARG B 312 -17.42 -9.08 8.50
C ARG B 312 -18.30 -8.92 7.25
N GLU B 313 -18.45 -9.99 6.46
CA GLU B 313 -19.41 -9.99 5.36
C GLU B 313 -20.80 -9.63 5.87
N ALA B 314 -21.24 -10.33 6.92
CA ALA B 314 -22.59 -10.19 7.45
C ALA B 314 -22.85 -8.80 8.06
N LEU B 315 -21.85 -8.26 8.74
CA LEU B 315 -22.00 -6.95 9.32
C LEU B 315 -22.15 -5.93 8.19
N LEU B 316 -21.18 -5.92 7.27
CA LEU B 316 -21.21 -5.02 6.12
C LEU B 316 -22.54 -5.13 5.38
N ALA B 317 -23.00 -6.37 5.19
CA ALA B 317 -24.25 -6.62 4.49
C ALA B 317 -25.42 -5.97 5.23
N LEU B 318 -25.52 -6.28 6.52
CA LEU B 318 -26.65 -5.85 7.34
C LEU B 318 -26.65 -4.37 7.51
N VAL B 319 -25.46 -3.78 7.55
CA VAL B 319 -25.33 -2.32 7.71
C VAL B 319 -25.80 -1.61 6.46
N LEU B 320 -25.46 -2.14 5.29
CA LEU B 320 -25.73 -1.45 4.04
C LEU B 320 -26.99 -1.90 3.31
N ASN B 321 -27.48 -3.10 3.60
CA ASN B 321 -28.70 -3.61 2.93
C ASN B 321 -29.88 -3.72 3.87
N GLU B 322 -30.98 -3.10 3.48
CA GLU B 322 -32.17 -3.05 4.32
C GLU B 322 -32.62 -4.46 4.68
N THR B 323 -32.56 -5.35 3.71
CA THR B 323 -32.79 -6.78 3.95
C THR B 323 -31.72 -7.62 3.29
N ILE B 324 -31.51 -8.82 3.82
CA ILE B 324 -30.75 -9.85 3.12
C ILE B 324 -31.78 -10.80 2.52
N GLY B 325 -31.97 -10.68 1.21
CA GLY B 325 -32.98 -11.45 0.50
C GLY B 325 -32.47 -12.84 0.19
N GLU B 326 -31.94 -13.49 1.23
CA GLU B 326 -31.34 -14.83 1.12
C GLU B 326 -32.39 -15.90 0.78
N ALA C 18 -9.35 -32.01 -17.87
CA ALA C 18 -8.73 -30.93 -17.01
C ALA C 18 -7.24 -30.82 -17.32
N ASN C 19 -6.74 -29.59 -17.40
CA ASN C 19 -5.35 -29.34 -17.76
C ASN C 19 -4.48 -29.79 -16.60
N PRO C 20 -3.22 -30.17 -16.88
CA PRO C 20 -2.36 -30.81 -15.86
C PRO C 20 -2.03 -29.91 -14.66
N LEU C 21 -2.17 -28.58 -14.82
CA LEU C 21 -1.84 -27.66 -13.74
C LEU C 21 -3.04 -27.38 -12.84
N PHE C 22 -4.21 -27.89 -13.18
CA PHE C 22 -5.41 -27.58 -12.42
C PHE C 22 -5.21 -27.96 -10.99
N ARG C 23 -5.46 -26.99 -10.10
CA ARG C 23 -5.32 -27.14 -8.65
C ARG C 23 -3.89 -27.49 -8.22
N LYS C 24 -2.90 -27.17 -9.07
CA LYS C 24 -1.49 -27.41 -8.71
C LYS C 24 -0.80 -26.19 -8.12
N HIS C 25 0.21 -26.46 -7.31
CA HIS C 25 1.12 -25.46 -6.79
C HIS C 25 2.18 -25.19 -7.79
N ILE C 26 2.58 -23.92 -7.93
CA ILE C 26 3.62 -23.52 -8.84
C ILE C 26 4.79 -22.94 -8.06
N VAL C 27 5.76 -23.80 -7.78
CA VAL C 27 6.87 -23.47 -6.89
C VAL C 27 8.20 -23.37 -7.63
N SER C 28 8.41 -24.26 -8.59
CA SER C 28 9.70 -24.44 -9.22
C SER C 28 9.56 -24.81 -10.69
N ILE C 29 10.30 -24.07 -11.50
CA ILE C 29 10.49 -24.37 -12.92
C ILE C 29 10.91 -25.82 -13.15
N ASN C 30 11.60 -26.42 -12.18
CA ASN C 30 12.06 -27.81 -12.31
C ASN C 30 10.92 -28.82 -12.23
N ASP C 31 9.80 -28.43 -11.60
CA ASP C 31 8.58 -29.25 -11.58
C ASP C 31 7.61 -28.96 -12.71
N ILE C 32 7.95 -28.07 -13.64
CA ILE C 32 7.10 -27.83 -14.83
C ILE C 32 7.71 -28.48 -16.06
N SER C 33 6.94 -29.37 -16.69
CA SER C 33 7.41 -30.11 -17.87
C SER C 33 7.28 -29.32 -19.17
N ARG C 34 7.92 -29.84 -20.21
CA ARG C 34 7.89 -29.25 -21.56
C ARG C 34 6.45 -28.99 -22.03
N ASN C 35 5.61 -30.02 -21.94
CA ASN C 35 4.19 -29.87 -22.27
C ASN C 35 3.52 -28.77 -21.46
N GLU C 36 3.78 -28.77 -20.16
CA GLU C 36 3.20 -27.78 -19.28
C GLU C 36 3.68 -26.38 -19.65
N LEU C 37 4.96 -26.24 -19.93
CA LEU C 37 5.54 -24.96 -20.38
C LEU C 37 4.92 -24.46 -21.69
N GLU C 38 4.63 -25.39 -22.58
CA GLU C 38 3.98 -25.08 -23.84
C GLU C 38 2.53 -24.68 -23.63
N LEU C 39 1.87 -25.40 -22.75
CA LEU C 39 0.50 -25.09 -22.37
C LEU C 39 0.40 -23.69 -21.76
N ILE C 40 1.36 -23.33 -20.92
CA ILE C 40 1.36 -22.02 -20.32
C ILE C 40 1.54 -20.90 -21.37
N VAL C 41 2.54 -21.01 -22.23
CA VAL C 41 2.77 -19.98 -23.26
C VAL C 41 1.62 -19.88 -24.28
N LYS C 42 0.96 -21.00 -24.55
CA LYS C 42 -0.20 -21.00 -25.43
C LYS C 42 -1.40 -20.28 -24.79
N THR C 43 -1.71 -20.67 -23.56
CA THR C 43 -2.73 -19.97 -22.78
C THR C 43 -2.40 -18.49 -22.63
N ALA C 44 -1.15 -18.16 -22.36
CA ALA C 44 -0.74 -16.77 -22.24
C ALA C 44 -0.98 -15.98 -23.54
N ALA C 45 -0.89 -16.67 -24.68
CA ALA C 45 -1.12 -16.03 -25.96
C ALA C 45 -2.60 -15.72 -26.19
N LYS C 46 -3.50 -16.67 -25.93
CA LYS C 46 -4.96 -16.41 -26.08
C LYS C 46 -5.43 -15.29 -25.14
N LEU C 47 -5.09 -15.39 -23.85
CA LEU C 47 -5.46 -14.35 -22.89
C LEU C 47 -4.91 -12.95 -23.26
N LYS C 48 -3.73 -12.90 -23.89
CA LYS C 48 -3.18 -11.62 -24.39
C LYS C 48 -3.94 -11.10 -25.60
N GLU C 49 -4.25 -11.99 -26.53
CA GLU C 49 -4.75 -11.58 -27.85
C GLU C 49 -6.28 -11.57 -27.91
N GLN C 50 -6.93 -12.59 -27.36
CA GLN C 50 -8.38 -12.58 -27.17
C GLN C 50 -8.70 -12.76 -25.68
N PRO C 51 -8.64 -11.66 -24.87
CA PRO C 51 -8.82 -11.67 -23.40
C PRO C 51 -10.12 -12.23 -22.90
N GLN C 52 -10.14 -12.67 -21.64
CA GLN C 52 -11.27 -13.36 -21.03
C GLN C 52 -11.46 -12.85 -19.63
N PRO C 53 -12.10 -11.68 -19.51
CA PRO C 53 -12.12 -10.89 -18.29
C PRO C 53 -13.02 -11.43 -17.20
N GLU C 54 -13.64 -12.58 -17.42
CA GLU C 54 -14.47 -13.23 -16.41
C GLU C 54 -13.97 -14.59 -15.95
N LEU C 55 -12.77 -14.96 -16.37
CA LEU C 55 -12.22 -16.26 -16.04
C LEU C 55 -11.99 -16.45 -14.52
N LEU C 56 -11.85 -15.35 -13.78
CA LEU C 56 -11.73 -15.42 -12.33
C LEU C 56 -12.81 -14.57 -11.68
N LYS C 57 -13.99 -14.49 -12.29
CA LYS C 57 -15.13 -13.80 -11.67
C LYS C 57 -15.36 -14.42 -10.32
N ASN C 58 -15.60 -13.58 -9.31
CA ASN C 58 -15.86 -14.03 -7.96
C ASN C 58 -14.75 -14.90 -7.32
N LYS C 59 -13.54 -14.78 -7.85
CA LYS C 59 -12.36 -15.37 -7.23
C LYS C 59 -11.58 -14.23 -6.55
N VAL C 60 -11.03 -14.51 -5.36
CA VAL C 60 -10.26 -13.54 -4.58
C VAL C 60 -8.85 -14.11 -4.49
N ILE C 61 -7.87 -13.34 -4.98
CA ILE C 61 -6.49 -13.80 -5.06
C ILE C 61 -5.61 -13.02 -4.09
N ALA C 62 -4.91 -13.76 -3.24
CA ALA C 62 -4.03 -13.14 -2.25
C ALA C 62 -2.68 -12.84 -2.87
N SER C 63 -2.29 -11.57 -2.83
CA SER C 63 -0.97 -11.12 -3.31
C SER C 63 -0.12 -10.59 -2.15
N CYS C 64 0.77 -11.45 -1.66
CA CYS C 64 1.58 -11.20 -0.48
C CYS C 64 3.08 -11.09 -0.82
N PHE C 65 3.56 -9.85 -0.83
CA PHE C 65 4.95 -9.63 -1.11
C PHE C 65 5.62 -9.27 0.19
N PHE C 66 6.21 -10.29 0.80
CA PHE C 66 6.99 -10.11 2.04
C PHE C 66 8.21 -9.29 1.71
N GLU C 67 8.82 -9.59 0.56
CA GLU C 67 9.93 -8.83 0.01
C GLU C 67 9.35 -8.01 -1.14
N ALA C 68 9.64 -6.70 -1.15
CA ALA C 68 9.10 -5.78 -2.15
C ALA C 68 9.60 -6.04 -3.56
N SER C 69 8.68 -6.25 -4.50
CA SER C 69 9.03 -6.39 -5.91
C SER C 69 7.92 -5.79 -6.80
N THR C 70 8.01 -4.48 -7.01
CA THR C 70 7.02 -3.67 -7.75
C THR C 70 6.67 -4.16 -9.16
N ARG C 71 7.69 -4.26 -10.02
CA ARG C 71 7.51 -4.79 -11.38
C ARG C 71 6.67 -6.06 -11.34
N THR C 72 7.09 -7.03 -10.52
CA THR C 72 6.40 -8.33 -10.37
C THR C 72 4.99 -8.22 -9.79
N ARG C 73 4.85 -7.46 -8.69
CA ARG C 73 3.56 -7.31 -8.00
C ARG C 73 2.50 -6.61 -8.85
N LEU C 74 2.86 -5.52 -9.51
CA LEU C 74 1.92 -4.84 -10.38
C LEU C 74 1.53 -5.79 -11.52
N SER C 75 2.47 -6.60 -11.94
CA SER C 75 2.22 -7.56 -12.99
C SER C 75 1.12 -8.56 -12.60
N PHE C 76 1.32 -9.22 -11.47
CA PHE C 76 0.35 -10.19 -10.92
C PHE C 76 -0.98 -9.52 -10.66
N GLU C 77 -0.93 -8.39 -9.96
CA GLU C 77 -2.16 -7.67 -9.62
C GLU C 77 -2.95 -7.25 -10.87
N THR C 78 -2.25 -6.86 -11.93
CA THR C 78 -2.88 -6.55 -13.22
C THR C 78 -3.50 -7.83 -13.80
N ALA C 79 -2.75 -8.93 -13.76
CA ALA C 79 -3.21 -10.22 -14.30
C ALA C 79 -4.52 -10.68 -13.62
N ILE C 80 -4.47 -10.72 -12.29
CA ILE C 80 -5.64 -11.01 -11.45
C ILE C 80 -6.94 -10.25 -11.85
N GLN C 81 -6.82 -8.94 -12.02
CA GLN C 81 -7.99 -8.09 -12.25
C GLN C 81 -8.43 -8.09 -13.70
N ARG C 82 -7.46 -8.21 -14.59
CA ARG C 82 -7.67 -8.45 -16.03
C ARG C 82 -8.57 -9.67 -16.28
N LEU C 83 -8.49 -10.66 -15.38
CA LEU C 83 -9.28 -11.90 -15.47
C LEU C 83 -10.56 -11.88 -14.65
N GLY C 84 -10.85 -10.75 -14.00
CA GLY C 84 -12.09 -10.57 -13.24
C GLY C 84 -11.96 -10.87 -11.76
N GLY C 85 -10.73 -11.09 -11.31
CA GLY C 85 -10.47 -11.42 -9.93
C GLY C 85 -10.34 -10.21 -9.04
N SER C 86 -10.42 -10.44 -7.72
CA SER C 86 -10.05 -9.42 -6.73
C SER C 86 -8.68 -9.76 -6.10
N VAL C 87 -8.05 -8.69 -5.63
CA VAL C 87 -6.76 -8.72 -4.95
C VAL C 87 -6.90 -8.35 -3.48
N ILE C 88 -6.25 -9.12 -2.62
CA ILE C 88 -5.94 -8.69 -1.27
C ILE C 88 -4.47 -8.96 -1.07
N GLY C 89 -3.86 -8.31 -0.07
CA GLY C 89 -2.46 -8.55 0.34
C GLY C 89 -1.64 -7.29 0.59
N PHE C 90 -0.33 -7.40 0.53
CA PHE C 90 0.56 -6.30 0.92
C PHE C 90 1.77 -6.22 0.00
N ASP C 91 2.58 -5.18 0.15
CA ASP C 91 3.73 -4.94 -0.75
C ASP C 91 5.11 -5.13 -0.15
N ASN C 92 5.20 -5.03 1.18
CA ASN C 92 6.36 -5.54 1.90
C ASN C 92 5.99 -5.91 3.33
N ALA C 93 6.91 -6.54 4.04
CA ALA C 93 6.64 -6.98 5.41
C ALA C 93 6.81 -5.86 6.46
N GLY C 94 7.63 -4.86 6.15
CA GLY C 94 7.79 -3.69 7.03
C GLY C 94 6.51 -2.88 7.25
N ASN C 95 5.68 -2.81 6.20
CA ASN C 95 4.34 -2.18 6.27
C ASN C 95 3.25 -3.09 6.90
N THR C 96 3.67 -4.23 7.45
CA THR C 96 2.78 -5.30 7.94
C THR C 96 2.82 -5.37 9.48
N SER C 97 1.93 -6.16 10.06
CA SER C 97 1.94 -6.48 11.49
C SER C 97 2.23 -7.97 11.67
N LEU C 98 2.64 -8.59 10.58
CA LEU C 98 2.66 -10.04 10.42
C LEU C 98 4.05 -10.62 10.70
N ALA C 99 4.13 -11.95 10.78
CA ALA C 99 5.39 -12.68 11.04
C ALA C 99 6.30 -11.91 12.02
N LYS C 100 5.73 -11.52 13.16
CA LYS C 100 6.34 -10.53 14.03
C LYS C 100 7.50 -11.16 14.83
N LYS C 101 7.23 -11.66 16.03
CA LYS C 101 8.30 -12.12 16.93
C LYS C 101 7.86 -13.40 17.66
N GLY C 102 8.26 -14.52 17.09
CA GLY C 102 7.72 -15.82 17.48
C GLY C 102 6.68 -16.31 16.48
N GLU C 103 6.00 -15.38 15.80
CA GLU C 103 4.90 -15.73 14.90
C GLU C 103 5.44 -16.45 13.66
N THR C 104 5.03 -17.70 13.42
CA THR C 104 5.56 -18.42 12.26
C THR C 104 5.06 -17.89 10.92
N LEU C 105 5.83 -18.13 9.86
CA LEU C 105 5.32 -17.92 8.52
C LEU C 105 4.16 -18.88 8.28
N ALA C 106 4.34 -20.13 8.69
CA ALA C 106 3.31 -21.15 8.57
C ALA C 106 1.92 -20.65 9.05
N ASP C 107 1.82 -20.25 10.32
CA ASP C 107 0.60 -19.62 10.84
C ASP C 107 0.06 -18.51 9.91
N SER C 108 0.93 -17.61 9.45
CA SER C 108 0.54 -16.50 8.57
C SER C 108 -0.07 -16.96 7.25
N ILE C 109 0.57 -17.93 6.60
CA ILE C 109 0.05 -18.57 5.38
C ILE C 109 -1.29 -19.20 5.69
N SER C 110 -1.33 -20.06 6.71
CA SER C 110 -2.57 -20.74 7.09
C SER C 110 -3.77 -19.78 7.20
N VAL C 111 -3.57 -18.58 7.72
CA VAL C 111 -4.65 -17.62 7.89
C VAL C 111 -5.00 -16.92 6.59
N ILE C 112 -4.02 -16.39 5.89
CA ILE C 112 -4.29 -15.60 4.69
C ILE C 112 -4.79 -16.47 3.52
N SER C 113 -4.17 -17.63 3.31
CA SER C 113 -4.76 -18.75 2.56
C SER C 113 -6.27 -18.89 2.72
N SER C 114 -6.75 -18.96 3.97
CA SER C 114 -8.19 -19.06 4.29
C SER C 114 -9.03 -18.04 3.54
N TYR C 115 -8.46 -16.85 3.40
CA TYR C 115 -9.15 -15.74 2.80
C TYR C 115 -9.35 -15.92 1.29
N ALA C 116 -8.49 -16.71 0.66
CA ALA C 116 -8.31 -16.60 -0.79
C ALA C 116 -8.54 -17.90 -1.50
N ASP C 117 -8.62 -17.81 -2.82
CA ASP C 117 -8.73 -18.98 -3.69
C ASP C 117 -7.39 -19.40 -4.28
N ALA C 118 -6.43 -18.49 -4.23
CA ALA C 118 -5.04 -18.78 -4.57
C ALA C 118 -4.16 -17.81 -3.81
N PHE C 119 -2.91 -18.20 -3.58
CA PHE C 119 -1.99 -17.43 -2.75
C PHE C 119 -0.70 -17.19 -3.53
N VAL C 120 -0.50 -15.96 -3.96
CA VAL C 120 0.75 -15.55 -4.61
C VAL C 120 1.68 -14.94 -3.58
N MET C 121 2.94 -15.36 -3.55
CA MET C 121 3.83 -14.85 -2.53
C MET C 121 5.25 -14.65 -3.03
N ARG C 122 5.87 -13.56 -2.60
CA ARG C 122 7.30 -13.40 -2.74
C ARG C 122 7.88 -13.21 -1.33
N HIS C 123 9.06 -13.79 -1.12
CA HIS C 123 9.67 -13.89 0.21
C HIS C 123 11.19 -13.90 0.08
N PRO C 124 11.88 -13.24 1.04
CA PRO C 124 13.34 -13.25 1.06
C PRO C 124 14.03 -14.61 1.27
N GLN C 125 13.31 -15.64 1.68
CA GLN C 125 13.95 -16.88 2.14
C GLN C 125 13.72 -18.00 1.16
N GLU C 126 14.72 -18.84 0.96
CA GLU C 126 14.59 -19.90 -0.02
C GLU C 126 13.73 -21.00 0.57
N GLY C 127 12.76 -21.48 -0.20
CA GLY C 127 11.87 -22.55 0.25
C GLY C 127 10.53 -22.06 0.77
N ALA C 128 10.34 -20.74 0.82
CA ALA C 128 9.15 -20.16 1.44
C ALA C 128 7.87 -20.50 0.66
N ALA C 129 8.01 -20.72 -0.63
CA ALA C 129 6.85 -21.06 -1.42
C ALA C 129 6.53 -22.54 -1.22
N ARG C 130 7.55 -23.37 -1.01
CA ARG C 130 7.29 -24.78 -0.75
C ARG C 130 6.58 -24.93 0.59
N LEU C 131 7.15 -24.30 1.64
CA LEU C 131 6.52 -24.28 2.95
C LEU C 131 5.07 -23.81 2.83
N ALA C 132 4.86 -22.67 2.18
CA ALA C 132 3.52 -22.15 1.94
C ALA C 132 2.56 -23.19 1.36
N SER C 133 3.03 -23.94 0.36
CA SER C 133 2.19 -24.95 -0.31
C SER C 133 1.75 -26.08 0.64
N GLU C 134 2.43 -26.22 1.77
CA GLU C 134 2.14 -27.27 2.73
C GLU C 134 1.23 -26.79 3.85
N PHE C 135 0.98 -25.50 3.92
CA PHE C 135 0.08 -24.95 4.92
C PHE C 135 -1.12 -24.21 4.31
N SER C 136 -1.28 -24.33 3.00
CA SER C 136 -2.37 -23.70 2.28
C SER C 136 -3.24 -24.75 1.56
N ASN C 137 -4.55 -24.73 1.83
CA ASN C 137 -5.53 -25.56 1.11
C ASN C 137 -5.88 -24.98 -0.24
N VAL C 138 -5.19 -23.93 -0.62
CA VAL C 138 -5.50 -23.20 -1.82
C VAL C 138 -4.17 -23.09 -2.56
N PRO C 139 -4.19 -23.11 -3.90
CA PRO C 139 -2.94 -23.18 -4.64
C PRO C 139 -2.04 -21.94 -4.52
N VAL C 140 -0.82 -22.15 -4.03
CA VAL C 140 0.17 -21.08 -4.01
C VAL C 140 1.00 -20.97 -5.30
N ILE C 141 1.21 -19.73 -5.73
CA ILE C 141 2.12 -19.38 -6.82
C ILE C 141 3.38 -18.69 -6.28
N ASN C 142 4.54 -19.24 -6.59
CA ASN C 142 5.82 -18.69 -6.11
C ASN C 142 6.18 -17.43 -6.90
N GLY C 143 6.05 -16.29 -6.24
CA GLY C 143 6.46 -15.01 -6.83
C GLY C 143 7.96 -14.73 -6.69
N GLY C 144 8.67 -15.66 -6.05
CA GLY C 144 10.10 -15.53 -5.85
C GLY C 144 10.44 -15.86 -4.41
N ASP C 145 11.29 -16.86 -4.21
CA ASP C 145 11.75 -17.22 -2.88
C ASP C 145 13.28 -17.12 -2.80
N GLY C 146 13.76 -15.98 -2.29
CA GLY C 146 15.19 -15.75 -2.12
C GLY C 146 15.95 -15.99 -3.41
N SER C 147 17.10 -16.65 -3.29
CA SER C 147 17.90 -17.00 -4.45
C SER C 147 17.45 -18.29 -5.15
N ASN C 148 16.37 -18.91 -4.70
CA ASN C 148 15.97 -20.21 -5.21
C ASN C 148 15.19 -20.05 -6.53
N GLN C 149 13.87 -20.00 -6.49
CA GLN C 149 13.05 -19.99 -7.71
C GLN C 149 12.32 -18.66 -7.98
N HIS C 150 12.04 -18.38 -9.26
CA HIS C 150 11.17 -17.26 -9.68
C HIS C 150 10.44 -17.69 -10.93
N PRO C 151 9.54 -18.69 -10.80
CA PRO C 151 9.07 -19.36 -12.01
C PRO C 151 8.40 -18.44 -13.01
N THR C 152 7.55 -17.53 -12.54
CA THR C 152 6.80 -16.68 -13.47
C THR C 152 7.71 -15.76 -14.29
N GLN C 153 8.88 -15.42 -13.76
CA GLN C 153 9.89 -14.71 -14.56
C GLN C 153 10.29 -15.57 -15.76
N THR C 154 10.64 -16.83 -15.53
CA THR C 154 10.99 -17.74 -16.62
C THR C 154 9.82 -17.94 -17.58
N LEU C 155 8.61 -17.92 -17.04
CA LEU C 155 7.44 -18.15 -17.84
C LEU C 155 7.18 -16.99 -18.78
N LEU C 156 7.36 -15.76 -18.30
CA LEU C 156 7.23 -14.61 -19.17
C LEU C 156 8.39 -14.55 -20.17
N ASP C 157 9.58 -14.99 -19.76
CA ASP C 157 10.73 -15.11 -20.67
C ASP C 157 10.46 -16.07 -21.84
N LEU C 158 10.05 -17.31 -21.52
CA LEU C 158 9.66 -18.28 -22.55
C LEU C 158 8.47 -17.85 -23.43
N PHE C 159 7.49 -17.22 -22.83
CA PHE C 159 6.36 -16.72 -23.60
C PHE C 159 6.84 -15.71 -24.63
N SER C 160 7.73 -14.82 -24.20
CA SER C 160 8.22 -13.77 -25.10
C SER C 160 9.03 -14.37 -26.23
N ILE C 161 9.84 -15.39 -25.92
CA ILE C 161 10.59 -16.10 -26.95
C ILE C 161 9.60 -16.73 -27.93
N TYR C 162 8.67 -17.51 -27.39
CA TYR C 162 7.65 -18.20 -28.20
C TYR C 162 6.92 -17.22 -29.11
N GLU C 163 6.31 -16.22 -28.49
CA GLU C 163 5.54 -15.23 -29.20
C GLU C 163 6.32 -14.61 -30.38
N THR C 164 7.57 -14.23 -30.16
CA THR C 164 8.36 -13.53 -31.18
C THR C 164 8.99 -14.50 -32.18
N GLN C 165 9.32 -15.71 -31.74
CA GLN C 165 10.03 -16.69 -32.58
C GLN C 165 9.11 -17.73 -33.26
N GLY C 166 7.90 -17.89 -32.76
CA GLY C 166 6.96 -18.84 -33.35
C GLY C 166 7.30 -20.25 -32.98
N ARG C 167 8.20 -20.41 -32.02
CA ARG C 167 8.62 -21.70 -31.53
C ARG C 167 9.46 -21.53 -30.27
N LEU C 168 9.70 -22.66 -29.59
CA LEU C 168 10.70 -22.74 -28.52
C LEU C 168 11.78 -23.82 -28.83
N ASP C 169 11.59 -24.56 -29.92
CA ASP C 169 12.50 -25.62 -30.34
C ASP C 169 13.48 -25.08 -31.37
N ASN C 170 14.73 -25.52 -31.31
CA ASN C 170 15.72 -25.17 -32.31
C ASN C 170 15.98 -23.66 -32.50
N LEU C 171 16.11 -22.94 -31.39
CA LEU C 171 16.45 -21.51 -31.39
C LEU C 171 17.87 -21.32 -30.96
N ASN C 172 18.54 -20.34 -31.56
CA ASN C 172 19.86 -19.91 -31.07
C ASN C 172 19.73 -18.80 -30.02
N ILE C 173 20.26 -19.06 -28.84
CA ILE C 173 20.11 -18.18 -27.69
C ILE C 173 21.44 -17.75 -27.10
N ALA C 174 21.67 -16.44 -27.07
CA ALA C 174 22.82 -15.90 -26.34
C ALA C 174 22.38 -15.45 -24.95
N PHE C 175 23.15 -15.86 -23.94
CA PHE C 175 22.99 -15.40 -22.57
C PHE C 175 24.20 -14.55 -22.24
N VAL C 176 23.98 -13.31 -21.83
CA VAL C 176 25.06 -12.35 -21.63
C VAL C 176 25.02 -11.73 -20.24
N GLY C 177 26.19 -11.67 -19.61
CA GLY C 177 26.37 -10.96 -18.36
C GLY C 177 26.81 -11.86 -17.23
N ASP C 178 26.13 -11.73 -16.10
CA ASP C 178 26.42 -12.52 -14.90
C ASP C 178 25.72 -13.86 -15.00
N LEU C 179 26.40 -14.84 -15.60
CA LEU C 179 25.81 -16.14 -15.76
C LEU C 179 25.92 -16.96 -14.48
N LYS C 180 26.87 -16.60 -13.62
CA LYS C 180 27.20 -17.41 -12.46
C LYS C 180 26.12 -17.32 -11.39
N TYR C 181 25.71 -16.09 -11.06
CA TYR C 181 24.73 -15.84 -10.02
C TYR C 181 23.40 -15.37 -10.59
N GLY C 182 23.25 -15.42 -11.92
CA GLY C 182 22.02 -14.98 -12.58
C GLY C 182 20.94 -16.04 -12.57
N ARG C 183 20.22 -16.13 -11.44
CA ARG C 183 19.24 -17.18 -11.26
C ARG C 183 18.19 -17.22 -12.39
N THR C 184 17.89 -16.06 -12.99
CA THR C 184 17.01 -16.00 -14.15
C THR C 184 17.57 -16.76 -15.35
N VAL C 185 18.88 -16.72 -15.61
CA VAL C 185 19.38 -17.46 -16.75
C VAL C 185 19.39 -18.95 -16.42
N HIS C 186 19.77 -19.30 -15.21
CA HIS C 186 19.80 -20.71 -14.82
C HIS C 186 18.47 -21.40 -15.15
N SER C 187 17.36 -20.73 -14.88
CA SER C 187 16.05 -21.33 -15.12
C SER C 187 15.70 -21.30 -16.61
N LEU C 188 15.92 -20.15 -17.24
CA LEU C 188 15.63 -20.05 -18.67
C LEU C 188 16.42 -21.09 -19.46
N ALA C 189 17.71 -21.18 -19.17
CA ALA C 189 18.55 -22.21 -19.77
C ALA C 189 17.98 -23.59 -19.49
N GLN C 190 17.75 -23.91 -18.22
CA GLN C 190 17.14 -25.19 -17.82
C GLN C 190 15.81 -25.51 -18.54
N ALA C 191 14.95 -24.51 -18.64
CA ALA C 191 13.64 -24.64 -19.27
C ALA C 191 13.76 -24.94 -20.76
N LEU C 192 14.45 -24.09 -21.50
CA LEU C 192 14.67 -24.31 -22.94
C LEU C 192 15.47 -25.60 -23.20
N ALA C 193 16.10 -26.11 -22.15
CA ALA C 193 16.79 -27.36 -22.28
C ALA C 193 15.79 -28.52 -22.29
N LYS C 194 14.57 -28.30 -21.81
CA LYS C 194 13.52 -29.31 -21.92
C LYS C 194 13.00 -29.45 -23.35
N PHE C 195 13.44 -28.56 -24.23
CA PHE C 195 13.07 -28.56 -25.64
C PHE C 195 14.19 -29.13 -26.52
N ASP C 196 13.92 -29.26 -27.81
CA ASP C 196 14.92 -29.74 -28.78
C ASP C 196 15.73 -28.67 -29.47
N GLY C 197 17.04 -28.91 -29.54
CA GLY C 197 17.87 -28.33 -30.58
C GLY C 197 18.31 -26.91 -30.38
N CYS C 198 17.97 -26.32 -29.24
CA CYS C 198 18.52 -25.04 -28.85
C CYS C 198 20.02 -25.16 -28.74
N LYS C 199 20.73 -24.15 -29.22
CA LYS C 199 22.17 -24.05 -29.07
C LYS C 199 22.40 -22.79 -28.27
N PHE C 200 23.05 -22.91 -27.12
CA PHE C 200 23.31 -21.77 -26.22
C PHE C 200 24.67 -21.13 -26.38
N HIS C 201 24.70 -19.81 -26.31
CA HIS C 201 25.93 -19.06 -26.42
C HIS C 201 26.08 -18.22 -25.17
N PHE C 202 27.23 -18.33 -24.51
CA PHE C 202 27.47 -17.71 -23.23
C PHE C 202 28.53 -16.61 -23.33
N ILE C 203 28.15 -15.39 -22.97
CA ILE C 203 29.10 -14.28 -22.95
C ILE C 203 29.11 -13.63 -21.57
N ALA C 204 30.22 -13.83 -20.84
CA ALA C 204 30.40 -13.35 -19.46
C ALA C 204 31.87 -13.11 -19.19
N PRO C 205 32.19 -12.42 -18.09
CA PRO C 205 33.56 -12.47 -17.58
C PRO C 205 33.97 -13.87 -17.12
N ASP C 206 35.27 -14.16 -17.14
CA ASP C 206 35.79 -15.44 -16.65
C ASP C 206 35.26 -15.77 -15.24
N ALA C 207 35.20 -14.76 -14.39
CA ALA C 207 34.66 -14.92 -13.03
C ALA C 207 33.13 -15.15 -12.96
N LEU C 208 32.40 -14.91 -14.04
CA LEU C 208 30.95 -15.07 -14.00
C LEU C 208 30.42 -16.05 -15.03
N ALA C 209 31.15 -17.14 -15.21
CA ALA C 209 30.75 -18.20 -16.14
C ALA C 209 29.49 -18.92 -15.68
N MET C 210 28.85 -19.62 -16.61
CA MET C 210 27.70 -20.46 -16.32
C MET C 210 28.18 -21.58 -15.38
N PRO C 211 27.46 -21.84 -14.28
CA PRO C 211 27.79 -22.90 -13.33
C PRO C 211 28.01 -24.28 -13.94
N GLU C 212 29.09 -24.92 -13.49
CA GLU C 212 29.40 -26.31 -13.80
C GLU C 212 28.17 -27.22 -13.75
N TYR C 213 27.34 -27.06 -12.71
CA TYR C 213 26.15 -27.90 -12.52
C TYR C 213 25.07 -27.68 -13.59
N ILE C 214 24.94 -26.45 -14.07
CA ILE C 214 23.98 -26.15 -15.14
C ILE C 214 24.47 -26.79 -16.44
N CYS C 215 25.78 -26.77 -16.67
CA CYS C 215 26.37 -27.40 -17.88
C CYS C 215 26.21 -28.91 -17.94
N ASP C 216 26.31 -29.56 -16.78
CA ASP C 216 26.06 -30.99 -16.70
C ASP C 216 24.63 -31.27 -17.12
N GLU C 217 23.67 -30.54 -16.53
CA GLU C 217 22.27 -30.64 -16.98
C GLU C 217 22.19 -30.58 -18.51
N LEU C 218 22.76 -29.54 -19.10
CA LEU C 218 22.69 -29.31 -20.54
C LEU C 218 23.31 -30.48 -21.30
N ASP C 219 24.41 -31.01 -20.78
CA ASP C 219 25.02 -32.21 -21.36
C ASP C 219 24.08 -33.42 -21.25
N GLU C 220 23.47 -33.60 -20.06
CA GLU C 220 22.49 -34.67 -19.85
C GLU C 220 21.37 -34.51 -20.87
N GLN C 221 21.07 -33.27 -21.23
CA GLN C 221 19.95 -32.99 -22.12
C GLN C 221 20.34 -32.70 -23.59
N ASN C 222 21.50 -33.20 -24.00
CA ASN C 222 22.00 -33.14 -25.39
C ASN C 222 21.80 -31.77 -26.05
N ILE C 223 22.30 -30.74 -25.37
CA ILE C 223 22.19 -29.35 -25.84
C ILE C 223 23.54 -28.65 -26.00
N SER C 224 23.75 -28.10 -27.18
CA SER C 224 24.97 -27.36 -27.49
C SER C 224 25.07 -26.04 -26.73
N TYR C 225 26.21 -25.86 -26.05
CA TYR C 225 26.62 -24.56 -25.57
C TYR C 225 28.08 -24.28 -25.88
N ALA C 226 28.46 -23.02 -25.87
CA ALA C 226 29.84 -22.61 -26.09
C ALA C 226 30.00 -21.21 -25.52
N THR C 227 31.22 -20.87 -25.14
CA THR C 227 31.52 -19.54 -24.66
C THR C 227 32.17 -18.69 -25.74
N TYR C 228 31.91 -17.39 -25.71
CA TYR C 228 32.47 -16.45 -26.65
C TYR C 228 33.01 -15.22 -25.93
N ALA C 229 33.97 -14.55 -26.55
CA ALA C 229 34.59 -13.37 -25.95
C ALA C 229 33.69 -12.15 -26.06
N SER C 230 32.93 -12.04 -27.15
CA SER C 230 32.09 -10.88 -27.40
C SER C 230 30.65 -11.18 -27.82
N ILE C 231 29.82 -10.16 -27.65
CA ILE C 231 28.44 -10.20 -28.11
C ILE C 231 28.38 -10.13 -29.63
N GLU C 232 29.27 -9.35 -30.24
CA GLU C 232 29.16 -9.01 -31.67
C GLU C 232 29.44 -10.29 -32.46
N GLU C 233 30.53 -10.91 -32.07
CA GLU C 233 31.00 -12.22 -32.52
C GLU C 233 29.84 -13.18 -32.86
N VAL C 234 28.83 -13.26 -31.99
CA VAL C 234 27.74 -14.24 -32.16
C VAL C 234 26.41 -13.69 -32.74
N VAL C 235 26.32 -12.38 -32.97
CA VAL C 235 25.04 -11.78 -33.33
C VAL C 235 24.50 -12.33 -34.65
N PRO C 236 25.37 -12.48 -35.67
CA PRO C 236 24.84 -13.03 -36.93
C PRO C 236 24.09 -14.34 -36.76
N GLU C 237 24.45 -15.14 -35.74
CA GLU C 237 23.90 -16.49 -35.55
C GLU C 237 22.75 -16.57 -34.58
N ILE C 238 22.39 -15.47 -33.94
CA ILE C 238 21.50 -15.51 -32.76
C ILE C 238 20.06 -15.08 -33.06
N ASP C 239 19.12 -15.83 -32.49
CA ASP C 239 17.68 -15.54 -32.58
C ASP C 239 17.19 -14.75 -31.37
N VAL C 240 17.73 -15.08 -30.21
CA VAL C 240 17.39 -14.41 -28.97
C VAL C 240 18.65 -14.00 -28.21
N LEU C 241 18.65 -12.76 -27.74
CA LEU C 241 19.75 -12.22 -26.96
C LEU C 241 19.22 -11.89 -25.56
N TYR C 242 19.69 -12.64 -24.57
CA TYR C 242 19.26 -12.47 -23.20
C TYR C 242 20.35 -11.78 -22.39
N MET C 243 20.10 -10.53 -22.03
CA MET C 243 21.00 -9.73 -21.24
C MET C 243 20.57 -9.77 -19.79
N THR C 244 21.51 -10.11 -18.91
CA THR C 244 21.31 -9.92 -17.50
C THR C 244 22.17 -8.76 -17.09
N ARG C 245 22.12 -8.52 -15.79
CA ARG C 245 22.66 -7.35 -15.13
C ARG C 245 23.98 -7.79 -14.53
N VAL C 246 25.04 -7.03 -14.78
CA VAL C 246 26.38 -7.43 -14.35
C VAL C 246 26.79 -6.58 -13.16
N GLN C 247 26.44 -7.02 -11.95
CA GLN C 247 26.45 -6.11 -10.80
C GLN C 247 27.81 -5.73 -10.21
N LYS C 248 27.81 -4.58 -9.54
CA LYS C 248 29.04 -3.92 -9.08
C LYS C 248 29.61 -4.67 -7.87
N GLU C 249 28.72 -5.14 -7.01
CA GLU C 249 29.03 -6.03 -5.89
C GLU C 249 30.06 -7.15 -6.18
N ARG C 250 30.00 -7.72 -7.39
CA ARG C 250 30.73 -8.96 -7.73
C ARG C 250 32.25 -8.82 -7.96
N PHE C 251 32.73 -7.58 -8.01
CA PHE C 251 34.18 -7.30 -7.99
C PHE C 251 34.40 -6.05 -7.13
N ASP C 252 35.61 -5.50 -7.18
CA ASP C 252 35.86 -4.14 -6.69
C ASP C 252 35.80 -3.19 -7.90
N GLU C 253 36.12 -1.92 -7.69
CA GLU C 253 35.98 -0.89 -8.74
C GLU C 253 36.85 -1.17 -9.95
N THR C 254 38.16 -1.25 -9.73
CA THR C 254 39.11 -1.40 -10.85
C THR C 254 38.69 -2.56 -11.76
N GLU C 255 38.19 -3.65 -11.15
CA GLU C 255 37.71 -4.80 -11.91
C GLU C 255 36.45 -4.50 -12.71
N TYR C 256 35.42 -3.98 -12.05
CA TYR C 256 34.16 -3.65 -12.73
C TYR C 256 34.41 -2.75 -13.96
N GLN C 257 35.04 -1.61 -13.73
CA GLN C 257 35.37 -0.66 -14.80
C GLN C 257 36.02 -1.35 -15.99
N HIS C 258 37.04 -2.15 -15.72
CA HIS C 258 37.74 -2.89 -16.76
C HIS C 258 36.79 -3.87 -17.50
N MET C 259 35.98 -4.63 -16.76
CA MET C 259 35.20 -5.72 -17.36
C MET C 259 33.90 -5.25 -18.03
N LYS C 260 33.31 -4.18 -17.54
CA LYS C 260 31.99 -3.73 -18.02
C LYS C 260 31.92 -3.50 -19.52
N ALA C 261 32.98 -2.93 -20.09
CA ALA C 261 32.98 -2.48 -21.49
C ALA C 261 32.45 -3.53 -22.46
N GLY C 262 33.00 -4.74 -22.37
CA GLY C 262 32.70 -5.79 -23.33
C GLY C 262 31.40 -6.52 -23.09
N PHE C 263 30.60 -6.07 -22.13
CA PHE C 263 29.33 -6.71 -21.84
C PHE C 263 28.15 -5.74 -21.91
N ILE C 264 28.37 -4.60 -22.56
CA ILE C 264 27.31 -3.64 -22.82
C ILE C 264 26.86 -3.77 -24.27
N LEU C 265 25.56 -3.86 -24.46
CA LEU C 265 24.96 -3.91 -25.78
C LEU C 265 24.62 -2.50 -26.29
N SER C 266 25.00 -2.22 -27.53
CA SER C 266 24.61 -0.97 -28.20
C SER C 266 23.93 -1.33 -29.50
N ALA C 267 23.30 -0.34 -30.12
CA ALA C 267 22.72 -0.51 -31.46
C ALA C 267 23.75 -0.96 -32.49
N SER C 268 24.99 -0.50 -32.35
CA SER C 268 26.04 -0.84 -33.31
C SER C 268 26.39 -2.30 -33.18
N SER C 269 26.22 -2.83 -31.97
CA SER C 269 26.41 -4.26 -31.74
C SER C 269 25.50 -5.07 -32.64
N LEU C 270 24.34 -4.50 -32.97
CA LEU C 270 23.27 -5.21 -33.69
C LEU C 270 23.28 -5.01 -35.20
N VAL C 271 24.36 -4.44 -35.73
CA VAL C 271 24.45 -4.15 -37.15
C VAL C 271 24.28 -5.42 -38.02
N HIS C 272 24.66 -6.59 -37.51
CA HIS C 272 24.54 -7.82 -38.30
C HIS C 272 23.50 -8.78 -37.72
N ALA C 273 22.42 -8.22 -37.20
CA ALA C 273 21.40 -9.01 -36.52
C ALA C 273 20.60 -9.78 -37.54
N LYS C 274 20.07 -10.92 -37.14
CA LYS C 274 19.05 -11.57 -37.95
C LYS C 274 17.77 -10.75 -37.79
N PRO C 275 17.00 -10.61 -38.87
CA PRO C 275 15.84 -9.73 -38.78
C PRO C 275 14.82 -10.15 -37.74
N ASN C 276 14.92 -11.40 -37.26
CA ASN C 276 14.03 -11.91 -36.22
C ASN C 276 14.59 -11.81 -34.79
N LEU C 277 15.74 -11.16 -34.66
CA LEU C 277 16.44 -11.10 -33.40
C LEU C 277 15.67 -10.26 -32.41
N LYS C 278 15.39 -10.83 -31.24
CA LYS C 278 14.81 -10.07 -30.15
C LYS C 278 15.77 -10.05 -28.98
N VAL C 279 16.08 -8.82 -28.56
CA VAL C 279 16.80 -8.54 -27.33
C VAL C 279 15.87 -8.59 -26.13
N LEU C 280 16.21 -9.42 -25.16
CA LEU C 280 15.51 -9.52 -23.89
C LEU C 280 16.41 -9.07 -22.75
N HIS C 281 15.77 -8.61 -21.68
CA HIS C 281 16.46 -8.29 -20.43
C HIS C 281 15.39 -8.36 -19.37
N PRO C 282 15.65 -9.02 -18.24
CA PRO C 282 14.58 -9.19 -17.25
C PRO C 282 14.22 -7.92 -16.46
N LEU C 283 15.04 -6.88 -16.60
CA LEU C 283 14.88 -5.59 -15.90
C LEU C 283 15.13 -5.73 -14.39
N PRO C 284 15.67 -4.68 -13.76
CA PRO C 284 15.96 -3.39 -14.33
C PRO C 284 17.28 -3.41 -15.06
N ARG C 285 17.50 -2.36 -15.82
CA ARG C 285 18.61 -2.25 -16.71
C ARG C 285 19.17 -0.87 -16.50
N VAL C 286 20.48 -0.75 -16.34
CA VAL C 286 21.09 0.57 -16.21
C VAL C 286 21.98 0.80 -17.42
N ASP C 287 23.28 0.56 -17.34
CA ASP C 287 24.14 0.88 -18.51
C ASP C 287 24.29 -0.32 -19.49
N GLU C 288 23.84 -1.49 -19.04
CA GLU C 288 24.11 -2.75 -19.73
C GLU C 288 23.49 -2.88 -21.12
N ILE C 289 22.33 -2.25 -21.31
CA ILE C 289 21.77 -2.06 -22.64
C ILE C 289 21.69 -0.55 -22.88
N ALA C 290 22.34 -0.11 -23.95
CA ALA C 290 22.33 1.29 -24.29
C ALA C 290 20.97 1.72 -24.81
N THR C 291 20.62 2.96 -24.48
CA THR C 291 19.41 3.65 -24.92
C THR C 291 19.11 3.57 -26.41
N ASP C 292 20.14 3.58 -27.25
CA ASP C 292 19.93 3.55 -28.71
C ASP C 292 19.41 2.21 -29.24
N VAL C 293 19.39 1.20 -28.36
CA VAL C 293 18.88 -0.13 -28.69
C VAL C 293 17.37 -0.09 -28.67
N ASP C 294 16.81 0.77 -27.82
CA ASP C 294 15.36 0.85 -27.61
C ASP C 294 14.59 1.04 -28.91
N LYS C 295 15.02 2.01 -29.71
CA LYS C 295 14.42 2.32 -31.02
C LYS C 295 14.57 1.24 -32.07
N THR C 296 15.49 0.30 -31.87
CA THR C 296 15.81 -0.69 -32.89
C THR C 296 14.73 -1.75 -33.00
N PRO C 297 14.60 -2.41 -34.16
CA PRO C 297 13.56 -3.44 -34.33
C PRO C 297 13.72 -4.67 -33.45
N TYR C 298 14.82 -4.75 -32.70
CA TYR C 298 15.12 -5.93 -31.92
C TYR C 298 14.76 -5.77 -30.44
N ALA C 299 14.71 -4.54 -29.95
CA ALA C 299 14.38 -4.32 -28.54
C ALA C 299 13.02 -4.91 -28.20
N TYR C 300 13.01 -5.86 -27.26
CA TYR C 300 11.75 -6.47 -26.78
C TYR C 300 11.62 -6.59 -25.24
N TYR C 301 12.53 -5.93 -24.51
CA TYR C 301 12.52 -5.99 -23.04
C TYR C 301 11.26 -5.37 -22.41
N PHE C 302 10.79 -4.26 -22.94
CA PHE C 302 9.51 -3.67 -22.45
C PHE C 302 8.27 -4.47 -22.81
N GLN C 303 8.21 -5.01 -24.03
CA GLN C 303 7.17 -5.97 -24.39
C GLN C 303 7.24 -7.21 -23.50
N GLN C 304 8.45 -7.62 -23.19
CA GLN C 304 8.67 -8.81 -22.37
C GLN C 304 8.12 -8.54 -20.98
N ALA C 305 8.40 -7.36 -20.44
CA ALA C 305 7.91 -6.99 -19.09
C ALA C 305 6.39 -7.04 -19.04
N GLU C 306 5.78 -6.46 -20.06
CA GLU C 306 4.34 -6.51 -20.23
C GLU C 306 3.82 -7.95 -20.33
N ASN C 307 4.56 -8.81 -21.01
CA ASN C 307 4.19 -10.22 -21.08
C ASN C 307 4.17 -10.93 -19.71
N GLY C 308 4.71 -10.26 -18.69
CA GLY C 308 4.53 -10.71 -17.32
C GLY C 308 3.05 -10.82 -16.93
N VAL C 309 2.23 -9.91 -17.44
CA VAL C 309 0.82 -9.91 -17.10
C VAL C 309 0.18 -11.18 -17.66
N TYR C 310 0.43 -11.44 -18.93
CA TYR C 310 -0.25 -12.51 -19.64
C TYR C 310 0.29 -13.89 -19.23
N ALA C 311 1.56 -13.98 -18.82
CA ALA C 311 2.08 -15.26 -18.34
C ALA C 311 1.45 -15.61 -16.99
N ARG C 312 1.39 -14.60 -16.12
CA ARG C 312 0.82 -14.75 -14.81
C ARG C 312 -0.73 -14.95 -14.86
N GLU C 313 -1.40 -14.36 -15.85
CA GLU C 313 -2.81 -14.68 -16.13
C GLU C 313 -2.97 -16.16 -16.46
N ALA C 314 -2.15 -16.63 -17.38
CA ALA C 314 -2.24 -17.99 -17.89
C ALA C 314 -2.13 -18.96 -16.72
N LEU C 315 -1.10 -18.75 -15.93
CA LEU C 315 -0.83 -19.58 -14.77
C LEU C 315 -1.96 -19.56 -13.75
N LEU C 316 -2.45 -18.37 -13.36
CA LEU C 316 -3.60 -18.24 -12.46
C LEU C 316 -4.84 -18.93 -13.02
N ALA C 317 -4.99 -18.85 -14.34
CA ALA C 317 -6.17 -19.38 -15.01
C ALA C 317 -6.19 -20.90 -14.98
N LEU C 318 -5.04 -21.50 -15.33
CA LEU C 318 -4.91 -22.95 -15.45
C LEU C 318 -4.97 -23.57 -14.09
N VAL C 319 -4.36 -22.89 -13.13
CA VAL C 319 -4.40 -23.29 -11.73
C VAL C 319 -5.85 -23.42 -11.19
N LEU C 320 -6.74 -22.50 -11.56
CA LEU C 320 -8.09 -22.43 -10.98
C LEU C 320 -9.23 -22.95 -11.87
N ASN C 321 -9.00 -23.09 -13.16
CA ASN C 321 -10.02 -23.59 -14.08
C ASN C 321 -9.62 -24.93 -14.68
N GLU C 322 -10.48 -25.94 -14.56
CA GLU C 322 -10.20 -27.26 -15.14
C GLU C 322 -9.73 -27.07 -16.57
N THR C 323 -10.59 -26.50 -17.37
CA THR C 323 -10.30 -26.29 -18.78
C THR C 323 -10.44 -24.81 -19.07
N ILE C 324 -9.79 -24.33 -20.13
CA ILE C 324 -9.97 -22.92 -20.60
C ILE C 324 -10.31 -22.84 -22.10
N GLY C 325 -11.38 -22.12 -22.43
CA GLY C 325 -11.84 -21.98 -23.80
C GLY C 325 -11.25 -20.75 -24.50
N GLU C 326 -11.86 -20.38 -25.62
CA GLU C 326 -11.40 -19.28 -26.46
C GLU C 326 -12.43 -18.16 -26.39
N CYS D 12 35.37 25.72 -50.89
CA CYS D 12 34.14 25.74 -51.74
C CYS D 12 33.11 24.66 -51.32
N ASN D 13 31.90 24.80 -51.89
CA ASN D 13 30.76 23.86 -51.72
C ASN D 13 30.36 23.47 -50.28
N GLY D 14 29.42 24.23 -49.72
CA GLY D 14 28.86 23.94 -48.40
C GLY D 14 28.17 25.14 -47.77
N TYR D 15 28.45 25.38 -46.49
CA TYR D 15 27.99 26.60 -45.82
C TYR D 15 29.04 27.14 -44.86
N VAL D 16 28.98 28.44 -44.63
CA VAL D 16 29.92 29.12 -43.73
C VAL D 16 29.15 29.85 -42.65
N ILE D 17 29.65 29.78 -41.43
CA ILE D 17 29.07 30.48 -40.29
C ILE D 17 30.03 31.57 -39.84
N ASP D 18 29.67 32.82 -40.12
CA ASP D 18 30.51 33.98 -39.84
C ASP D 18 29.97 34.79 -38.68
N HIS D 19 30.80 35.68 -38.15
CA HIS D 19 30.45 36.64 -37.10
C HIS D 19 30.05 36.00 -35.78
N ILE D 20 30.62 34.83 -35.53
CA ILE D 20 30.46 34.13 -34.26
C ILE D 20 31.40 34.87 -33.30
N PRO D 21 30.95 35.14 -32.05
CA PRO D 21 31.86 35.83 -31.12
C PRO D 21 32.90 34.90 -30.50
N SER D 22 34.12 35.42 -30.37
CA SER D 22 35.27 34.67 -29.85
C SER D 22 34.97 34.02 -28.51
N GLY D 23 34.95 32.69 -28.50
CA GLY D 23 34.66 31.92 -27.29
C GLY D 23 33.49 31.00 -27.52
N GLN D 24 32.43 31.54 -28.13
CA GLN D 24 31.21 30.79 -28.37
C GLN D 24 31.35 29.84 -29.57
N GLY D 25 32.28 30.13 -30.48
CA GLY D 25 32.44 29.31 -31.69
C GLY D 25 32.79 27.85 -31.44
N VAL D 26 33.71 27.61 -30.50
CA VAL D 26 34.08 26.24 -30.11
C VAL D 26 32.90 25.49 -29.45
N LYS D 27 31.95 26.24 -28.89
CA LYS D 27 30.72 25.65 -28.37
C LYS D 27 29.83 25.16 -29.51
N ILE D 28 29.69 25.99 -30.54
CA ILE D 28 28.94 25.61 -31.76
C ILE D 28 29.43 24.24 -32.31
N LEU D 29 30.74 24.01 -32.29
CA LEU D 29 31.29 22.69 -32.65
C LEU D 29 30.76 21.61 -31.73
N LYS D 30 30.98 21.80 -30.43
CA LYS D 30 30.64 20.80 -29.41
C LYS D 30 29.13 20.51 -29.33
N LEU D 31 28.34 21.57 -29.24
CA LEU D 31 26.88 21.43 -29.01
C LEU D 31 26.09 20.97 -30.23
N PHE D 32 26.56 21.25 -31.44
CA PHE D 32 25.84 20.85 -32.66
C PHE D 32 26.56 19.73 -33.44
N SER D 33 27.59 19.17 -32.82
CA SER D 33 28.30 18.00 -33.35
C SER D 33 28.66 18.15 -34.84
N LEU D 34 29.17 19.32 -35.22
CA LEU D 34 29.47 19.65 -36.63
C LEU D 34 30.65 18.88 -37.24
N THR D 35 31.53 18.37 -36.38
CA THR D 35 32.70 17.61 -36.84
C THR D 35 32.42 16.10 -36.92
N ASP D 36 31.21 15.68 -36.53
CA ASP D 36 30.77 14.28 -36.68
C ASP D 36 30.34 13.98 -38.13
N THR D 37 31.29 14.07 -39.04
CA THR D 37 31.06 13.82 -40.46
C THR D 37 32.35 13.27 -41.05
N LYS D 38 32.33 12.98 -42.36
CA LYS D 38 33.56 12.80 -43.14
C LYS D 38 33.89 14.08 -43.92
N GLN D 39 32.96 15.02 -43.94
CA GLN D 39 33.11 16.31 -44.61
C GLN D 39 34.11 17.23 -43.91
N ARG D 40 35.09 17.73 -44.67
CA ARG D 40 36.07 18.67 -44.15
C ARG D 40 35.37 19.86 -43.49
N VAL D 41 35.76 20.17 -42.26
CA VAL D 41 35.25 21.35 -41.53
C VAL D 41 36.40 22.31 -41.17
N THR D 42 36.31 23.55 -41.62
CA THR D 42 37.36 24.54 -41.41
C THR D 42 36.91 25.52 -40.35
N VAL D 43 37.79 25.82 -39.40
CA VAL D 43 37.43 26.71 -38.31
C VAL D 43 38.59 27.61 -37.92
N GLY D 44 38.30 28.87 -37.68
CA GLY D 44 39.30 29.83 -37.21
C GLY D 44 38.80 30.55 -35.98
N PHE D 45 39.67 30.68 -34.98
CA PHE D 45 39.32 31.31 -33.70
C PHE D 45 40.08 32.61 -33.43
N ASN D 46 39.32 33.67 -33.12
CA ASN D 46 39.85 34.93 -32.57
C ASN D 46 40.60 35.79 -33.60
N LEU D 47 39.86 36.59 -34.35
CA LEU D 47 40.42 37.35 -35.48
C LEU D 47 40.46 38.87 -35.22
N LYS D 55 36.26 37.48 -33.54
CA LYS D 55 35.32 36.69 -34.33
C LYS D 55 35.80 35.25 -34.50
N ASP D 56 34.91 34.28 -34.25
CA ASP D 56 35.14 32.87 -34.62
C ASP D 56 34.46 32.65 -35.99
N LEU D 57 34.88 31.62 -36.72
CA LEU D 57 34.42 31.43 -38.11
C LEU D 57 34.53 29.99 -38.58
N ILE D 58 33.39 29.39 -38.87
CA ILE D 58 33.33 27.96 -39.18
C ILE D 58 32.77 27.74 -40.57
N LYS D 59 33.38 26.83 -41.30
CA LYS D 59 32.92 26.44 -42.64
C LYS D 59 32.86 24.92 -42.70
N VAL D 60 31.86 24.39 -43.42
CA VAL D 60 31.75 22.94 -43.60
C VAL D 60 31.45 22.58 -45.07
N GLU D 61 32.10 21.52 -45.56
CA GLU D 61 31.97 21.10 -46.98
C GLU D 61 30.98 19.93 -47.15
N ASN D 62 30.26 19.93 -48.29
CA ASN D 62 29.31 18.86 -48.64
C ASN D 62 28.12 18.76 -47.68
N THR D 63 27.59 19.90 -47.25
CA THR D 63 26.54 19.92 -46.22
C THR D 63 25.42 20.90 -46.52
N GLU D 64 24.20 20.37 -46.67
CA GLU D 64 22.99 21.18 -46.77
C GLU D 64 22.55 21.59 -45.38
N ILE D 65 21.82 22.70 -45.29
CA ILE D 65 21.36 23.26 -44.01
C ILE D 65 20.24 24.29 -44.24
N THR D 66 19.14 24.17 -43.51
CA THR D 66 17.97 25.05 -43.66
C THR D 66 18.20 26.44 -43.06
N LYS D 67 17.31 27.37 -43.37
CA LYS D 67 17.24 28.63 -42.63
C LYS D 67 16.81 28.36 -41.17
N SER D 68 15.90 27.41 -40.98
CA SER D 68 15.39 27.06 -39.65
C SER D 68 16.40 26.30 -38.79
N GLN D 69 17.28 25.55 -39.44
CA GLN D 69 18.35 24.81 -38.75
C GLN D 69 19.42 25.75 -38.22
N ALA D 70 19.83 26.68 -39.08
CA ALA D 70 20.79 27.72 -38.73
C ALA D 70 20.28 28.60 -37.59
N ASN D 71 18.96 28.80 -37.57
CA ASN D 71 18.32 29.60 -36.53
C ASN D 71 18.50 29.07 -35.10
N GLN D 72 18.79 27.77 -34.96
CA GLN D 72 19.12 27.21 -33.63
C GLN D 72 20.39 27.83 -33.05
N LEU D 73 21.31 28.21 -33.93
CA LEU D 73 22.58 28.82 -33.56
C LEU D 73 22.41 30.23 -32.97
N ALA D 74 21.28 30.85 -33.24
CA ALA D 74 21.02 32.24 -32.85
C ALA D 74 21.20 32.56 -31.36
N LEU D 75 21.25 31.54 -30.52
CA LEU D 75 21.40 31.74 -29.08
C LEU D 75 22.86 31.73 -28.62
N LEU D 76 23.71 31.00 -29.33
CA LEU D 76 25.16 31.01 -29.06
C LEU D 76 25.89 32.15 -29.77
N ALA D 77 25.27 32.68 -30.83
CA ALA D 77 25.85 33.74 -31.64
C ALA D 77 24.76 34.40 -32.51
N PRO D 78 23.89 35.21 -31.88
CA PRO D 78 22.75 35.84 -32.58
C PRO D 78 23.06 36.53 -33.91
N ASN D 79 24.23 37.16 -34.01
CA ASN D 79 24.57 38.03 -35.15
C ASN D 79 25.38 37.32 -36.25
N ALA D 80 25.05 36.07 -36.55
CA ALA D 80 25.93 35.23 -37.37
C ALA D 80 25.40 34.99 -38.77
N THR D 81 26.12 35.52 -39.77
CA THR D 81 25.79 35.31 -41.18
C THR D 81 25.93 33.86 -41.56
N ILE D 82 25.13 33.42 -42.53
CA ILE D 82 25.25 32.08 -43.09
C ILE D 82 25.31 32.13 -44.62
N ASN D 83 26.52 32.24 -45.14
CA ASN D 83 26.76 32.14 -46.56
C ASN D 83 26.63 30.69 -46.99
N ILE D 84 25.66 30.41 -47.84
CA ILE D 84 25.66 29.15 -48.57
C ILE D 84 26.72 29.30 -49.67
N ILE D 85 27.69 28.40 -49.69
CA ILE D 85 28.72 28.38 -50.74
C ILE D 85 28.41 27.29 -51.77
N GLU D 86 28.43 27.66 -53.05
CA GLU D 86 28.09 26.74 -54.14
C GLU D 86 28.99 27.03 -55.35
N ASN D 87 29.93 26.12 -55.63
CA ASN D 87 30.93 26.28 -56.70
C ASN D 87 31.83 27.51 -56.51
N PHE D 88 32.38 27.62 -55.29
CA PHE D 88 33.25 28.74 -54.86
C PHE D 88 32.53 30.09 -54.83
N LYS D 89 31.19 30.05 -54.92
CA LYS D 89 30.36 31.25 -55.07
C LYS D 89 29.28 31.34 -53.98
N VAL D 90 28.93 32.57 -53.61
CA VAL D 90 27.98 32.88 -52.53
C VAL D 90 26.54 32.96 -53.07
N THR D 91 25.82 31.84 -52.96
CA THR D 91 24.48 31.72 -53.51
C THR D 91 23.36 32.07 -52.51
N ASP D 92 23.70 32.33 -51.26
CA ASP D 92 22.71 32.73 -50.25
C ASP D 92 23.39 33.43 -49.07
N LYS D 93 22.57 34.05 -48.22
CA LYS D 93 23.07 34.70 -47.01
C LYS D 93 21.95 34.80 -45.96
N HIS D 94 21.52 33.64 -45.45
CA HIS D 94 20.57 33.57 -44.34
C HIS D 94 21.17 34.19 -43.08
N SER D 95 20.50 35.20 -42.54
CA SER D 95 20.83 35.73 -41.21
C SER D 95 19.94 35.01 -40.20
N LEU D 96 20.19 35.26 -38.92
CA LEU D 96 19.48 34.55 -37.86
C LEU D 96 18.48 35.44 -37.13
N THR D 97 17.30 34.88 -36.90
CA THR D 97 16.38 35.37 -35.88
C THR D 97 16.21 34.26 -34.86
N LEU D 98 15.85 34.64 -33.64
CA LEU D 98 15.55 33.68 -32.58
C LEU D 98 14.46 32.73 -33.07
N PRO D 99 14.64 31.40 -32.87
CA PRO D 99 13.59 30.46 -33.26
C PRO D 99 12.50 30.39 -32.20
N ASN D 100 11.48 29.60 -32.43
CA ASN D 100 10.45 29.42 -31.41
C ASN D 100 10.89 28.42 -30.32
N GLU D 101 11.81 27.52 -30.65
CA GLU D 101 12.14 26.40 -29.79
C GLU D 101 13.57 25.88 -29.98
N VAL D 102 14.26 25.58 -28.86
CA VAL D 102 15.63 25.06 -28.88
C VAL D 102 15.66 23.59 -28.44
N GLU D 103 15.86 22.64 -29.36
CA GLU D 103 16.02 21.22 -28.96
C GLU D 103 17.50 20.96 -28.56
N ASN D 104 17.84 19.75 -28.11
CA ASN D 104 18.98 19.55 -27.17
C ASN D 104 20.24 20.40 -27.41
N VAL D 105 20.30 21.55 -26.76
CA VAL D 105 21.49 22.41 -26.72
C VAL D 105 21.90 22.66 -25.28
N PHE D 106 20.94 23.03 -24.44
CA PHE D 106 21.19 23.47 -23.05
C PHE D 106 20.48 22.60 -22.02
N PRO D 107 21.11 22.39 -20.86
CA PRO D 107 20.45 21.69 -19.79
C PRO D 107 19.55 22.68 -19.07
N CYS D 108 18.49 22.19 -18.46
CA CYS D 108 17.59 23.04 -17.67
C CYS D 108 18.28 23.60 -16.41
N PRO D 109 18.19 24.92 -16.20
CA PRO D 109 18.72 25.49 -14.95
C PRO D 109 18.06 24.97 -13.68
N ASN D 110 16.85 24.40 -13.78
CA ASN D 110 16.12 23.84 -12.62
C ASN D 110 16.71 22.50 -12.22
N SER D 111 17.34 22.41 -11.05
CA SER D 111 18.06 21.17 -10.68
C SER D 111 17.13 19.98 -10.45
N ASN D 112 15.90 20.25 -10.08
CA ASN D 112 14.93 19.22 -9.76
C ASN D 112 14.22 18.67 -11.02
N CYS D 113 14.54 19.29 -12.16
CA CYS D 113 13.85 19.03 -13.41
C CYS D 113 14.04 17.56 -13.77
N ILE D 114 12.95 16.87 -14.09
CA ILE D 114 13.05 15.44 -14.46
C ILE D 114 14.04 15.18 -15.59
N THR D 115 14.45 16.24 -16.25
CA THR D 115 15.20 16.13 -17.48
C THR D 115 16.64 15.60 -17.25
N HIS D 116 17.15 15.81 -16.04
CA HIS D 116 18.57 15.63 -15.78
C HIS D 116 19.15 14.21 -15.85
N GLY D 117 18.77 13.29 -15.00
CA GLY D 117 19.38 11.96 -15.19
C GLY D 117 18.82 11.16 -16.38
N GLU D 118 17.86 11.72 -17.11
CA GLU D 118 16.92 10.93 -17.93
C GLU D 118 17.17 10.98 -19.42
N PRO D 119 16.70 9.95 -20.16
CA PRO D 119 16.90 9.89 -21.61
C PRO D 119 15.83 10.67 -22.34
N VAL D 120 15.91 12.00 -22.21
CA VAL D 120 15.10 12.95 -22.99
C VAL D 120 15.99 14.09 -23.51
N THR D 121 15.63 14.59 -24.68
CA THR D 121 16.28 15.75 -25.27
C THR D 121 15.78 17.03 -24.61
N SER D 122 16.69 17.93 -24.23
CA SER D 122 16.27 19.17 -23.57
C SER D 122 15.52 20.07 -24.55
N SER D 123 14.57 20.84 -24.04
CA SER D 123 13.67 21.61 -24.90
C SER D 123 13.08 22.83 -24.22
N PHE D 124 13.40 24.00 -24.78
CA PHE D 124 12.90 25.27 -24.27
C PHE D 124 12.18 26.02 -25.38
N SER D 125 11.13 26.74 -25.02
CA SER D 125 10.48 27.62 -25.99
C SER D 125 10.79 29.06 -25.64
N ILE D 126 10.84 29.89 -26.68
CA ILE D 126 11.41 31.24 -26.59
C ILE D 126 10.33 32.30 -26.84
N LYS D 127 9.80 32.82 -25.74
CA LYS D 127 8.92 33.96 -25.78
C LYS D 127 9.86 35.16 -25.66
N LYS D 128 9.59 36.19 -26.45
CA LYS D 128 10.34 37.44 -26.38
C LYS D 128 9.44 38.50 -25.75
N THR D 129 9.50 38.61 -24.42
CA THR D 129 8.78 39.66 -23.68
C THR D 129 9.38 41.04 -23.98
N LYS D 130 8.54 42.08 -23.93
CA LYS D 130 8.93 43.48 -24.16
C LYS D 130 10.44 43.68 -24.36
N GLY D 131 11.22 43.46 -23.29
CA GLY D 131 12.69 43.61 -23.35
C GLY D 131 13.45 42.44 -22.75
N ASN D 132 12.80 41.28 -22.64
CA ASN D 132 13.36 40.11 -21.97
C ASN D 132 13.16 38.86 -22.81
N ILE D 133 14.25 38.11 -23.06
CA ILE D 133 14.16 36.86 -23.80
C ILE D 133 14.23 35.70 -22.82
N GLY D 134 13.12 34.98 -22.69
CA GLY D 134 12.99 33.87 -21.76
C GLY D 134 13.08 32.54 -22.47
N LEU D 135 13.57 31.53 -21.76
CA LEU D 135 13.52 30.12 -22.21
C LEU D 135 12.66 29.35 -21.22
N LYS D 136 11.44 29.02 -21.63
CA LYS D 136 10.54 28.21 -20.81
C LYS D 136 10.74 26.75 -21.16
N CYS D 137 11.09 25.98 -20.15
CA CYS D 137 11.39 24.55 -20.31
C CYS D 137 10.15 23.71 -20.59
N LYS D 138 10.23 22.91 -21.66
CA LYS D 138 9.14 22.03 -22.07
C LYS D 138 8.70 21.06 -20.94
N TYR D 139 9.65 20.55 -20.19
CA TYR D 139 9.34 19.60 -19.13
C TYR D 139 8.88 20.28 -17.83
N CYS D 140 9.78 20.90 -17.06
CA CYS D 140 9.41 21.52 -15.78
C CYS D 140 8.55 22.78 -15.86
N GLU D 141 8.40 23.34 -17.06
CA GLU D 141 7.55 24.50 -17.31
C GLU D 141 7.98 25.81 -16.60
N LYS D 142 9.19 25.80 -16.05
CA LYS D 142 9.76 26.99 -15.46
C LYS D 142 10.41 27.84 -16.55
N THR D 143 10.50 29.15 -16.31
CA THR D 143 11.02 30.08 -17.32
C THR D 143 12.31 30.75 -16.83
N PHE D 144 13.32 30.78 -17.70
CA PHE D 144 14.63 31.36 -17.38
C PHE D 144 15.10 32.33 -18.44
N SER D 145 15.77 33.39 -18.00
CA SER D 145 16.32 34.38 -18.93
C SER D 145 17.52 33.82 -19.70
N LYS D 146 17.52 33.99 -21.02
CA LYS D 146 18.54 33.40 -21.91
C LYS D 146 19.90 33.31 -21.22
N ASP D 147 20.39 34.44 -20.70
CA ASP D 147 21.69 34.52 -20.03
C ASP D 147 21.88 33.45 -18.97
N ILE D 148 20.89 33.28 -18.10
CA ILE D 148 20.96 32.26 -17.05
C ILE D 148 21.19 30.88 -17.66
N VAL D 149 20.51 30.60 -18.78
CA VAL D 149 20.61 29.31 -19.46
C VAL D 149 21.89 29.20 -20.30
N THR D 150 22.36 30.31 -20.83
CA THR D 150 23.53 30.35 -21.70
C THR D 150 24.84 29.98 -20.98
N GLU D 151 25.03 30.46 -19.75
CA GLU D 151 26.31 30.34 -19.04
C GLU D 151 26.87 28.90 -18.91
N CYS E 12 -32.38 40.50 42.37
CA CYS E 12 -33.83 40.85 42.10
C CYS E 12 -34.52 40.04 40.99
N ASN E 13 -33.80 39.70 39.93
CA ASN E 13 -34.28 38.75 38.94
C ASN E 13 -33.16 37.79 38.52
N GLY E 14 -33.50 36.52 38.30
CA GLY E 14 -32.51 35.51 37.92
C GLY E 14 -32.28 34.48 39.01
N TYR E 15 -31.06 33.93 39.07
CA TYR E 15 -30.75 32.90 40.06
C TYR E 15 -29.52 33.20 40.90
N VAL E 16 -29.39 32.46 42.00
CA VAL E 16 -28.27 32.58 42.90
C VAL E 16 -27.79 31.18 43.29
N ILE E 17 -26.54 30.88 42.94
CA ILE E 17 -25.91 29.64 43.37
C ILE E 17 -25.23 29.95 44.69
N ASP E 18 -25.57 29.18 45.71
CA ASP E 18 -25.12 29.45 47.07
C ASP E 18 -24.58 28.16 47.66
N HIS E 19 -23.75 28.30 48.70
CA HIS E 19 -23.10 27.18 49.34
C HIS E 19 -22.12 26.48 48.37
N ILE E 20 -21.47 27.29 47.56
CA ILE E 20 -20.35 26.85 46.74
C ILE E 20 -19.16 26.78 47.68
N PRO E 21 -18.53 25.58 47.82
CA PRO E 21 -17.31 25.53 48.61
C PRO E 21 -16.25 26.47 48.06
N SER E 22 -15.50 27.10 48.97
CA SER E 22 -14.44 28.04 48.60
C SER E 22 -13.49 27.48 47.53
N GLY E 23 -13.07 28.33 46.59
CA GLY E 23 -12.15 27.94 45.54
C GLY E 23 -12.77 27.20 44.37
N GLN E 24 -14.04 26.81 44.49
CA GLN E 24 -14.75 26.17 43.38
C GLN E 24 -15.70 27.13 42.67
N GLY E 25 -15.82 28.35 43.21
CA GLY E 25 -16.61 29.41 42.57
C GLY E 25 -16.01 29.83 41.25
N VAL E 26 -14.77 30.31 41.29
CA VAL E 26 -14.03 30.71 40.07
C VAL E 26 -13.99 29.59 39.02
N LYS E 27 -14.04 28.35 39.50
CA LYS E 27 -14.12 27.17 38.61
C LYS E 27 -15.49 27.11 37.95
N ILE E 28 -16.55 27.34 38.73
CA ILE E 28 -17.90 27.45 38.16
C ILE E 28 -17.95 28.62 37.17
N LEU E 29 -17.41 29.79 37.54
CA LEU E 29 -17.35 30.95 36.62
C LEU E 29 -16.65 30.67 35.30
N LYS E 30 -15.48 30.04 35.39
CA LYS E 30 -14.70 29.69 34.20
C LYS E 30 -15.45 28.66 33.37
N LEU E 31 -15.67 27.49 33.96
CA LEU E 31 -16.19 26.31 33.24
C LEU E 31 -17.57 26.45 32.58
N PHE E 32 -18.37 27.41 33.03
CA PHE E 32 -19.70 27.61 32.44
C PHE E 32 -19.90 29.02 31.91
N SER E 33 -18.79 29.70 31.62
CA SER E 33 -18.82 31.08 31.10
C SER E 33 -20.04 31.87 31.60
N LEU E 34 -20.25 31.84 32.92
CA LEU E 34 -21.44 32.46 33.51
C LEU E 34 -21.46 33.97 33.37
N THR E 35 -20.29 34.57 33.16
CA THR E 35 -20.20 36.03 33.01
C THR E 35 -20.31 36.47 31.54
N ASP E 36 -20.65 35.52 30.67
CA ASP E 36 -20.60 35.71 29.21
C ASP E 36 -21.94 36.21 28.59
N THR E 37 -22.61 37.17 29.24
CA THR E 37 -23.64 38.01 28.57
C THR E 37 -23.53 39.43 29.12
N LYS E 38 -24.07 40.40 28.37
CA LYS E 38 -24.25 41.77 28.87
C LYS E 38 -24.95 41.84 30.25
N GLN E 39 -25.69 40.79 30.58
CA GLN E 39 -26.29 40.62 31.91
C GLN E 39 -25.32 40.84 33.07
N ARG E 40 -25.81 41.47 34.14
CA ARG E 40 -25.01 41.70 35.34
C ARG E 40 -24.80 40.41 36.13
N VAL E 41 -23.57 40.19 36.59
CA VAL E 41 -23.22 39.03 37.40
C VAL E 41 -22.40 39.47 38.62
N THR E 42 -22.85 39.01 39.79
CA THR E 42 -22.26 39.38 41.07
C THR E 42 -21.64 38.15 41.69
N VAL E 43 -20.49 38.31 42.33
CA VAL E 43 -19.83 37.20 42.99
C VAL E 43 -19.05 37.61 44.22
N GLY E 44 -19.32 36.90 45.31
CA GLY E 44 -18.54 37.02 46.52
C GLY E 44 -17.75 35.74 46.71
N PHE E 45 -16.46 35.89 47.00
CA PHE E 45 -15.59 34.73 47.27
C PHE E 45 -15.17 34.73 48.73
N ASN E 46 -15.04 33.54 49.30
CA ASN E 46 -14.51 33.37 50.65
C ASN E 46 -15.37 34.08 51.69
N LEU E 47 -16.64 33.70 51.73
CA LEU E 47 -17.60 34.23 52.72
C LEU E 47 -17.78 33.17 53.81
N PRO E 48 -17.81 33.60 55.08
CA PRO E 48 -18.13 32.70 56.20
C PRO E 48 -19.47 31.97 56.05
N LYS E 55 -16.87 29.87 51.79
CA LYS E 55 -18.22 29.89 50.94
C LYS E 55 -18.04 30.85 49.82
N ASP E 56 -18.50 30.45 48.66
CA ASP E 56 -18.54 31.30 47.49
C ASP E 56 -20.02 31.45 47.14
N LEU E 57 -20.37 32.56 46.52
CA LEU E 57 -21.77 32.91 46.23
C LEU E 57 -21.88 33.53 44.85
N ILE E 58 -22.82 33.07 44.04
CA ILE E 58 -22.99 33.63 42.71
C ILE E 58 -24.42 34.09 42.49
N LYS E 59 -24.55 35.28 41.90
CA LYS E 59 -25.84 35.92 41.63
C LYS E 59 -25.81 36.37 40.17
N VAL E 60 -26.85 36.04 39.41
CA VAL E 60 -26.95 36.49 38.01
C VAL E 60 -28.32 37.15 37.74
N GLU E 61 -28.34 38.18 36.89
CA GLU E 61 -29.54 39.00 36.63
C GLU E 61 -30.36 38.47 35.44
N ASN E 62 -31.68 38.60 35.52
CA ASN E 62 -32.60 38.33 34.40
C ASN E 62 -32.46 36.99 33.65
N THR E 63 -31.79 36.02 34.24
CA THR E 63 -31.49 34.76 33.55
C THR E 63 -32.13 33.57 34.26
N GLU E 64 -32.71 32.67 33.47
CA GLU E 64 -33.33 31.44 34.00
C GLU E 64 -32.30 30.31 34.13
N ILE E 65 -32.73 29.17 34.66
CA ILE E 65 -31.87 27.98 34.75
C ILE E 65 -32.67 26.72 35.12
N THR E 66 -32.55 25.67 34.30
CA THR E 66 -33.29 24.41 34.53
C THR E 66 -32.74 23.60 35.71
N LYS E 67 -33.56 22.67 36.20
CA LYS E 67 -33.11 21.66 37.16
C LYS E 67 -31.96 20.86 36.55
N SER E 68 -32.09 20.54 35.26
CA SER E 68 -31.01 19.94 34.46
C SER E 68 -29.76 20.83 34.50
N GLN E 69 -29.80 21.94 33.75
CA GLN E 69 -28.68 22.87 33.64
C GLN E 69 -27.87 23.00 34.92
N ALA E 70 -28.56 23.13 36.06
CA ALA E 70 -27.90 23.31 37.36
C ALA E 70 -27.05 22.10 37.76
N ASN E 71 -27.62 20.90 37.70
CA ASN E 71 -26.92 19.66 38.10
C ASN E 71 -25.48 19.50 37.56
N GLN E 72 -25.21 20.05 36.38
CA GLN E 72 -23.86 20.18 35.85
C GLN E 72 -22.94 20.69 36.95
N LEU E 73 -23.39 21.74 37.63
CA LEU E 73 -22.62 22.34 38.73
C LEU E 73 -22.30 21.39 39.88
N ALA E 74 -23.15 20.38 40.09
CA ALA E 74 -22.98 19.41 41.20
C ALA E 74 -21.55 18.93 41.37
N LEU E 75 -20.91 18.61 40.25
CA LEU E 75 -19.53 18.10 40.28
C LEU E 75 -18.56 19.07 40.97
N LEU E 76 -18.81 20.35 40.79
CA LEU E 76 -17.94 21.39 41.33
C LEU E 76 -18.41 21.91 42.70
N ALA E 77 -19.71 21.88 42.92
CA ALA E 77 -20.31 22.29 44.19
C ALA E 77 -21.49 21.39 44.53
N PRO E 78 -21.22 20.20 45.07
CA PRO E 78 -22.23 19.15 45.19
C PRO E 78 -23.29 19.34 46.28
N ASN E 79 -23.23 20.45 47.03
CA ASN E 79 -24.22 20.77 48.05
C ASN E 79 -24.65 22.22 47.92
N ALA E 80 -24.78 22.68 46.68
CA ALA E 80 -25.11 24.07 46.40
C ALA E 80 -26.62 24.28 46.40
N THR E 81 -27.09 25.29 47.12
CA THR E 81 -28.51 25.67 47.11
C THR E 81 -28.72 26.69 46.00
N ILE E 82 -29.46 26.29 44.96
CA ILE E 82 -29.80 27.20 43.87
C ILE E 82 -31.19 27.82 44.10
N ASN E 83 -31.25 29.14 43.95
CA ASN E 83 -32.49 29.90 44.19
C ASN E 83 -32.94 30.60 42.92
N ILE E 84 -34.25 30.62 42.68
CA ILE E 84 -34.83 31.42 41.59
C ILE E 84 -35.49 32.66 42.18
N ILE E 85 -34.96 33.84 41.83
CA ILE E 85 -35.47 35.10 42.35
C ILE E 85 -36.33 35.80 41.30
N GLU E 86 -37.62 35.93 41.59
CA GLU E 86 -38.58 36.65 40.75
C GLU E 86 -39.12 37.80 41.58
N ASN E 87 -38.69 39.03 41.25
CA ASN E 87 -39.00 40.23 42.02
C ASN E 87 -38.44 40.15 43.43
N PHE E 88 -37.12 40.22 43.52
CA PHE E 88 -36.41 40.27 44.81
C PHE E 88 -36.96 39.24 45.83
N LYS E 89 -37.57 38.18 45.32
CA LYS E 89 -38.27 37.19 46.15
C LYS E 89 -38.05 35.78 45.59
N VAL E 90 -37.67 34.85 46.47
CA VAL E 90 -37.42 33.44 46.12
C VAL E 90 -38.68 32.72 45.59
N THR E 91 -38.58 32.11 44.41
CA THR E 91 -39.70 31.36 43.82
C THR E 91 -39.42 29.87 43.56
N ASP E 92 -38.29 29.37 44.05
CA ASP E 92 -37.98 27.93 43.98
C ASP E 92 -36.63 27.66 44.66
N LYS E 93 -36.37 26.39 44.97
CA LYS E 93 -35.06 25.97 45.52
C LYS E 93 -34.62 24.56 45.08
N HIS E 94 -33.84 24.48 43.99
CA HIS E 94 -33.22 23.20 43.58
C HIS E 94 -32.00 22.92 44.47
N SER E 95 -31.89 21.68 44.93
CA SER E 95 -30.64 21.16 45.53
C SER E 95 -30.02 20.17 44.56
N LEU E 96 -28.77 20.42 44.16
CA LEU E 96 -28.16 19.75 43.00
C LEU E 96 -28.07 18.23 43.10
N THR E 97 -28.74 17.52 42.18
CA THR E 97 -28.62 16.06 42.06
C THR E 97 -27.49 15.73 41.11
N LEU E 98 -26.86 14.57 41.29
CA LEU E 98 -25.83 14.13 40.36
C LEU E 98 -26.50 13.80 39.01
N PRO E 99 -26.00 14.38 37.90
CA PRO E 99 -26.69 14.31 36.61
C PRO E 99 -26.46 13.07 35.78
N ASN E 100 -27.15 13.02 34.65
CA ASN E 100 -26.99 11.93 33.68
C ASN E 100 -25.61 11.97 33.04
N GLU E 101 -25.26 13.15 32.50
CA GLU E 101 -23.99 13.34 31.82
C GLU E 101 -23.38 14.69 32.13
N VAL E 102 -22.14 14.85 31.70
CA VAL E 102 -21.39 16.09 31.86
C VAL E 102 -20.74 16.43 30.54
N GLU E 103 -21.35 17.34 29.79
CA GLU E 103 -20.83 17.73 28.48
C GLU E 103 -19.96 18.99 28.55
N ASN E 104 -19.02 19.05 27.61
CA ASN E 104 -17.86 19.98 27.56
C ASN E 104 -17.47 20.78 28.80
N VAL E 105 -17.29 20.09 29.91
CA VAL E 105 -16.80 20.71 31.16
C VAL E 105 -15.37 20.28 31.45
N PHE E 106 -15.16 18.98 31.67
CA PHE E 106 -13.82 18.45 31.99
C PHE E 106 -13.17 17.75 30.82
N PRO E 107 -11.84 17.81 30.76
CA PRO E 107 -11.13 17.04 29.78
C PRO E 107 -11.00 15.58 30.21
N CYS E 108 -10.78 14.70 29.24
CA CYS E 108 -10.63 13.28 29.52
C CYS E 108 -9.24 12.93 30.11
N PRO E 109 -9.21 12.34 31.33
CA PRO E 109 -7.91 11.98 31.97
C PRO E 109 -7.03 11.00 31.19
N ASN E 110 -7.64 10.19 30.31
CA ASN E 110 -6.92 9.32 29.36
C ASN E 110 -6.16 10.17 28.36
N SER E 111 -4.82 10.13 28.41
CA SER E 111 -4.02 10.97 27.52
C SER E 111 -4.05 10.48 26.08
N ASN E 112 -4.38 9.22 25.87
CA ASN E 112 -4.42 8.70 24.51
C ASN E 112 -5.77 8.91 23.84
N CYS E 113 -6.74 9.42 24.60
CA CYS E 113 -8.11 9.54 24.12
C CYS E 113 -8.17 10.45 22.91
N ILE E 114 -8.93 10.03 21.89
CA ILE E 114 -9.04 10.80 20.65
C ILE E 114 -9.54 12.27 20.84
N THR E 115 -10.12 12.53 21.99
CA THR E 115 -10.86 13.75 22.28
C THR E 115 -10.00 15.04 22.26
N HIS E 116 -8.70 14.90 22.41
CA HIS E 116 -7.88 16.02 22.84
C HIS E 116 -7.60 17.15 21.86
N GLY E 117 -6.88 16.91 20.77
CA GLY E 117 -6.70 18.00 19.80
C GLY E 117 -7.85 18.15 18.82
N GLU E 118 -9.01 17.55 19.10
CA GLU E 118 -10.08 17.41 18.09
C GLU E 118 -11.33 18.26 18.33
N PRO E 119 -12.02 18.62 17.25
CA PRO E 119 -13.24 19.43 17.39
C PRO E 119 -14.41 18.58 17.89
N VAL E 120 -14.26 18.00 19.07
CA VAL E 120 -15.39 17.39 19.75
C VAL E 120 -15.55 17.94 21.15
N THR E 121 -16.74 17.74 21.66
CA THR E 121 -17.11 18.15 22.99
C THR E 121 -16.82 16.96 23.91
N SER E 122 -16.16 17.23 25.03
CA SER E 122 -15.94 16.19 26.03
C SER E 122 -17.30 15.75 26.56
N SER E 123 -17.37 14.51 27.02
CA SER E 123 -18.63 13.97 27.46
C SER E 123 -18.40 12.75 28.33
N PHE E 124 -18.95 12.78 29.55
CA PHE E 124 -18.86 11.66 30.49
C PHE E 124 -20.24 11.32 31.03
N SER E 125 -20.59 10.05 30.99
CA SER E 125 -21.82 9.59 31.63
C SER E 125 -21.45 9.16 33.04
N ILE E 126 -22.42 9.27 33.95
CA ILE E 126 -22.14 9.27 35.38
C ILE E 126 -22.74 8.05 36.09
N LYS E 127 -21.87 7.11 36.50
CA LYS E 127 -22.29 5.90 37.22
C LYS E 127 -22.20 6.11 38.72
N ASN E 132 -18.98 5.00 45.60
CA ASN E 132 -18.05 5.40 44.53
C ASN E 132 -18.78 5.95 43.28
N ILE E 133 -18.31 7.10 42.78
CA ILE E 133 -18.96 7.81 41.65
C ILE E 133 -18.05 7.90 40.43
N GLY E 134 -18.51 7.37 39.30
CA GLY E 134 -17.65 7.15 38.14
C GLY E 134 -18.06 7.83 36.83
N LEU E 135 -17.20 8.70 36.34
CA LEU E 135 -17.37 9.34 35.03
C LEU E 135 -16.77 8.44 33.94
N LYS E 136 -17.61 7.97 33.02
CA LYS E 136 -17.18 7.11 31.92
C LYS E 136 -17.20 7.90 30.62
N CYS E 137 -16.09 7.81 29.88
CA CYS E 137 -15.90 8.60 28.67
C CYS E 137 -16.72 8.09 27.48
N LYS E 138 -17.63 8.94 27.00
CA LYS E 138 -18.42 8.65 25.80
C LYS E 138 -17.52 8.15 24.68
N TYR E 139 -16.36 8.79 24.52
CA TYR E 139 -15.40 8.44 23.49
C TYR E 139 -14.55 7.18 23.77
N CYS E 140 -13.50 7.30 24.57
CA CYS E 140 -12.61 6.16 24.80
C CYS E 140 -13.21 5.06 25.67
N GLU E 141 -14.34 5.35 26.31
CA GLU E 141 -15.08 4.34 27.09
C GLU E 141 -14.37 3.87 28.36
N LYS E 142 -13.33 4.60 28.79
CA LYS E 142 -12.72 4.34 30.09
C LYS E 142 -13.47 5.13 31.17
N THR E 143 -13.60 4.53 32.35
CA THR E 143 -14.26 5.17 33.50
C THR E 143 -13.24 5.64 34.51
N PHE E 144 -13.45 6.84 35.05
CA PHE E 144 -12.59 7.38 36.10
C PHE E 144 -13.42 7.88 37.27
N SER E 145 -12.85 7.82 38.46
CA SER E 145 -13.48 8.40 39.64
C SER E 145 -13.61 9.91 39.49
N LYS E 146 -14.74 10.44 39.97
CA LYS E 146 -15.04 11.87 39.93
C LYS E 146 -13.80 12.70 40.24
N ASP E 147 -13.11 12.34 41.31
CA ASP E 147 -11.95 13.10 41.77
C ASP E 147 -10.81 13.15 40.76
N ILE E 148 -10.61 12.06 40.02
CA ILE E 148 -9.50 12.01 39.05
C ILE E 148 -9.77 13.03 37.97
N VAL E 149 -11.03 13.06 37.54
CA VAL E 149 -11.48 13.95 36.47
C VAL E 149 -11.59 15.37 36.97
N THR E 150 -12.12 15.52 38.19
CA THR E 150 -12.33 16.83 38.81
C THR E 150 -11.06 17.67 38.89
N GLU E 151 -10.02 17.12 39.50
CA GLU E 151 -8.76 17.84 39.64
C GLU E 151 -7.90 17.73 38.39
N TYR F 15 15.93 -56.25 16.96
CA TYR F 15 17.09 -56.10 16.01
C TYR F 15 18.37 -55.56 16.70
N VAL F 16 19.50 -55.67 16.00
CA VAL F 16 20.79 -55.19 16.51
C VAL F 16 21.67 -54.66 15.38
N ILE F 17 22.22 -53.46 15.59
CA ILE F 17 23.01 -52.76 14.56
C ILE F 17 24.50 -52.87 14.88
N ASP F 18 25.26 -53.50 13.99
CA ASP F 18 26.70 -53.74 14.20
C ASP F 18 27.57 -52.83 13.33
N HIS F 19 28.88 -52.89 13.56
CA HIS F 19 29.91 -52.19 12.75
C HIS F 19 29.81 -50.66 12.69
N ILE F 20 29.22 -50.05 13.71
CA ILE F 20 29.06 -48.58 13.79
C ILE F 20 30.38 -47.92 14.23
N PRO F 21 30.80 -46.84 13.53
CA PRO F 21 32.01 -46.08 13.98
C PRO F 21 31.92 -45.54 15.41
N SER F 22 33.03 -45.62 16.15
CA SER F 22 33.06 -45.20 17.55
C SER F 22 33.03 -43.68 17.67
N GLY F 23 31.92 -43.15 18.20
CA GLY F 23 31.72 -41.71 18.32
C GLY F 23 30.54 -41.20 17.50
N GLN F 24 30.30 -41.84 16.36
CA GLN F 24 29.11 -41.59 15.55
C GLN F 24 27.89 -42.45 15.98
N GLY F 25 28.12 -43.43 16.85
CA GLY F 25 27.06 -44.33 17.31
C GLY F 25 26.15 -43.71 18.34
N VAL F 26 26.72 -42.91 19.24
CA VAL F 26 25.92 -42.09 20.15
C VAL F 26 24.91 -41.22 19.39
N LYS F 27 25.36 -40.67 18.26
CA LYS F 27 24.54 -39.77 17.43
C LYS F 27 23.27 -40.45 16.89
N ILE F 28 23.33 -41.76 16.66
CA ILE F 28 22.18 -42.52 16.19
C ILE F 28 21.05 -42.52 17.23
N LEU F 29 21.42 -42.81 18.47
CA LEU F 29 20.45 -42.85 19.57
C LEU F 29 19.71 -41.52 19.66
N LYS F 30 20.48 -40.43 19.64
CA LYS F 30 19.92 -39.08 19.75
C LYS F 30 19.06 -38.72 18.55
N LEU F 31 19.69 -38.64 17.37
CA LEU F 31 19.02 -38.20 16.15
C LEU F 31 17.83 -39.06 15.71
N PHE F 32 17.82 -40.34 16.10
CA PHE F 32 16.70 -41.23 15.75
C PHE F 32 15.78 -41.60 16.92
N SER F 33 16.00 -40.98 18.09
CA SER F 33 15.16 -41.20 19.27
C SER F 33 14.83 -42.69 19.48
N LEU F 34 15.89 -43.51 19.52
CA LEU F 34 15.76 -44.96 19.71
C LEU F 34 15.44 -45.35 21.16
N THR F 35 15.65 -44.42 22.08
CA THR F 35 15.45 -44.66 23.51
C THR F 35 14.05 -44.25 23.98
N ASP F 36 13.09 -44.24 23.04
CA ASP F 36 11.80 -43.61 23.27
C ASP F 36 10.69 -44.55 23.75
N THR F 37 10.69 -45.79 23.23
CA THR F 37 9.64 -46.77 23.60
C THR F 37 9.87 -47.37 24.98
N LYS F 38 8.83 -48.05 25.47
CA LYS F 38 8.96 -48.85 26.69
C LYS F 38 9.99 -49.98 26.49
N GLN F 39 10.05 -50.53 25.28
CA GLN F 39 10.93 -51.68 24.96
C GLN F 39 12.40 -51.44 25.35
N ARG F 40 13.07 -52.51 25.80
CA ARG F 40 14.46 -52.41 26.30
C ARG F 40 15.46 -52.10 25.18
N VAL F 41 16.46 -51.29 25.50
CA VAL F 41 17.48 -50.89 24.53
C VAL F 41 18.85 -50.92 25.19
N THR F 42 19.84 -51.47 24.49
CA THR F 42 21.19 -51.63 25.03
C THR F 42 22.21 -51.09 24.05
N VAL F 43 23.27 -50.51 24.59
CA VAL F 43 24.30 -49.87 23.78
C VAL F 43 25.69 -50.09 24.37
N GLY F 44 26.66 -50.38 23.50
CA GLY F 44 28.06 -50.49 23.88
C GLY F 44 28.94 -49.61 23.00
N PHE F 45 29.74 -48.76 23.63
CA PHE F 45 30.62 -47.82 22.92
C PHE F 45 32.07 -48.31 22.98
N ASN F 46 32.73 -48.36 21.81
CA ASN F 46 34.15 -48.76 21.68
C ASN F 46 34.36 -50.30 21.84
N LEU F 47 34.85 -50.97 20.78
CA LEU F 47 35.26 -52.39 20.88
C LEU F 47 36.13 -52.82 19.71
N LYS F 55 34.61 -49.48 17.69
CA LYS F 55 33.28 -49.56 17.11
C LYS F 55 32.18 -49.50 18.18
N ASP F 56 31.11 -48.76 17.90
CA ASP F 56 29.91 -48.75 18.74
C ASP F 56 28.94 -49.86 18.29
N LEU F 57 27.94 -50.15 19.12
CA LEU F 57 26.94 -51.19 18.83
C LEU F 57 25.64 -50.91 19.58
N ILE F 58 24.50 -51.32 18.99
CA ILE F 58 23.18 -51.13 19.61
C ILE F 58 22.31 -52.38 19.45
N LYS F 59 21.57 -52.71 20.49
CA LYS F 59 20.57 -53.79 20.46
C LYS F 59 19.22 -53.22 20.90
N VAL F 60 18.14 -53.63 20.22
CA VAL F 60 16.79 -53.06 20.43
C VAL F 60 15.74 -54.17 20.62
N GLU F 61 15.32 -54.37 21.87
CA GLU F 61 14.41 -55.45 22.25
C GLU F 61 12.94 -55.17 21.88
N ASN F 62 12.34 -56.09 21.13
CA ASN F 62 10.94 -56.01 20.74
C ASN F 62 10.55 -54.70 20.06
N THR F 63 11.05 -54.53 18.84
CA THR F 63 10.64 -53.46 17.94
C THR F 63 10.96 -53.90 16.51
N GLU F 64 10.10 -53.53 15.57
CA GLU F 64 10.29 -53.86 14.15
C GLU F 64 10.86 -52.67 13.37
N ILE F 65 11.52 -52.97 12.25
CA ILE F 65 12.12 -51.95 11.36
C ILE F 65 12.23 -52.50 9.93
N THR F 66 11.81 -51.69 8.95
CA THR F 66 11.89 -52.08 7.53
C THR F 66 13.31 -52.00 7.01
N LYS F 67 13.56 -52.62 5.86
CA LYS F 67 14.79 -52.41 5.11
C LYS F 67 14.84 -50.96 4.59
N SER F 68 13.67 -50.35 4.41
CA SER F 68 13.56 -48.92 4.08
C SER F 68 14.16 -48.04 5.17
N GLN F 69 13.57 -48.10 6.37
CA GLN F 69 13.95 -47.23 7.49
C GLN F 69 15.37 -47.49 7.99
N ALA F 70 15.84 -48.71 7.83
CA ALA F 70 17.22 -49.06 8.15
C ALA F 70 18.23 -48.12 7.47
N ASN F 71 17.93 -47.75 6.22
CA ASN F 71 18.85 -46.94 5.39
C ASN F 71 19.05 -45.50 5.86
N GLN F 72 18.08 -44.94 6.59
CA GLN F 72 18.22 -43.57 7.13
C GLN F 72 19.56 -43.44 7.86
N LEU F 73 19.94 -44.51 8.54
CA LEU F 73 21.18 -44.58 9.34
C LEU F 73 22.44 -44.44 8.48
N ALA F 74 22.39 -45.00 7.27
CA ALA F 74 23.57 -45.08 6.38
C ALA F 74 24.41 -43.80 6.30
N LEU F 75 23.75 -42.64 6.46
CA LEU F 75 24.40 -41.34 6.41
C LEU F 75 25.52 -41.19 7.46
N LEU F 76 25.30 -41.76 8.63
CA LEU F 76 26.25 -41.62 9.76
C LEU F 76 27.24 -42.77 9.87
N ALA F 77 26.76 -44.01 9.67
CA ALA F 77 27.61 -45.19 9.64
C ALA F 77 27.62 -45.78 8.23
N PRO F 78 28.61 -45.38 7.40
CA PRO F 78 28.57 -45.74 5.98
C PRO F 78 28.54 -47.25 5.68
N ASN F 79 29.29 -48.05 6.43
CA ASN F 79 29.38 -49.50 6.18
C ASN F 79 29.08 -50.33 7.44
N ALA F 80 27.80 -50.46 7.77
CA ALA F 80 27.37 -51.03 9.06
C ALA F 80 26.31 -52.13 8.93
N THR F 81 26.60 -53.29 9.53
CA THR F 81 25.70 -54.45 9.47
C THR F 81 24.48 -54.26 10.38
N ILE F 82 23.31 -54.59 9.85
CA ILE F 82 22.06 -54.58 10.64
C ILE F 82 21.46 -55.97 10.64
N ASN F 83 21.66 -56.68 11.76
CA ASN F 83 21.11 -58.03 11.99
C ASN F 83 19.78 -57.92 12.74
N ILE F 84 19.00 -59.00 12.77
CA ILE F 84 17.72 -58.99 13.50
C ILE F 84 17.51 -60.24 14.36
N ILE F 85 17.17 -60.04 15.63
CA ILE F 85 16.75 -61.14 16.50
C ILE F 85 15.24 -61.34 16.40
N GLU F 86 14.85 -62.54 16.00
CA GLU F 86 13.54 -63.08 16.27
C GLU F 86 13.82 -64.52 16.70
N ASN F 87 13.65 -64.79 17.99
CA ASN F 87 13.82 -66.13 18.60
C ASN F 87 15.27 -66.44 19.04
N PHE F 88 15.89 -65.49 19.72
CA PHE F 88 17.23 -65.66 20.34
C PHE F 88 18.39 -65.91 19.35
N LYS F 89 18.14 -65.72 18.05
CA LYS F 89 19.17 -65.93 17.03
C LYS F 89 18.80 -65.20 15.74
N VAL F 90 19.79 -65.02 14.88
CA VAL F 90 19.64 -64.21 13.66
C VAL F 90 18.61 -64.84 12.71
N THR F 91 17.81 -64.01 12.05
CA THR F 91 16.89 -64.47 11.00
C THR F 91 17.21 -63.80 9.64
N ASP F 92 17.54 -62.51 9.68
CA ASP F 92 17.87 -61.72 8.48
C ASP F 92 19.04 -60.78 8.76
N LYS F 93 19.77 -60.38 7.72
CA LYS F 93 20.93 -59.48 7.85
C LYS F 93 20.95 -58.34 6.80
N HIS F 94 20.19 -57.27 7.07
CA HIS F 94 20.15 -56.09 6.19
C HIS F 94 21.50 -55.38 6.17
N SER F 95 22.00 -55.12 4.96
CA SER F 95 23.17 -54.28 4.76
C SER F 95 22.66 -52.99 4.11
N LEU F 96 23.20 -51.85 4.53
CA LEU F 96 22.63 -50.53 4.19
C LEU F 96 23.16 -49.91 2.89
N THR F 97 22.26 -49.29 2.12
CA THR F 97 22.61 -48.40 1.01
C THR F 97 22.16 -46.99 1.36
N LEU F 98 22.60 -46.01 0.57
CA LEU F 98 22.10 -44.63 0.70
C LEU F 98 20.65 -44.57 0.18
N PRO F 99 19.70 -44.10 1.02
CA PRO F 99 18.31 -43.99 0.58
C PRO F 99 18.10 -42.75 -0.25
N ASN F 100 16.89 -42.59 -0.78
CA ASN F 100 16.58 -41.42 -1.61
C ASN F 100 16.44 -40.16 -0.77
N GLU F 101 16.01 -40.34 0.48
CA GLU F 101 15.51 -39.26 1.32
C GLU F 101 16.18 -39.22 2.69
N VAL F 102 16.23 -38.05 3.30
CA VAL F 102 16.64 -37.94 4.71
C VAL F 102 15.67 -37.04 5.49
N GLU F 103 14.51 -37.60 5.83
CA GLU F 103 13.51 -36.86 6.60
C GLU F 103 14.03 -36.58 8.01
N ASN F 104 13.64 -35.42 8.54
CA ASN F 104 14.23 -34.76 9.73
C ASN F 104 15.32 -35.47 10.53
N VAL F 105 16.53 -35.41 10.00
CA VAL F 105 17.73 -35.89 10.69
C VAL F 105 18.67 -34.70 10.89
N PHE F 106 18.98 -34.03 9.78
CA PHE F 106 19.95 -32.93 9.78
C PHE F 106 19.28 -31.59 9.49
N PRO F 107 19.82 -30.52 10.08
CA PRO F 107 19.33 -29.19 9.76
C PRO F 107 19.95 -28.76 8.45
N CYS F 108 19.31 -27.85 7.73
CA CYS F 108 19.85 -27.39 6.45
C CYS F 108 21.01 -26.37 6.65
N PRO F 109 22.18 -26.63 6.03
CA PRO F 109 23.31 -25.72 6.26
C PRO F 109 23.11 -24.29 5.77
N ASN F 110 22.11 -24.09 4.90
CA ASN F 110 21.71 -22.77 4.43
C ASN F 110 21.05 -21.97 5.55
N SER F 111 21.70 -20.91 5.99
CA SER F 111 21.20 -20.12 7.10
C SER F 111 19.88 -19.43 6.75
N ASN F 112 19.73 -19.03 5.50
CA ASN F 112 18.54 -18.30 5.08
C ASN F 112 17.31 -19.18 4.88
N CYS F 113 17.51 -20.49 4.88
CA CYS F 113 16.48 -21.44 4.51
C CYS F 113 15.24 -21.29 5.38
N ILE F 114 14.07 -21.37 4.77
CA ILE F 114 12.81 -21.23 5.51
C ILE F 114 12.64 -22.27 6.62
N THR F 115 13.26 -23.41 6.41
CA THR F 115 13.20 -24.55 7.32
C THR F 115 13.47 -24.17 8.78
N HIS F 116 14.29 -23.17 8.99
CA HIS F 116 14.86 -22.93 10.30
C HIS F 116 13.93 -22.60 11.49
N GLY F 117 13.24 -21.49 11.50
CA GLY F 117 12.37 -21.21 12.67
C GLY F 117 11.03 -21.97 12.69
N GLU F 118 10.80 -22.82 11.70
CA GLU F 118 9.46 -23.14 11.25
C GLU F 118 9.00 -24.57 11.52
N PRO F 119 7.68 -24.75 11.65
CA PRO F 119 7.14 -26.05 12.03
C PRO F 119 7.16 -27.05 10.88
N VAL F 120 8.36 -27.31 10.33
CA VAL F 120 8.49 -28.35 9.32
C VAL F 120 9.68 -29.28 9.57
N THR F 121 9.60 -30.42 8.93
CA THR F 121 10.55 -31.50 9.06
C THR F 121 11.64 -31.26 8.02
N SER F 122 12.91 -31.33 8.41
CA SER F 122 14.00 -31.19 7.44
C SER F 122 13.98 -32.35 6.43
N SER F 123 14.49 -32.13 5.23
CA SER F 123 14.39 -33.17 4.20
C SER F 123 15.35 -32.90 3.05
N PHE F 124 16.13 -33.94 2.71
CA PHE F 124 17.08 -33.86 1.60
C PHE F 124 16.97 -35.06 0.67
N SER F 125 17.06 -34.78 -0.62
CA SER F 125 17.28 -35.84 -1.61
C SER F 125 18.78 -36.06 -1.72
N ILE F 126 19.16 -37.29 -2.01
CA ILE F 126 20.56 -37.75 -1.96
C ILE F 126 21.04 -38.06 -3.38
N LYS F 127 21.99 -37.28 -3.87
CA LYS F 127 22.41 -37.30 -5.28
C LYS F 127 23.69 -38.07 -5.45
N ASN F 132 30.90 -38.21 -5.85
CA ASN F 132 29.90 -37.14 -5.72
C ASN F 132 28.62 -37.62 -5.01
N ILE F 133 28.66 -37.60 -3.66
CA ILE F 133 27.49 -37.92 -2.81
C ILE F 133 26.90 -36.67 -2.13
N GLY F 134 25.93 -36.02 -2.79
CA GLY F 134 25.35 -34.75 -2.32
C GLY F 134 23.94 -34.78 -1.74
N LEU F 135 23.63 -33.79 -0.90
CA LEU F 135 22.30 -33.68 -0.22
C LEU F 135 21.55 -32.41 -0.62
N LYS F 136 20.36 -32.57 -1.22
CA LYS F 136 19.62 -31.43 -1.77
C LYS F 136 18.33 -31.12 -1.00
N CYS F 137 18.33 -29.94 -0.38
CA CYS F 137 17.23 -29.46 0.44
C CYS F 137 15.90 -29.43 -0.31
N LYS F 138 14.92 -30.15 0.22
CA LYS F 138 13.54 -30.14 -0.29
C LYS F 138 13.03 -28.70 -0.42
N TYR F 139 13.40 -27.86 0.54
CA TYR F 139 12.86 -26.51 0.66
C TYR F 139 13.61 -25.45 -0.15
N CYS F 140 14.80 -25.07 0.30
CA CYS F 140 15.61 -24.08 -0.42
C CYS F 140 16.19 -24.57 -1.75
N GLU F 141 16.23 -25.90 -1.94
CA GLU F 141 16.69 -26.53 -3.18
C GLU F 141 18.19 -26.37 -3.45
N LYS F 142 18.95 -25.84 -2.49
CA LYS F 142 20.41 -25.78 -2.63
C LYS F 142 20.99 -27.19 -2.41
N THR F 143 22.24 -27.39 -2.80
CA THR F 143 22.84 -28.72 -2.75
C THR F 143 24.19 -28.73 -2.02
N PHE F 144 24.30 -29.61 -1.03
CA PHE F 144 25.45 -29.66 -0.12
C PHE F 144 26.17 -31.03 -0.12
N SER F 145 27.49 -30.99 0.05
CA SER F 145 28.30 -32.20 0.15
C SER F 145 27.92 -32.94 1.42
N LYS F 146 27.80 -34.26 1.31
CA LYS F 146 27.31 -35.14 2.41
C LYS F 146 27.94 -34.82 3.77
N ASP F 147 29.19 -34.37 3.73
CA ASP F 147 29.95 -34.07 4.93
C ASP F 147 29.53 -32.74 5.55
N ILE F 148 29.32 -31.73 4.72
CA ILE F 148 28.97 -30.37 5.21
C ILE F 148 27.67 -30.40 6.02
N VAL F 149 26.78 -31.33 5.66
CA VAL F 149 25.55 -31.53 6.42
C VAL F 149 25.81 -32.07 7.85
N THR F 150 26.94 -32.76 8.05
CA THR F 150 27.33 -33.21 9.41
C THR F 150 28.58 -32.52 9.90
#